data_8G5P
#
_entry.id   8G5P
#
_cell.length_a   1.00
_cell.length_b   1.00
_cell.length_c   1.00
_cell.angle_alpha   90.00
_cell.angle_beta   90.00
_cell.angle_gamma   90.00
#
_symmetry.space_group_name_H-M   'P 1'
#
loop_
_entity.id
_entity.type
_entity.pdbx_description
1 polymer 'DNA polymerase subunit gamma-1'
2 polymer 'DNA polymerase subunit gamma-2, mitochondrial'
3 polymer 'Mismatched RNA primer'
4 polymer 'Template DNA'
#
loop_
_entity_poly.entity_id
_entity_poly.type
_entity_poly.pdbx_seq_one_letter_code
_entity_poly.pdbx_strand_id
1 'polypeptide(L)'
;MSRLLWRKVAGATVGPGPVPAPGRWVSSSVPASDPSDGQRRRQQQQQQQQQQQQQPQQPQVLSSEGGQLRHNPLDIQMLS
RGLHEQIFGQGGEMPGEAAVRRSVEHLQKHGLWGQPAVPLPDVELRLPPLYGDNLDQHFRLLAQKQSLPYLEAANLLLQA
QLPPKPPAWAWAEGWTRYGPEGEAVPVAIPEERALVFAVAVCLAEGTCPTLAVAISPSAWYSWCSQRLVEERYSWTSQLS
PADLIPLEVPTGASSPTQRDWQEQLVVGHNVSFDRAHIREQYLIQGSRMRFLDTMSMHMAISGLSSFQRSLWIAAKQGKH
KVQPPTKQGQKSQRKARRGPAISSWDWLDISSVNSLAEVHRLYVGGPPLEKEPRELFVKGTMKDIRENFQDLMQYCAQDV
WATHEVFQQQLPLFLERCPHPVTLAGMLEMGVSYLPVNQNWERYLAEAQGTYEELQREMKKSLMDLANDACQLLSGERYK
EDPWLWDLEWDLQEFKQKKAKKVKKEPATASKLPIEGAGAPGDPMDQEDLGPCSEEEEFQQDVMARACLQKLKGTTELLP
KRPQHLPGHPGWYRKLCPRLDDPAWTPGPSLLSLQMRVTPKLMALTWDGFPLHYSERHGWGYLVPGRRDNLAKLPTGTTL
ESAGVVCPYRAIESLYRKHCLEQGKQQLMPQEAGLAEEFLLTDNSAIWQTVEELDYLEVEAEAKMENLRAAVPGQPLALT
ARGGPKDTQPSYHHGNGPYNDVDIPGCWFFKLPHKDGNSCNVGSPFAKDFLPKMEDGTLQAGPGGASGPRALEINKMISF
WRNAHKRISSQMVVWLPRSALPRAVIRHPDYDEEGLYGAILPQVVTAGTITRRAVEPTWLTASNARPDRVGSELKAMVQA
PPGYTLVGADVDSQELWIAAVLGDAHFAGMHGCTAFGWMTLQGRKSRGTDLHSKTATTVGISREHAKIFNYGRIYGAGQP
FAERLLMQFNHRLTQQEAAEKAQQMYAATKGLRWYRLSDEGEWLVRELNLPVDRTEGGWISLQDLRKVQRETARKSQWKK
WEVVAERAWKGGTESEMFNKLESIATSDIPRTPVLGCCISRALEPSAVQEEFMTSRVNWVVQSSAVDYLHLMLVAMKWLF
EEFAIDGRFCISIHDEVRYLVREEDRYRAALALQITNLLTRCMFAYKLGLNDLPQSVAFFSAVDIDRCLRKEVTMDCKTP
SNPTGMERRYGIPQGEALDIYQIIELTKGSLEKRSQPGP
;
A
2 'polypeptide(L)'
;MRSRVAVRACHKVCRCLLSGFGGRVDAGQPELLTERSSPKGGHVKSHAELEGNGEHPEAPGSGEGSEALLEICQRRHFLS
GSKQQLSRDSLLSGCHPGFGPLGVELRKNLAAEWWTSVVVFREQVFPVDALHHKPGPLLPGDSAFRLVSAETLREILQDK
ELSKEQLVAFLENVLKTSGKLRENLLHGALEHYVNCLDLVNKRLPYGLAQIGVCFHPVFDTKQIRNGVKSIGEKTEASLV
WFTPPRTSNQWLDFWLRHRLQWWRKFAMSPSNFSSSDCQDEEGRKGNKLYYNFPWGKELIETLWNLGDHELLHMYPGNVS
KLHGRDGRKNVVPCVLSVNGDLDRGMLAYLYDSFQLTENSFTRKKNLHRKVLKLHPCLAPIKVALDVGRGPTLELRQVCQ
GLFNELLENGISVWPGYLETMQSSLEQLYSKYDEMSILFTVLVTETTLENGLIHLRSRDTTMKEMMHISKLKDFLIKYIS
SAKNV
;
B,C
3 'polyribonucleotide' GAAGACAGUCUGCGGCGCGCGGGG R
4 'polydeoxyribonucleotide'
;(DG)(DG)(DT)(DA)(DG)(DA)(DT)(DC)(DC)(DC)(DG)(DC)(DG)(DC)(DG)(DC)(DC)(DG)(DC)(DA)
(DG)(DA)(DC)(DT)(DG)(DT)(DC)(DT)(DT)(DC)
;
T
#
# COMPACT_ATOMS: atom_id res chain seq x y z
N MET A 78 -4.80 22.93 -54.92
CA MET A 78 -5.74 21.85 -54.52
C MET A 78 -5.79 20.74 -55.57
N LEU A 79 -6.63 19.74 -55.32
CA LEU A 79 -6.83 18.63 -56.26
C LEU A 79 -5.48 17.94 -56.46
N SER A 80 -5.26 17.36 -57.64
CA SER A 80 -4.04 16.60 -57.94
C SER A 80 -3.86 15.47 -56.92
N ARG A 81 -4.94 14.71 -56.71
CA ARG A 81 -5.01 13.63 -55.73
C ARG A 81 -4.88 14.13 -54.31
N GLY A 82 -5.14 15.42 -54.06
CA GLY A 82 -5.14 15.97 -52.74
C GLY A 82 -3.83 16.62 -52.34
N LEU A 83 -3.79 17.95 -52.37
CA LEU A 83 -2.64 18.74 -51.93
C LEU A 83 -3.14 19.88 -51.06
N HIS A 84 -2.21 20.67 -50.55
CA HIS A 84 -2.52 21.70 -49.55
C HIS A 84 -2.61 23.08 -50.20
N GLU A 85 -3.16 24.02 -49.44
CA GLU A 85 -3.24 25.42 -49.82
C GLU A 85 -2.08 26.17 -49.20
N GLN A 86 -1.38 26.97 -50.01
CA GLN A 86 -0.15 27.62 -49.60
C GLN A 86 -0.21 29.10 -49.97
N ILE A 87 0.50 29.92 -49.19
CA ILE A 87 0.66 31.35 -49.46
C ILE A 87 2.09 31.72 -49.79
N PHE A 88 3.02 30.76 -49.79
CA PHE A 88 4.42 31.01 -50.08
C PHE A 88 4.89 30.04 -51.15
N GLY A 89 5.97 30.43 -51.81
CA GLY A 89 6.56 29.63 -52.88
C GLY A 89 6.13 30.11 -54.24
N GLN A 90 6.99 29.89 -55.23
CA GLN A 90 6.70 30.32 -56.59
C GLN A 90 5.66 29.40 -57.22
N GLY A 91 5.16 29.82 -58.38
CA GLY A 91 4.20 29.03 -59.11
C GLY A 91 4.76 27.69 -59.52
N GLY A 92 5.77 27.71 -60.39
CA GLY A 92 6.44 26.50 -60.81
C GLY A 92 5.51 25.46 -61.39
N GLU A 93 5.31 24.36 -60.66
CA GLU A 93 4.34 23.33 -61.01
C GLU A 93 4.66 22.72 -62.39
N MET A 94 5.79 22.01 -62.43
CA MET A 94 6.16 21.17 -63.57
C MET A 94 6.20 19.72 -63.13
N PRO A 95 5.04 19.08 -62.95
CA PRO A 95 5.06 17.67 -62.52
C PRO A 95 5.75 16.75 -63.49
N GLY A 96 5.67 17.04 -64.79
CA GLY A 96 6.24 16.20 -65.81
C GLY A 96 5.25 15.15 -66.29
N GLU A 97 4.98 15.12 -67.59
CA GLU A 97 4.01 14.17 -68.13
C GLU A 97 4.48 12.74 -67.91
N ALA A 98 5.77 12.47 -68.15
CA ALA A 98 6.29 11.12 -67.95
C ALA A 98 6.19 10.71 -66.49
N ALA A 99 6.53 11.62 -65.57
CA ALA A 99 6.44 11.30 -64.15
C ALA A 99 5.01 11.00 -63.73
N VAL A 100 4.05 11.81 -64.20
CA VAL A 100 2.65 11.58 -63.85
C VAL A 100 2.17 10.26 -64.43
N ARG A 101 2.57 9.95 -65.67
CA ARG A 101 2.17 8.68 -66.28
C ARG A 101 2.74 7.50 -65.49
N ARG A 102 4.01 7.60 -65.10
CA ARG A 102 4.63 6.52 -64.32
C ARG A 102 3.91 6.36 -62.98
N SER A 103 3.59 7.48 -62.32
CA SER A 103 2.87 7.41 -61.05
C SER A 103 1.51 6.75 -61.22
N VAL A 104 0.79 7.12 -62.28
CA VAL A 104 -0.55 6.57 -62.49
C VAL A 104 -0.46 5.07 -62.74
N GLU A 105 0.40 4.66 -63.68
CA GLU A 105 0.51 3.24 -64.01
C GLU A 105 1.05 2.42 -62.84
N HIS A 106 1.83 3.03 -61.95
CA HIS A 106 2.23 2.34 -60.73
C HIS A 106 1.09 2.23 -59.74
N LEU A 107 0.22 3.25 -59.69
CA LEU A 107 -0.92 3.23 -58.78
C LEU A 107 -2.04 2.32 -59.25
N GLN A 108 -2.11 2.00 -60.54
CA GLN A 108 -3.11 1.03 -60.97
C GLN A 108 -2.89 -0.32 -60.30
N LYS A 109 -1.64 -0.77 -60.24
CA LYS A 109 -1.28 -1.93 -59.46
C LYS A 109 -1.12 -1.54 -57.99
N HIS A 110 -0.91 -2.53 -57.14
CA HIS A 110 -0.74 -2.33 -55.69
C HIS A 110 -2.04 -1.70 -55.19
N GLY A 111 -2.00 -0.58 -54.49
CA GLY A 111 -3.22 0.02 -53.99
C GLY A 111 -4.15 0.47 -55.10
N LEU A 112 -5.43 0.52 -54.79
CA LEU A 112 -6.42 0.95 -55.77
C LEU A 112 -6.19 2.41 -56.17
N TRP A 113 -6.52 2.71 -57.42
CA TRP A 113 -6.36 4.05 -57.96
C TRP A 113 -7.61 4.92 -57.75
N GLY A 114 -8.76 4.46 -58.24
CA GLY A 114 -9.98 5.22 -58.09
C GLY A 114 -10.39 5.36 -56.64
N GLN A 115 -10.29 6.56 -56.09
CA GLN A 115 -10.67 6.84 -54.70
C GLN A 115 -10.95 8.33 -54.57
N PRO A 116 -12.21 8.75 -54.70
CA PRO A 116 -12.52 10.18 -54.50
C PRO A 116 -12.14 10.68 -53.12
N ALA A 117 -12.24 9.84 -52.10
CA ALA A 117 -11.87 10.22 -50.74
C ALA A 117 -12.70 11.40 -50.24
N VAL A 118 -12.34 11.92 -49.07
CA VAL A 118 -13.05 13.04 -48.46
C VAL A 118 -12.06 14.20 -48.34
N PRO A 119 -12.08 15.16 -49.27
CA PRO A 119 -11.20 16.32 -49.13
C PRO A 119 -11.48 17.09 -47.85
N LEU A 120 -10.40 17.56 -47.21
CA LEU A 120 -10.52 18.26 -45.94
C LEU A 120 -10.93 19.71 -46.17
N PRO A 121 -11.47 20.37 -45.15
CA PRO A 121 -11.82 21.80 -45.31
C PRO A 121 -10.59 22.64 -45.62
N ASP A 122 -10.79 23.65 -46.46
CA ASP A 122 -9.72 24.59 -46.76
C ASP A 122 -9.49 25.52 -45.57
N VAL A 123 -8.23 25.83 -45.32
CA VAL A 123 -7.83 26.67 -44.20
C VAL A 123 -7.04 27.85 -44.76
N GLU A 124 -7.44 29.06 -44.38
CA GLU A 124 -6.75 30.29 -44.74
C GLU A 124 -6.15 30.90 -43.48
N LEU A 125 -4.85 31.16 -43.51
CA LEU A 125 -4.12 31.65 -42.36
C LEU A 125 -3.11 32.71 -42.80
N ARG A 126 -2.71 33.54 -41.85
CA ARG A 126 -1.80 34.66 -42.09
C ARG A 126 -0.51 34.37 -41.32
N LEU A 127 0.41 33.68 -41.99
CA LEU A 127 1.69 33.38 -41.39
C LEU A 127 2.51 34.66 -41.25
N PRO A 128 3.50 34.67 -40.35
CA PRO A 128 4.30 35.87 -40.18
C PRO A 128 5.34 35.99 -41.26
N PRO A 129 5.94 37.17 -41.43
CA PRO A 129 6.81 37.40 -42.59
C PRO A 129 8.03 36.48 -42.56
N LEU A 130 8.24 35.78 -43.67
CA LEU A 130 9.40 34.94 -43.82
C LEU A 130 10.61 35.77 -44.25
N TYR A 131 11.79 35.18 -44.13
CA TYR A 131 13.05 35.85 -44.42
C TYR A 131 13.75 35.16 -45.57
N GLY A 132 14.33 35.95 -46.46
CA GLY A 132 15.00 35.42 -47.63
C GLY A 132 14.04 35.10 -48.75
N ASP A 133 14.60 34.56 -49.84
CA ASP A 133 13.81 34.21 -51.01
C ASP A 133 13.08 32.89 -50.84
N ASN A 134 13.46 32.08 -49.86
CA ASN A 134 12.85 30.78 -49.62
C ASN A 134 12.58 30.66 -48.12
N LEU A 135 12.08 29.48 -47.71
CA LEU A 135 11.98 29.17 -46.30
C LEU A 135 13.25 28.51 -45.77
N ASP A 136 14.07 27.93 -46.64
CA ASP A 136 15.38 27.43 -46.20
C ASP A 136 16.24 28.58 -45.68
N GLN A 137 16.29 29.68 -46.42
CA GLN A 137 17.02 30.85 -45.95
C GLN A 137 16.38 31.41 -44.70
N HIS A 138 15.06 31.35 -44.59
CA HIS A 138 14.38 31.79 -43.38
C HIS A 138 14.86 31.01 -42.17
N PHE A 139 14.86 29.68 -42.27
CA PHE A 139 15.31 28.86 -41.15
C PHE A 139 16.79 29.06 -40.87
N ARG A 140 17.59 29.26 -41.92
CA ARG A 140 19.02 29.53 -41.71
C ARG A 140 19.20 30.81 -40.91
N LEU A 141 18.49 31.86 -41.28
CA LEU A 141 18.62 33.13 -40.56
C LEU A 141 18.14 32.99 -39.12
N LEU A 142 17.05 32.24 -38.91
CA LEU A 142 16.57 32.01 -37.55
C LEU A 142 17.63 31.29 -36.72
N ALA A 143 18.25 30.26 -37.30
CA ALA A 143 19.26 29.51 -36.56
C ALA A 143 20.48 30.38 -36.24
N GLN A 144 20.93 31.19 -37.20
CA GLN A 144 22.05 32.09 -36.92
C GLN A 144 21.69 33.10 -35.84
N LYS A 145 20.48 33.66 -35.90
CA LYS A 145 20.07 34.62 -34.88
C LYS A 145 20.02 33.98 -33.51
N GLN A 146 19.57 32.73 -33.43
CA GLN A 146 19.51 32.04 -32.14
C GLN A 146 20.90 31.68 -31.63
N SER A 147 21.83 31.33 -32.52
CA SER A 147 23.10 30.74 -32.11
C SER A 147 24.24 31.74 -32.01
N LEU A 148 24.10 32.96 -32.54
CA LEU A 148 25.21 33.90 -32.54
C LEU A 148 25.68 34.26 -31.14
N PRO A 149 24.81 34.62 -30.18
CA PRO A 149 25.31 35.02 -28.85
C PRO A 149 26.07 33.92 -28.14
N TYR A 150 25.82 32.66 -28.47
CA TYR A 150 26.53 31.54 -27.88
C TYR A 150 27.66 31.03 -28.77
N LEU A 151 27.54 31.19 -30.09
CA LEU A 151 28.66 30.86 -30.96
C LEU A 151 29.84 31.79 -30.70
N GLU A 152 29.57 33.06 -30.41
CA GLU A 152 30.67 33.97 -30.07
C GLU A 152 31.37 33.52 -28.80
N ALA A 153 30.62 33.07 -27.80
CA ALA A 153 31.23 32.57 -26.58
C ALA A 153 32.04 31.31 -26.84
N ALA A 154 31.52 30.40 -27.67
CA ALA A 154 32.27 29.19 -28.00
C ALA A 154 33.57 29.53 -28.72
N ASN A 155 33.52 30.49 -29.65
CA ASN A 155 34.74 30.91 -30.33
C ASN A 155 35.72 31.56 -29.36
N LEU A 156 35.21 32.33 -28.41
CA LEU A 156 36.09 32.92 -27.39
C LEU A 156 36.79 31.82 -26.60
N LEU A 157 36.06 30.78 -26.22
CA LEU A 157 36.69 29.68 -25.49
C LEU A 157 37.66 28.91 -26.38
N LEU A 158 37.42 28.87 -27.69
CA LEU A 158 38.28 28.10 -28.58
C LEU A 158 39.69 28.67 -28.62
N GLN A 159 39.81 30.00 -28.71
CA GLN A 159 41.10 30.67 -28.85
C GLN A 159 41.63 31.20 -27.53
N ALA A 160 40.97 30.93 -26.41
CA ALA A 160 41.42 31.43 -25.13
C ALA A 160 42.74 30.76 -24.72
N GLN A 161 43.56 31.52 -24.03
CA GLN A 161 44.84 31.03 -23.51
C GLN A 161 44.69 30.72 -22.03
N LEU A 162 45.05 29.49 -21.66
CA LEU A 162 44.84 29.01 -20.30
C LEU A 162 46.07 29.33 -19.45
N PRO A 163 45.93 30.04 -18.33
CA PRO A 163 47.09 30.25 -17.45
C PRO A 163 47.42 28.97 -16.71
N PRO A 164 48.60 28.89 -16.09
CA PRO A 164 48.97 27.67 -15.36
C PRO A 164 48.04 27.42 -14.18
N LYS A 165 47.88 26.14 -13.84
CA LYS A 165 47.01 25.77 -12.75
C LYS A 165 47.56 26.32 -11.43
N PRO A 166 46.69 26.67 -10.48
CA PRO A 166 47.18 27.23 -9.22
C PRO A 166 47.93 26.18 -8.42
N PRO A 167 48.91 26.58 -7.60
CA PRO A 167 49.65 25.57 -6.86
C PRO A 167 48.85 24.95 -5.72
N ALA A 168 48.13 25.77 -4.95
CA ALA A 168 47.36 25.32 -3.80
C ALA A 168 45.92 25.78 -3.95
N TRP A 169 44.98 24.85 -3.77
CA TRP A 169 43.57 25.15 -3.85
C TRP A 169 43.06 25.67 -2.52
N ALA A 170 42.25 26.72 -2.57
CA ALA A 170 41.79 27.38 -1.36
C ALA A 170 40.76 26.53 -0.62
N TRP A 171 40.53 26.88 0.64
CA TRP A 171 39.57 26.21 1.50
C TRP A 171 38.40 27.11 1.92
N ALA A 172 38.48 28.41 1.68
CA ALA A 172 37.43 29.32 2.11
C ALA A 172 36.13 29.02 1.37
N GLU A 173 35.01 29.29 2.04
CA GLU A 173 33.70 29.06 1.46
C GLU A 173 33.44 30.04 0.32
N GLY A 174 32.53 29.67 -0.57
CA GLY A 174 32.16 30.51 -1.69
C GLY A 174 33.03 30.27 -2.90
N TRP A 175 33.03 31.26 -3.79
CA TRP A 175 33.79 31.20 -5.03
C TRP A 175 35.11 31.93 -4.84
N THR A 176 36.21 31.29 -5.26
CA THR A 176 37.54 31.87 -5.18
C THR A 176 38.17 31.89 -6.56
N ARG A 177 38.64 33.07 -6.97
CA ARG A 177 39.30 33.25 -8.26
C ARG A 177 40.81 33.13 -8.06
N TYR A 178 41.45 32.40 -8.97
CA TYR A 178 42.90 32.17 -8.91
C TYR A 178 43.56 32.91 -10.05
N GLY A 179 43.97 34.16 -9.77
CA GLY A 179 44.71 34.94 -10.72
C GLY A 179 46.17 34.53 -10.75
N PRO A 180 46.96 35.24 -11.56
CA PRO A 180 48.31 34.78 -11.85
C PRO A 180 49.18 34.75 -10.60
N GLU A 181 50.16 33.84 -10.61
CA GLU A 181 50.96 33.51 -9.44
C GLU A 181 50.14 32.83 -8.35
N GLY A 182 49.04 32.20 -8.72
CA GLY A 182 48.18 31.54 -7.75
C GLY A 182 47.59 32.49 -6.72
N GLU A 183 47.13 33.66 -7.16
CA GLU A 183 46.58 34.66 -6.26
C GLU A 183 45.11 34.34 -6.01
N ALA A 184 44.77 33.95 -4.78
CA ALA A 184 43.41 33.57 -4.43
C ALA A 184 42.66 34.79 -3.93
N VAL A 185 41.54 35.10 -4.56
CA VAL A 185 40.70 36.25 -4.18
C VAL A 185 39.26 35.76 -4.02
N PRO A 186 38.58 36.02 -2.91
CA PRO A 186 37.17 35.60 -2.79
C PRO A 186 36.26 36.53 -3.58
N VAL A 187 35.34 35.94 -4.34
CA VAL A 187 34.35 36.68 -5.11
C VAL A 187 32.98 36.03 -4.93
N ALA A 188 31.94 36.82 -5.17
CA ALA A 188 30.58 36.31 -5.03
C ALA A 188 30.25 35.32 -6.14
N ILE A 189 30.36 35.77 -7.39
CA ILE A 189 30.14 34.90 -8.55
C ILE A 189 31.16 35.26 -9.62
N PRO A 190 31.43 34.34 -10.56
CA PRO A 190 32.30 34.70 -11.69
C PRO A 190 31.55 35.52 -12.72
N GLU A 191 32.15 36.63 -13.15
CA GLU A 191 31.65 37.42 -14.28
C GLU A 191 32.38 36.97 -15.54
N GLU A 192 31.86 35.90 -16.14
CA GLU A 192 32.43 35.34 -17.36
C GLU A 192 31.31 34.96 -18.32
N ARG A 193 31.56 35.19 -19.61
CA ARG A 193 30.61 34.85 -20.66
C ARG A 193 30.74 33.42 -21.14
N ALA A 194 31.80 32.71 -20.75
CA ALA A 194 32.03 31.36 -21.25
C ALA A 194 32.99 30.65 -20.32
N LEU A 195 32.73 29.37 -20.07
CA LEU A 195 33.56 28.59 -19.16
C LEU A 195 33.32 27.11 -19.40
N VAL A 196 34.22 26.29 -18.85
CA VAL A 196 34.04 24.85 -18.74
C VAL A 196 33.85 24.53 -17.27
N PHE A 197 32.78 23.80 -16.95
CA PHE A 197 32.37 23.55 -15.58
C PHE A 197 32.42 22.06 -15.28
N ALA A 198 32.72 21.75 -14.01
CA ALA A 198 32.69 20.38 -13.54
C ALA A 198 32.35 20.39 -12.06
N VAL A 199 31.42 19.53 -11.65
CA VAL A 199 30.96 19.44 -10.28
C VAL A 199 31.05 17.99 -9.82
N ALA A 200 31.55 17.77 -8.61
CA ALA A 200 31.66 16.46 -8.01
C ALA A 200 30.76 16.37 -6.79
N VAL A 201 30.24 15.17 -6.54
CA VAL A 201 29.33 14.90 -5.43
C VAL A 201 29.87 13.73 -4.63
N CYS A 202 29.55 13.73 -3.34
CA CYS A 202 29.84 12.62 -2.44
C CYS A 202 28.53 11.93 -2.10
N LEU A 203 28.44 10.63 -2.40
CA LEU A 203 27.18 9.91 -2.23
C LEU A 203 26.81 9.71 -0.77
N ALA A 204 27.75 9.89 0.16
CA ALA A 204 27.46 9.65 1.58
C ALA A 204 26.38 10.60 2.08
N GLU A 205 26.58 11.91 1.87
CA GLU A 205 25.60 12.92 2.27
C GLU A 205 24.65 13.25 1.12
N GLY A 206 24.09 12.20 0.51
CA GLY A 206 23.17 12.41 -0.59
C GLY A 206 23.89 12.82 -1.86
N THR A 207 23.20 13.64 -2.67
CA THR A 207 23.70 14.07 -3.97
C THR A 207 24.09 15.55 -3.96
N CYS A 208 24.25 16.15 -2.78
CA CYS A 208 24.65 17.55 -2.71
C CYS A 208 26.07 17.70 -3.27
N PRO A 209 26.35 18.75 -4.04
CA PRO A 209 27.72 18.94 -4.54
C PRO A 209 28.69 19.22 -3.42
N THR A 210 29.95 18.82 -3.63
CA THR A 210 31.02 19.00 -2.66
C THR A 210 32.15 19.89 -3.12
N LEU A 211 32.46 19.90 -4.42
CA LEU A 211 33.56 20.70 -4.92
C LEU A 211 33.37 20.92 -6.42
N ALA A 212 33.88 22.06 -6.90
CA ALA A 212 33.77 22.41 -8.31
C ALA A 212 34.95 23.28 -8.71
N VAL A 213 35.45 23.04 -9.91
CA VAL A 213 36.52 23.85 -10.49
C VAL A 213 36.13 24.21 -11.92
N ALA A 214 36.34 25.48 -12.28
CA ALA A 214 35.97 25.99 -13.59
C ALA A 214 37.11 26.83 -14.14
N ILE A 215 37.15 26.95 -15.47
CA ILE A 215 38.16 27.73 -16.16
C ILE A 215 37.50 28.65 -17.16
N SER A 216 38.18 29.75 -17.48
CA SER A 216 37.65 30.78 -18.36
C SER A 216 38.84 31.45 -19.03
N PRO A 217 38.59 32.28 -20.05
CA PRO A 217 39.70 33.00 -20.68
C PRO A 217 40.43 33.93 -19.72
N SER A 218 39.80 34.34 -18.63
CA SER A 218 40.45 35.24 -17.67
C SER A 218 41.34 34.47 -16.71
N ALA A 219 40.76 33.58 -15.91
CA ALA A 219 41.52 32.83 -14.92
C ALA A 219 40.68 31.64 -14.46
N TRP A 220 41.14 30.97 -13.39
CA TRP A 220 40.49 29.79 -12.85
C TRP A 220 39.61 30.16 -11.66
N TYR A 221 38.64 29.31 -11.37
CA TYR A 221 37.70 29.51 -10.28
C TYR A 221 37.49 28.20 -9.54
N SER A 222 37.30 28.30 -8.22
CA SER A 222 37.11 27.14 -7.35
C SER A 222 35.94 27.39 -6.41
N TRP A 223 35.28 26.31 -6.03
CA TRP A 223 34.12 26.34 -5.14
C TRP A 223 34.17 25.11 -4.25
N CYS A 224 34.13 25.32 -2.93
CA CYS A 224 34.32 24.26 -1.96
C CYS A 224 33.01 23.73 -1.36
N SER A 225 31.87 24.22 -1.81
CA SER A 225 30.53 23.75 -1.45
C SER A 225 30.11 24.13 -0.03
N GLN A 226 30.94 24.85 0.72
CA GLN A 226 30.60 25.33 2.09
C GLN A 226 30.29 24.17 3.04
N ARG A 227 30.73 22.94 2.71
CA ARG A 227 30.41 21.73 3.51
C ARG A 227 31.39 21.63 4.67
N LEU A 228 32.36 22.55 4.77
CA LEU A 228 33.39 22.55 5.85
C LEU A 228 32.71 22.63 7.22
N VAL A 229 31.62 23.39 7.34
CA VAL A 229 30.88 23.56 8.63
C VAL A 229 30.18 22.24 8.98
N GLU A 230 30.05 21.92 10.26
CA GLU A 230 29.33 20.71 10.73
C GLU A 230 27.91 21.12 11.10
N GLU A 231 27.00 21.22 10.13
CA GLU A 231 25.63 21.67 10.33
C GLU A 231 24.66 20.71 9.66
N ARG A 232 23.53 20.47 10.30
CA ARG A 232 22.52 19.55 9.79
C ARG A 232 21.46 20.32 9.02
N TYR A 233 21.12 19.84 7.83
CA TYR A 233 20.11 20.47 6.99
C TYR A 233 19.05 19.46 6.56
N SER A 234 19.45 18.21 6.39
CA SER A 234 18.52 17.13 6.06
C SER A 234 17.82 17.37 4.73
N TRP A 235 18.59 17.75 3.71
CA TRP A 235 18.08 17.95 2.36
C TRP A 235 16.95 18.98 2.35
N THR A 236 16.21 19.07 1.24
CA THR A 236 15.10 20.01 1.09
C THR A 236 15.61 21.46 1.18
N SER A 237 16.51 21.79 0.25
CA SER A 237 17.06 23.13 0.17
C SER A 237 17.46 23.42 -1.27
N GLN A 238 17.49 24.71 -1.61
CA GLN A 238 17.88 25.16 -2.94
C GLN A 238 19.19 25.94 -2.96
N LEU A 239 19.68 26.39 -1.80
CA LEU A 239 20.96 27.08 -1.72
C LEU A 239 22.14 26.13 -1.80
N SER A 240 21.92 24.83 -1.65
CA SER A 240 23.03 23.87 -1.68
C SER A 240 23.83 23.91 -2.96
N PRO A 241 23.23 23.85 -4.17
CA PRO A 241 24.04 23.87 -5.39
C PRO A 241 24.77 25.19 -5.60
N ALA A 242 25.57 25.25 -6.66
CA ALA A 242 26.47 26.37 -6.91
C ALA A 242 25.68 27.57 -7.43
N ASP A 243 26.38 28.57 -7.94
CA ASP A 243 25.77 29.74 -8.54
C ASP A 243 26.62 30.21 -9.71
N LEU A 244 25.99 30.38 -10.87
CA LEU A 244 26.73 30.74 -12.08
C LEU A 244 26.04 31.75 -12.97
N ILE A 245 24.83 32.21 -12.63
CA ILE A 245 24.07 33.12 -13.47
C ILE A 245 24.15 34.51 -12.85
N PRO A 246 24.83 35.48 -13.48
CA PRO A 246 24.81 36.84 -12.94
C PRO A 246 23.41 37.44 -12.99
N LEU A 247 23.14 38.33 -12.04
CA LEU A 247 21.83 38.98 -11.97
C LEU A 247 21.68 40.05 -13.06
N GLU A 248 22.78 40.72 -13.42
CA GLU A 248 22.77 41.72 -14.48
C GLU A 248 21.77 42.84 -14.20
N VAL A 249 21.71 43.26 -12.94
CA VAL A 249 20.83 44.35 -12.54
C VAL A 249 21.57 45.67 -12.69
N GLN A 262 24.90 38.28 -20.33
CA GLN A 262 23.68 38.28 -21.13
C GLN A 262 23.56 37.01 -21.99
N GLU A 263 24.67 36.28 -22.13
CA GLU A 263 24.70 35.08 -22.96
C GLU A 263 24.91 33.82 -22.12
N GLN A 264 25.99 33.76 -21.34
CA GLN A 264 26.22 32.70 -20.37
C GLN A 264 26.22 31.31 -21.02
N LEU A 265 27.23 31.10 -21.86
CA LEU A 265 27.51 29.78 -22.40
C LEU A 265 28.23 28.94 -21.36
N VAL A 266 27.84 27.67 -21.25
CA VAL A 266 28.47 26.73 -20.33
C VAL A 266 28.77 25.45 -21.10
N VAL A 267 29.99 24.94 -20.97
CA VAL A 267 30.43 23.73 -21.65
C VAL A 267 30.92 22.75 -20.59
N GLY A 268 30.92 21.48 -20.95
CA GLY A 268 31.43 20.45 -20.05
C GLY A 268 31.16 19.07 -20.60
N HIS A 269 31.58 18.08 -19.82
CA HIS A 269 31.31 16.67 -20.09
C HIS A 269 30.23 16.20 -19.14
N ASN A 270 29.17 15.61 -19.69
CA ASN A 270 27.95 15.33 -18.93
C ASN A 270 27.48 16.62 -18.25
N VAL A 271 27.40 17.69 -19.04
CA VAL A 271 27.03 19.00 -18.52
C VAL A 271 25.63 19.01 -17.94
N SER A 272 24.80 18.03 -18.30
CA SER A 272 23.48 17.95 -17.68
C SER A 272 23.60 17.69 -16.19
N PHE A 273 24.49 16.76 -15.81
CA PHE A 273 24.72 16.49 -14.39
C PHE A 273 25.24 17.73 -13.68
N ASP A 274 26.14 18.47 -14.33
CA ASP A 274 26.67 19.68 -13.72
C ASP A 274 25.58 20.73 -13.53
N ARG A 275 24.77 20.94 -14.57
CA ARG A 275 23.72 21.95 -14.50
C ARG A 275 22.66 21.57 -13.49
N ALA A 276 22.64 20.32 -13.04
CA ALA A 276 21.76 19.91 -11.92
C ALA A 276 22.27 20.57 -10.64
N HIS A 277 23.57 20.90 -10.56
CA HIS A 277 24.19 21.49 -9.35
C HIS A 277 24.65 22.92 -9.63
N ILE A 278 23.91 23.67 -10.45
CA ILE A 278 24.28 25.08 -10.83
C ILE A 278 23.29 26.03 -10.19
N ARG A 279 22.03 25.61 -9.96
CA ARG A 279 20.99 26.43 -9.30
C ARG A 279 20.45 27.44 -10.32
N GLU A 280 19.28 28.04 -10.06
CA GLU A 280 18.67 29.06 -10.95
C GLU A 280 18.22 28.41 -12.26
N GLN A 281 18.44 27.10 -12.45
CA GLN A 281 17.97 26.33 -13.65
C GLN A 281 16.69 25.65 -13.20
N TYR A 282 16.46 25.54 -11.88
CA TYR A 282 15.23 25.01 -11.31
C TYR A 282 14.15 26.09 -11.17
N LEU A 283 14.48 27.34 -11.43
CA LEU A 283 13.49 28.40 -11.37
C LEU A 283 12.44 28.21 -12.45
N ILE A 284 11.17 28.52 -12.11
CA ILE A 284 10.10 28.41 -13.09
C ILE A 284 10.32 29.39 -14.23
N GLN A 285 11.10 30.45 -14.01
CA GLN A 285 11.35 31.43 -15.05
C GLN A 285 12.47 30.95 -15.95
N GLY A 286 12.39 31.28 -17.23
CA GLY A 286 13.45 30.93 -18.15
C GLY A 286 14.72 31.73 -17.89
N SER A 287 15.82 31.21 -18.40
CA SER A 287 17.12 31.85 -18.25
C SER A 287 17.85 31.82 -19.59
N ARG A 288 18.76 32.77 -19.78
CA ARG A 288 19.48 32.93 -21.03
C ARG A 288 20.72 32.05 -21.11
N MET A 289 21.03 31.29 -20.06
CA MET A 289 22.19 30.40 -20.08
C MET A 289 21.84 29.12 -20.83
N ARG A 290 22.75 28.69 -21.71
CA ARG A 290 22.59 27.46 -22.47
C ARG A 290 23.82 26.60 -22.29
N PHE A 291 23.62 25.28 -22.37
CA PHE A 291 24.64 24.30 -22.03
C PHE A 291 25.00 23.46 -23.24
N LEU A 292 26.28 23.20 -23.40
CA LEU A 292 26.80 22.32 -24.44
C LEU A 292 27.52 21.14 -23.79
N ASP A 293 27.22 19.95 -24.27
CA ASP A 293 27.78 18.70 -23.72
C ASP A 293 28.67 18.06 -24.76
N THR A 294 29.97 18.00 -24.47
CA THR A 294 31.01 17.44 -25.39
C THR A 294 30.63 16.01 -25.76
N MET A 295 29.80 15.35 -24.95
CA MET A 295 29.31 13.98 -25.25
C MET A 295 28.40 14.04 -26.50
N SER A 296 27.63 15.11 -26.67
CA SER A 296 26.67 15.25 -27.80
C SER A 296 27.43 15.65 -29.06
N MET A 297 28.61 16.28 -28.93
CA MET A 297 29.48 16.61 -30.07
C MET A 297 30.29 15.35 -30.38
N HIS A 298 30.50 14.50 -29.38
CA HIS A 298 31.22 13.20 -29.52
C HIS A 298 30.31 12.16 -30.18
N MET A 299 29.03 12.13 -29.82
CA MET A 299 28.06 11.19 -30.46
C MET A 299 27.84 11.61 -31.91
N ALA A 300 27.70 12.92 -32.16
CA ALA A 300 27.47 13.46 -33.53
C ALA A 300 28.71 13.22 -34.40
N ILE A 301 29.91 13.39 -33.83
CA ILE A 301 31.20 13.25 -34.58
C ILE A 301 31.81 11.89 -34.22
N SER A 302 31.88 10.94 -35.16
CA SER A 302 32.52 9.64 -34.96
C SER A 302 31.98 8.94 -33.74
N GLY A 303 30.65 8.81 -33.70
CA GLY A 303 30.01 8.05 -32.63
C GLY A 303 30.20 6.56 -32.81
N LEU A 304 29.91 5.83 -31.73
CA LEU A 304 30.08 4.38 -31.68
C LEU A 304 28.72 3.71 -31.65
N SER A 305 28.55 2.69 -32.48
CA SER A 305 27.31 1.93 -32.53
C SER A 305 27.22 0.96 -31.35
N SER A 306 26.01 0.48 -31.10
CA SER A 306 25.81 -0.48 -30.02
C SER A 306 26.45 -1.83 -30.36
N PHE A 307 26.21 -2.33 -31.57
CA PHE A 307 26.84 -3.59 -31.98
C PHE A 307 28.34 -3.44 -32.05
N GLN A 308 28.82 -2.32 -32.58
CA GLN A 308 30.26 -2.10 -32.69
C GLN A 308 30.94 -1.96 -31.34
N ARG A 309 30.18 -1.65 -30.28
CA ARG A 309 30.78 -1.50 -28.96
C ARG A 309 31.34 -2.83 -28.45
N SER A 310 30.67 -3.94 -28.76
CA SER A 310 31.13 -5.23 -28.26
C SER A 310 32.45 -5.63 -28.89
N LEU A 311 32.72 -5.19 -30.11
CA LEU A 311 34.00 -5.45 -30.75
C LEU A 311 35.04 -4.39 -30.41
N TRP A 312 34.61 -3.16 -30.13
CA TRP A 312 35.55 -2.13 -29.70
C TRP A 312 36.15 -2.49 -28.34
N ILE A 313 35.31 -2.97 -27.42
CA ILE A 313 35.83 -3.42 -26.13
C ILE A 313 36.64 -4.70 -26.29
N ALA A 314 36.18 -5.60 -27.16
CA ALA A 314 36.87 -6.88 -27.35
C ALA A 314 38.27 -6.70 -27.92
N ALA A 315 38.54 -5.58 -28.59
CA ALA A 315 39.84 -5.30 -29.20
C ALA A 315 40.35 -3.94 -28.75
N LYS A 316 40.28 -3.68 -27.44
CA LYS A 316 40.76 -2.43 -26.88
C LYS A 316 42.27 -2.37 -27.06
N PRO A 340 29.94 -16.79 -39.50
CA PRO A 340 30.25 -15.66 -40.35
C PRO A 340 30.69 -14.46 -39.50
N ALA A 341 31.86 -14.58 -38.88
CA ALA A 341 32.41 -13.54 -38.01
C ALA A 341 33.43 -12.67 -38.73
N ILE A 342 33.59 -12.82 -40.04
CA ILE A 342 34.56 -12.02 -40.78
C ILE A 342 34.02 -10.59 -40.92
N SER A 343 34.86 -9.62 -40.60
CA SER A 343 34.49 -8.21 -40.71
C SER A 343 35.74 -7.37 -40.76
N SER A 344 35.58 -6.13 -41.22
CA SER A 344 36.68 -5.20 -41.28
C SER A 344 37.01 -4.67 -39.88
N TRP A 345 38.26 -4.24 -39.71
CA TRP A 345 38.78 -3.74 -38.44
C TRP A 345 39.48 -2.41 -38.62
N ASP A 346 38.95 -1.56 -39.50
CA ASP A 346 39.52 -0.25 -39.76
C ASP A 346 38.80 0.86 -39.00
N TRP A 347 37.77 0.53 -38.21
CA TRP A 347 36.93 1.53 -37.56
C TRP A 347 37.26 1.74 -36.09
N LEU A 348 38.20 0.98 -35.53
CA LEU A 348 38.51 1.08 -34.11
C LEU A 348 39.45 2.24 -33.79
N ASP A 349 40.09 2.85 -34.79
CA ASP A 349 41.00 3.96 -34.57
C ASP A 349 40.32 5.31 -34.63
N ILE A 350 38.99 5.35 -34.80
CA ILE A 350 38.26 6.61 -34.98
C ILE A 350 37.09 6.73 -34.00
N SER A 351 36.81 5.71 -33.19
CA SER A 351 35.66 5.71 -32.30
C SER A 351 36.09 5.41 -30.87
N SER A 352 35.35 5.98 -29.93
CA SER A 352 35.55 5.77 -28.50
C SER A 352 34.25 5.26 -27.88
N VAL A 353 34.26 5.09 -26.55
CA VAL A 353 33.13 4.53 -25.82
C VAL A 353 32.53 5.56 -24.88
N ASN A 354 32.64 6.84 -25.23
CA ASN A 354 32.00 7.96 -24.55
C ASN A 354 32.62 8.28 -23.20
N SER A 355 33.58 7.50 -22.72
CA SER A 355 34.25 7.85 -21.48
C SER A 355 35.20 9.03 -21.69
N LEU A 356 35.39 9.81 -20.62
CA LEU A 356 36.22 11.01 -20.74
C LEU A 356 37.65 10.65 -21.14
N ALA A 357 38.21 9.61 -20.53
CA ALA A 357 39.60 9.25 -20.82
C ALA A 357 39.76 8.80 -22.27
N GLU A 358 38.91 7.88 -22.71
CA GLU A 358 39.03 7.37 -24.08
C GLU A 358 38.78 8.48 -25.10
N VAL A 359 37.78 9.32 -24.85
CA VAL A 359 37.47 10.41 -25.78
C VAL A 359 38.64 11.39 -25.86
N HIS A 360 39.22 11.74 -24.71
CA HIS A 360 40.36 12.65 -24.71
C HIS A 360 41.54 12.02 -25.45
N ARG A 361 41.79 10.73 -25.23
CA ARG A 361 42.89 10.06 -25.92
C ARG A 361 42.67 10.06 -27.43
N LEU A 362 41.44 9.77 -27.87
CA LEU A 362 41.18 9.70 -29.31
C LEU A 362 41.26 11.08 -29.95
N TYR A 363 40.63 12.07 -29.34
CA TYR A 363 40.48 13.37 -29.98
C TYR A 363 41.62 14.33 -29.65
N VAL A 364 42.29 14.15 -28.53
CA VAL A 364 43.40 15.01 -28.11
C VAL A 364 44.65 14.15 -27.98
N GLY A 365 45.74 14.59 -28.61
CA GLY A 365 47.00 13.88 -28.53
C GLY A 365 47.76 14.18 -27.25
N GLY A 366 47.85 13.19 -26.37
CA GLY A 366 48.53 13.36 -25.11
C GLY A 366 48.54 12.07 -24.30
N PRO A 367 49.13 12.13 -23.10
CA PRO A 367 49.18 10.92 -22.27
C PRO A 367 47.78 10.54 -21.81
N PRO A 368 47.53 9.26 -21.55
CA PRO A 368 46.22 8.87 -21.02
C PRO A 368 45.96 9.53 -19.67
N LEU A 369 44.70 9.91 -19.45
CA LEU A 369 44.31 10.54 -18.20
C LEU A 369 44.23 9.51 -17.09
N GLU A 370 44.92 9.77 -15.99
CA GLU A 370 44.91 8.86 -14.86
C GLU A 370 43.58 8.92 -14.12
N LYS A 371 43.21 7.81 -13.52
CA LYS A 371 41.97 7.68 -12.76
C LYS A 371 42.29 7.50 -11.28
N GLU A 372 41.52 8.16 -10.44
CA GLU A 372 41.75 8.08 -9.00
C GLU A 372 41.40 6.69 -8.50
N PRO A 373 42.32 5.94 -7.89
CA PRO A 373 41.96 4.56 -7.50
C PRO A 373 41.06 4.47 -6.27
N ARG A 374 41.20 5.37 -5.30
CA ARG A 374 40.40 5.27 -4.08
C ARG A 374 38.91 5.43 -4.38
N GLU A 375 38.57 6.37 -5.27
CA GLU A 375 37.18 6.64 -5.63
C GLU A 375 36.36 6.99 -4.39
N LEU A 376 36.84 7.98 -3.64
CA LEU A 376 36.18 8.39 -2.40
C LEU A 376 34.79 8.97 -2.64
N PHE A 377 34.50 9.42 -3.86
CA PHE A 377 33.21 10.06 -4.13
C PHE A 377 32.07 9.04 -4.06
N VAL A 378 32.24 7.89 -4.70
CA VAL A 378 31.17 6.89 -4.74
C VAL A 378 31.14 6.07 -3.45
N LYS A 379 32.32 5.81 -2.87
CA LYS A 379 32.42 5.07 -1.60
C LYS A 379 33.40 5.82 -0.71
N GLY A 380 32.86 6.53 0.27
CA GLY A 380 33.68 7.31 1.16
C GLY A 380 32.81 8.16 2.08
N THR A 381 33.47 9.06 2.80
CA THR A 381 32.79 9.98 3.71
C THR A 381 33.41 11.36 3.56
N MET A 382 32.71 12.37 4.10
CA MET A 382 33.19 13.75 3.99
C MET A 382 34.53 13.93 4.67
N LYS A 383 34.82 13.14 5.72
CA LYS A 383 36.12 13.22 6.37
C LYS A 383 37.22 12.82 5.39
N ASP A 384 36.98 11.77 4.60
CA ASP A 384 37.97 11.36 3.59
C ASP A 384 38.16 12.46 2.56
N ILE A 385 37.08 13.14 2.17
CA ILE A 385 37.18 14.23 1.20
C ILE A 385 38.02 15.36 1.79
N ARG A 386 37.81 15.69 3.06
CA ARG A 386 38.62 16.71 3.70
C ARG A 386 40.09 16.30 3.74
N GLU A 387 40.35 15.03 4.06
CA GLU A 387 41.74 14.55 4.08
C GLU A 387 42.35 14.55 2.68
N ASN A 388 41.56 14.18 1.67
CA ASN A 388 42.02 14.08 0.29
C ASN A 388 41.54 15.26 -0.54
N PHE A 389 41.55 16.46 0.02
CA PHE A 389 41.08 17.63 -0.69
C PHE A 389 41.96 17.93 -1.90
N GLN A 390 43.28 17.93 -1.72
CA GLN A 390 44.18 18.39 -2.76
C GLN A 390 44.19 17.47 -3.97
N ASP A 391 44.35 16.17 -3.74
CA ASP A 391 44.43 15.24 -4.86
C ASP A 391 43.12 15.19 -5.64
N LEU A 392 41.99 15.22 -4.94
CA LEU A 392 40.70 15.22 -5.62
C LEU A 392 40.50 16.51 -6.41
N MET A 393 40.91 17.64 -5.85
CA MET A 393 40.83 18.90 -6.61
C MET A 393 41.70 18.84 -7.86
N GLN A 394 42.89 18.26 -7.74
CA GLN A 394 43.77 18.13 -8.90
C GLN A 394 43.15 17.23 -9.95
N TYR A 395 42.52 16.13 -9.53
CA TYR A 395 41.86 15.26 -10.50
C TYR A 395 40.71 15.97 -11.20
N CYS A 396 39.92 16.75 -10.44
CA CYS A 396 38.83 17.49 -11.06
C CYS A 396 39.35 18.52 -12.05
N ALA A 397 40.43 19.22 -11.69
CA ALA A 397 41.03 20.19 -12.61
C ALA A 397 41.56 19.49 -13.85
N GLN A 398 42.15 18.30 -13.69
CA GLN A 398 42.63 17.54 -14.84
C GLN A 398 41.47 17.17 -15.76
N ASP A 399 40.35 16.73 -15.19
CA ASP A 399 39.19 16.41 -16.01
C ASP A 399 38.68 17.64 -16.75
N VAL A 400 38.64 18.79 -16.06
CA VAL A 400 38.20 20.02 -16.69
C VAL A 400 39.12 20.39 -17.85
N TRP A 401 40.44 20.27 -17.63
CA TRP A 401 41.39 20.56 -18.70
C TRP A 401 41.20 19.63 -19.88
N ALA A 402 41.00 18.34 -19.61
CA ALA A 402 40.79 17.39 -20.70
C ALA A 402 39.53 17.74 -21.49
N THR A 403 38.45 18.07 -20.78
CA THR A 403 37.21 18.44 -21.45
C THR A 403 37.40 19.71 -22.28
N HIS A 404 38.15 20.68 -21.76
CA HIS A 404 38.43 21.90 -22.51
C HIS A 404 39.19 21.58 -23.79
N GLU A 405 40.18 20.68 -23.71
CA GLU A 405 40.92 20.30 -24.91
C GLU A 405 40.02 19.62 -25.93
N VAL A 406 39.16 18.69 -25.47
CA VAL A 406 38.28 18.01 -26.42
C VAL A 406 37.31 19.00 -27.05
N PHE A 407 36.77 19.92 -26.25
CA PHE A 407 35.86 20.93 -26.81
C PHE A 407 36.56 21.81 -27.83
N GLN A 408 37.79 22.22 -27.54
CA GLN A 408 38.54 23.03 -28.49
C GLN A 408 38.76 22.28 -29.79
N GLN A 409 39.11 21.00 -29.71
CA GLN A 409 39.39 20.25 -30.94
C GLN A 409 38.10 19.91 -31.68
N GLN A 410 36.97 19.82 -30.98
CA GLN A 410 35.73 19.37 -31.60
C GLN A 410 34.87 20.50 -32.13
N LEU A 411 34.96 21.70 -31.57
CA LEU A 411 34.10 22.80 -32.01
C LEU A 411 34.22 23.09 -33.50
N PRO A 412 35.41 23.26 -34.08
CA PRO A 412 35.46 23.40 -35.55
C PRO A 412 35.03 22.13 -36.27
N LEU A 413 35.35 20.96 -35.73
CA LEU A 413 34.82 19.72 -36.29
C LEU A 413 33.30 19.70 -36.19
N PHE A 414 32.75 20.20 -35.09
CA PHE A 414 31.30 20.26 -34.94
C PHE A 414 30.67 21.16 -35.99
N LEU A 415 31.25 22.33 -36.23
CA LEU A 415 30.71 23.23 -37.24
C LEU A 415 30.85 22.65 -38.64
N GLU A 416 31.98 21.99 -38.92
CA GLU A 416 32.19 21.41 -40.25
C GLU A 416 31.25 20.26 -40.50
N ARG A 417 31.06 19.38 -39.51
CA ARG A 417 30.21 18.20 -39.70
C ARG A 417 28.73 18.55 -39.68
N CYS A 418 28.35 19.71 -39.15
CA CYS A 418 26.97 20.18 -39.13
C CYS A 418 26.99 21.61 -39.67
N PRO A 419 27.21 21.78 -40.98
CA PRO A 419 27.30 23.13 -41.52
C PRO A 419 26.05 23.97 -41.32
N HIS A 420 24.88 23.32 -41.32
CA HIS A 420 23.64 24.06 -41.15
C HIS A 420 23.57 24.59 -39.72
N PRO A 421 23.32 25.89 -39.52
CA PRO A 421 23.34 26.41 -38.13
C PRO A 421 22.22 25.88 -37.26
N VAL A 422 21.19 25.26 -37.83
CA VAL A 422 20.02 24.88 -37.04
C VAL A 422 20.36 23.80 -36.04
N THR A 423 21.32 22.93 -36.36
CA THR A 423 21.65 21.83 -35.44
C THR A 423 22.10 22.37 -34.10
N LEU A 424 22.98 23.37 -34.11
CA LEU A 424 23.50 23.91 -32.85
C LEU A 424 22.41 24.60 -32.04
N ALA A 425 21.53 25.36 -32.71
CA ALA A 425 20.42 26.00 -31.99
C ALA A 425 19.49 24.95 -31.41
N GLY A 426 19.26 23.86 -32.14
CA GLY A 426 18.43 22.79 -31.62
C GLY A 426 19.04 22.14 -30.40
N MET A 427 20.34 21.88 -30.42
CA MET A 427 21.00 21.32 -29.24
C MET A 427 20.94 22.30 -28.08
N LEU A 428 21.11 23.58 -28.36
CA LEU A 428 21.03 24.59 -27.30
C LEU A 428 19.66 24.59 -26.64
N GLU A 429 18.60 24.51 -27.46
CA GLU A 429 17.20 24.55 -26.96
C GLU A 429 16.86 23.23 -26.27
N MET A 430 17.34 22.10 -26.79
CA MET A 430 17.08 20.75 -26.23
C MET A 430 17.68 20.66 -24.82
N GLY A 431 18.83 21.28 -24.59
CA GLY A 431 19.55 21.18 -23.31
C GLY A 431 18.87 21.83 -22.11
N VAL A 432 17.72 22.50 -22.29
CA VAL A 432 17.02 23.18 -21.20
C VAL A 432 15.64 22.57 -21.10
N SER A 433 15.51 21.52 -20.28
CA SER A 433 14.25 20.87 -19.98
C SER A 433 13.84 21.17 -18.55
N TYR A 434 12.56 20.95 -18.26
CA TYR A 434 12.01 21.35 -16.97
C TYR A 434 10.79 20.48 -16.67
N LEU A 435 10.79 19.86 -15.49
CA LEU A 435 9.72 18.95 -15.06
C LEU A 435 9.30 19.30 -13.65
N PRO A 436 8.35 20.22 -13.47
CA PRO A 436 7.87 20.52 -12.11
C PRO A 436 7.06 19.37 -11.54
N VAL A 437 7.03 19.30 -10.21
CA VAL A 437 6.39 18.21 -9.48
C VAL A 437 5.32 18.74 -8.52
N ASN A 438 5.64 19.78 -7.76
CA ASN A 438 4.69 20.43 -6.85
C ASN A 438 4.24 19.46 -5.74
N GLN A 439 5.23 18.96 -4.99
CA GLN A 439 5.09 18.24 -3.73
C GLN A 439 4.42 16.87 -3.84
N ASN A 440 4.00 16.44 -5.04
CA ASN A 440 3.39 15.14 -5.19
C ASN A 440 4.38 14.03 -5.53
N TRP A 441 5.60 14.41 -5.92
CA TRP A 441 6.63 13.44 -6.37
C TRP A 441 7.04 12.51 -5.24
N GLU A 442 7.51 13.06 -4.11
CA GLU A 442 7.97 12.25 -2.95
C GLU A 442 6.75 11.50 -2.40
N ARG A 443 5.55 12.09 -2.49
CA ARG A 443 4.30 11.43 -2.05
C ARG A 443 4.03 10.24 -2.98
N TYR A 444 4.27 10.41 -4.28
CA TYR A 444 4.07 9.35 -5.30
C TYR A 444 5.05 8.20 -5.03
N LEU A 445 6.28 8.52 -4.60
CA LEU A 445 7.34 7.51 -4.38
C LEU A 445 7.04 6.67 -3.14
N ALA A 446 6.41 7.23 -2.10
CA ALA A 446 6.08 6.50 -0.88
C ALA A 446 4.93 5.53 -1.13
N GLU A 447 3.89 5.97 -1.84
CA GLU A 447 2.77 5.08 -2.12
C GLU A 447 3.20 3.90 -2.99
N ALA A 448 4.02 4.16 -4.00
CA ALA A 448 4.48 3.09 -4.87
C ALA A 448 5.32 2.09 -4.09
N GLN A 449 6.24 2.59 -3.25
CA GLN A 449 7.07 1.68 -2.46
C GLN A 449 6.23 0.88 -1.48
N GLY A 450 5.24 1.51 -0.86
CA GLY A 450 4.38 0.78 0.05
C GLY A 450 3.60 -0.32 -0.64
N THR A 451 3.00 0.00 -1.79
CA THR A 451 2.27 -1.03 -2.54
C THR A 451 3.21 -2.15 -2.97
N TYR A 452 4.42 -1.79 -3.39
CA TYR A 452 5.41 -2.80 -3.75
C TYR A 452 5.69 -3.72 -2.56
N GLU A 453 5.86 -3.13 -1.37
CA GLU A 453 6.15 -3.93 -0.19
C GLU A 453 5.00 -4.86 0.16
N GLU A 454 3.76 -4.36 0.13
CA GLU A 454 2.62 -5.22 0.45
C GLU A 454 2.45 -6.34 -0.57
N LEU A 455 2.61 -6.05 -1.86
CA LEU A 455 2.48 -7.11 -2.84
C LEU A 455 3.60 -8.12 -2.71
N GLN A 456 4.82 -7.67 -2.39
CA GLN A 456 5.91 -8.61 -2.15
C GLN A 456 5.61 -9.50 -0.94
N ARG A 457 5.07 -8.91 0.12
CA ARG A 457 4.71 -9.69 1.29
C ARG A 457 3.62 -10.70 0.97
N GLU A 458 2.59 -10.26 0.23
CA GLU A 458 1.43 -11.11 -0.13
C GLU A 458 1.90 -12.28 -0.99
N MET A 459 2.72 -12.01 -2.01
CA MET A 459 3.26 -13.07 -2.91
C MET A 459 4.21 -13.96 -2.09
N LYS A 460 4.98 -13.38 -1.16
CA LYS A 460 5.90 -14.14 -0.29
C LYS A 460 5.08 -15.07 0.62
N LYS A 461 3.94 -14.60 1.13
CA LYS A 461 3.06 -15.41 2.02
C LYS A 461 2.48 -16.57 1.23
N SER A 462 2.10 -16.35 -0.03
CA SER A 462 1.57 -17.37 -0.92
C SER A 462 2.59 -18.47 -1.18
N LEU A 463 3.84 -18.09 -1.41
CA LEU A 463 4.89 -19.08 -1.64
C LEU A 463 5.11 -19.93 -0.40
N MET A 464 5.11 -19.31 0.78
CA MET A 464 5.29 -20.08 2.01
C MET A 464 4.14 -21.05 2.21
N ASP A 465 2.91 -20.64 1.91
CA ASP A 465 1.77 -21.53 2.01
C ASP A 465 1.90 -22.69 1.04
N LEU A 466 2.35 -22.43 -0.18
CA LEU A 466 2.56 -23.49 -1.14
C LEU A 466 3.61 -24.47 -0.64
N ALA A 467 4.70 -23.96 -0.06
CA ALA A 467 5.74 -24.82 0.48
C ALA A 467 5.21 -25.68 1.62
N ASN A 468 4.41 -25.07 2.51
CA ASN A 468 3.83 -25.84 3.61
C ASN A 468 2.92 -26.94 3.09
N ASP A 469 2.07 -26.62 2.12
CA ASP A 469 1.19 -27.64 1.55
C ASP A 469 1.98 -28.73 0.84
N ALA A 470 3.17 -28.40 0.32
CA ALA A 470 3.97 -29.38 -0.38
C ALA A 470 4.58 -30.44 0.53
N CYS A 471 4.50 -30.26 1.85
CA CYS A 471 5.05 -31.26 2.77
C CYS A 471 4.19 -32.51 2.86
N GLN A 472 2.93 -32.45 2.42
CA GLN A 472 2.01 -33.55 2.62
C GLN A 472 2.30 -34.76 1.74
N LEU A 473 3.01 -34.58 0.63
CA LEU A 473 3.22 -35.69 -0.30
C LEU A 473 4.28 -36.68 0.16
N LEU A 474 4.93 -36.42 1.30
CA LEU A 474 5.85 -37.38 1.89
C LEU A 474 5.15 -38.37 2.84
N SER A 475 3.88 -38.13 3.16
CA SER A 475 3.19 -38.99 4.11
C SER A 475 3.13 -40.44 3.62
N GLY A 476 3.02 -40.64 2.31
CA GLY A 476 2.98 -41.98 1.75
C GLY A 476 3.82 -42.10 0.50
N GLU A 477 4.91 -41.33 0.43
CA GLU A 477 5.76 -41.27 -0.75
C GLU A 477 4.95 -40.90 -1.99
N ARG A 478 3.99 -39.98 -1.81
CA ARG A 478 3.18 -39.52 -2.92
C ARG A 478 3.91 -38.52 -3.81
N TYR A 479 5.06 -38.00 -3.38
CA TYR A 479 5.85 -37.12 -4.24
C TYR A 479 6.57 -37.88 -5.35
N LYS A 480 6.67 -39.21 -5.25
CA LYS A 480 7.28 -39.98 -6.33
C LYS A 480 6.47 -39.83 -7.62
N GLU A 481 5.15 -39.85 -7.51
CA GLU A 481 4.27 -39.72 -8.67
C GLU A 481 3.94 -38.28 -9.00
N ASP A 482 4.39 -37.32 -8.20
CA ASP A 482 4.12 -35.92 -8.50
C ASP A 482 4.93 -35.48 -9.69
N PRO A 483 4.31 -34.98 -10.78
CA PRO A 483 5.12 -34.48 -11.89
C PRO A 483 5.97 -33.27 -11.53
N TRP A 484 5.65 -32.57 -10.44
CA TRP A 484 6.25 -31.29 -10.13
C TRP A 484 7.50 -31.43 -9.27
N LEU A 485 7.42 -32.24 -8.21
CA LEU A 485 8.45 -32.30 -7.17
C LEU A 485 9.09 -33.67 -7.05
N TRP A 486 9.18 -34.41 -8.17
CA TRP A 486 9.67 -35.79 -8.07
C TRP A 486 11.17 -35.84 -7.80
N ASP A 487 11.92 -34.87 -8.28
CA ASP A 487 13.38 -34.95 -8.26
C ASP A 487 14.02 -34.31 -7.03
N LEU A 488 13.22 -33.73 -6.14
CA LEU A 488 13.79 -33.14 -4.94
C LEU A 488 14.35 -34.23 -4.02
N GLU A 489 14.92 -33.83 -2.88
CA GLU A 489 15.47 -34.80 -1.90
C GLU A 489 14.36 -35.43 -1.06
N TRP A 490 13.62 -34.67 -0.24
CA TRP A 490 12.60 -35.21 0.70
C TRP A 490 13.34 -36.10 1.71
N ASP A 491 14.65 -35.88 1.88
CA ASP A 491 15.48 -36.70 2.79
C ASP A 491 15.29 -36.16 4.21
N LEU A 492 14.78 -36.99 5.14
CA LEU A 492 14.61 -36.57 6.55
C LEU A 492 15.66 -37.28 7.40
N GLN A 493 16.37 -36.56 8.28
CA GLN A 493 17.41 -37.09 9.13
C GLN A 493 16.93 -37.13 10.57
N GLU A 494 17.12 -38.27 11.24
CA GLU A 494 16.69 -38.45 12.62
C GLU A 494 17.85 -38.25 13.60
N PHE A 495 18.92 -39.03 13.45
CA PHE A 495 20.07 -38.92 14.33
C PHE A 495 19.68 -39.18 15.79
N SER A 534 -3.70 -25.60 53.14
CA SER A 534 -2.79 -26.20 52.17
C SER A 534 -3.52 -27.17 51.25
N GLU A 535 -4.80 -26.88 50.98
CA GLU A 535 -5.58 -27.74 50.10
C GLU A 535 -5.01 -27.73 48.69
N GLU A 536 -4.51 -26.58 48.24
CA GLU A 536 -3.99 -26.42 46.89
C GLU A 536 -2.49 -26.24 46.85
N GLU A 537 -1.85 -25.94 47.99
CA GLU A 537 -0.42 -25.69 47.99
C GLU A 537 0.37 -26.92 47.54
N GLU A 538 -0.07 -28.10 47.95
CA GLU A 538 0.62 -29.38 47.60
C GLU A 538 0.81 -29.46 46.08
N PHE A 539 -0.16 -29.02 45.28
CA PHE A 539 -0.13 -29.15 43.79
C PHE A 539 -0.02 -27.78 43.10
N GLN A 540 -0.30 -26.68 43.81
CA GLN A 540 -0.26 -25.31 43.22
C GLN A 540 1.17 -25.02 42.79
N GLN A 541 2.14 -25.44 43.62
CA GLN A 541 3.58 -25.26 43.30
C GLN A 541 4.11 -26.56 42.70
N ASP A 542 4.03 -27.69 43.42
CA ASP A 542 4.62 -28.94 42.97
C ASP A 542 6.05 -28.65 42.50
N VAL A 543 6.48 -29.19 41.36
CA VAL A 543 7.81 -28.83 40.85
C VAL A 543 7.84 -27.35 40.48
N MET A 544 6.73 -26.83 39.98
CA MET A 544 6.46 -25.41 39.70
C MET A 544 7.18 -24.90 38.46
N ALA A 545 8.10 -25.67 37.87
CA ALA A 545 8.88 -25.23 36.73
C ALA A 545 8.83 -26.27 35.62
N ARG A 546 7.62 -26.81 35.38
CA ARG A 546 7.39 -27.78 34.31
C ARG A 546 8.30 -28.99 34.46
N ALA A 547 8.31 -29.57 35.66
CA ALA A 547 9.12 -30.74 35.97
C ALA A 547 10.60 -30.44 35.74
N CYS A 548 11.10 -29.51 36.55
CA CYS A 548 12.48 -29.06 36.46
C CYS A 548 13.50 -30.20 36.54
N LEU A 549 13.10 -31.35 37.09
CA LEU A 549 13.99 -32.52 37.09
C LEU A 549 14.44 -32.85 35.67
N GLN A 550 13.57 -32.64 34.69
CA GLN A 550 14.00 -32.72 33.30
C GLN A 550 15.05 -31.66 33.03
N LYS A 551 16.22 -32.08 32.52
CA LYS A 551 17.33 -31.16 32.19
C LYS A 551 17.89 -31.54 30.81
N LEU A 552 18.68 -30.66 30.19
CA LEU A 552 19.27 -30.92 28.85
C LEU A 552 20.51 -31.79 29.03
N LYS A 553 20.43 -33.07 28.62
CA LYS A 553 21.57 -34.02 28.73
C LYS A 553 22.02 -34.36 27.31
N GLY A 554 23.30 -34.16 26.98
CA GLY A 554 23.81 -34.39 25.61
C GLY A 554 23.31 -33.31 24.68
N THR A 555 23.65 -33.34 23.38
CA THR A 555 23.24 -32.37 22.37
C THR A 555 23.79 -31.00 22.79
N THR A 556 22.95 -29.97 22.93
CA THR A 556 23.37 -28.60 23.24
C THR A 556 24.21 -27.96 22.12
N GLU A 557 24.24 -28.59 20.95
CA GLU A 557 24.95 -28.06 19.75
C GLU A 557 23.90 -27.91 18.64
N LEU A 558 23.07 -28.94 18.44
CA LEU A 558 22.00 -28.93 17.40
C LEU A 558 21.02 -27.79 17.66
N LEU A 559 20.63 -27.56 18.91
CA LEU A 559 19.65 -26.50 19.26
C LEU A 559 20.15 -25.17 18.71
N PRO A 560 21.34 -24.66 19.12
CA PRO A 560 21.89 -23.43 18.55
C PRO A 560 22.33 -23.62 17.10
N LYS A 561 22.31 -22.53 16.36
CA LYS A 561 22.77 -22.48 14.96
C LYS A 561 21.94 -23.51 14.16
N ARG A 562 22.56 -24.25 13.23
CA ARG A 562 21.85 -25.20 12.38
C ARG A 562 22.60 -26.53 12.19
N PRO A 563 23.13 -27.21 13.24
CA PRO A 563 23.66 -28.56 12.98
C PRO A 563 22.57 -29.57 12.65
N GLN A 564 21.63 -29.76 13.57
CA GLN A 564 20.46 -30.61 13.36
C GLN A 564 19.23 -29.74 13.10
N HIS A 565 19.26 -29.03 11.97
CA HIS A 565 18.24 -28.05 11.65
C HIS A 565 16.96 -28.77 11.29
N LEU A 566 15.98 -28.75 12.20
CA LEU A 566 14.63 -29.27 11.96
C LEU A 566 14.70 -30.69 11.39
N PRO A 567 15.10 -31.68 12.18
CA PRO A 567 15.07 -33.06 11.68
C PRO A 567 13.64 -33.52 11.46
N GLY A 568 13.48 -34.44 10.51
CA GLY A 568 12.18 -34.94 10.13
C GLY A 568 11.56 -34.21 8.97
N HIS A 569 11.82 -32.90 8.86
CA HIS A 569 11.31 -32.13 7.73
C HIS A 569 12.01 -32.57 6.44
N PRO A 570 11.43 -32.25 5.29
CA PRO A 570 12.13 -32.52 4.03
C PRO A 570 13.41 -31.72 3.93
N GLY A 571 14.37 -32.27 3.18
CA GLY A 571 15.65 -31.59 3.01
C GLY A 571 15.49 -30.20 2.42
N TRP A 572 14.69 -30.09 1.35
CA TRP A 572 14.47 -28.79 0.75
C TRP A 572 13.78 -27.82 1.72
N TYR A 573 12.78 -28.31 2.45
CA TYR A 573 12.13 -27.46 3.45
C TYR A 573 13.12 -27.05 4.53
N ARG A 574 14.02 -27.96 4.91
CA ARG A 574 15.06 -27.62 5.87
C ARG A 574 15.94 -26.50 5.33
N LYS A 575 16.33 -26.59 4.05
CA LYS A 575 17.15 -25.54 3.46
C LYS A 575 16.42 -24.21 3.48
N LEU A 576 15.11 -24.21 3.21
CA LEU A 576 14.37 -22.96 3.18
C LEU A 576 14.35 -22.28 4.55
N CYS A 577 14.10 -23.04 5.61
CA CYS A 577 13.84 -22.43 6.91
C CYS A 577 15.11 -21.78 7.46
N PRO A 578 15.00 -20.69 8.22
CA PRO A 578 16.19 -20.11 8.86
C PRO A 578 16.59 -20.93 10.09
N ARG A 579 17.67 -20.48 10.74
CA ARG A 579 18.09 -21.08 12.00
C ARG A 579 17.06 -20.77 13.08
N LEU A 580 17.02 -21.65 14.08
CA LEU A 580 15.90 -21.66 15.02
C LEU A 580 15.78 -20.37 15.81
N ASP A 581 16.90 -19.84 16.32
CA ASP A 581 16.84 -18.70 17.23
C ASP A 581 17.70 -17.51 16.80
N ASP A 582 18.90 -17.76 16.30
CA ASP A 582 19.87 -16.68 16.15
C ASP A 582 19.49 -15.69 15.04
N PRO A 583 19.28 -16.09 13.79
CA PRO A 583 19.24 -15.05 12.72
C PRO A 583 17.88 -14.39 12.56
N ALA A 584 17.41 -13.78 13.65
CA ALA A 584 16.10 -13.12 13.70
C ALA A 584 15.02 -14.06 13.14
N TRP A 585 14.82 -15.17 13.87
CA TRP A 585 13.98 -16.26 13.39
C TRP A 585 12.58 -15.78 13.02
N THR A 586 12.13 -16.19 11.85
CA THR A 586 10.76 -15.97 11.41
C THR A 586 10.12 -17.31 11.07
N PRO A 587 8.86 -17.54 11.44
CA PRO A 587 8.28 -18.88 11.24
C PRO A 587 8.06 -19.19 9.77
N GLY A 588 7.95 -20.48 9.49
CA GLY A 588 7.60 -20.95 8.17
C GLY A 588 8.80 -21.06 7.27
N PRO A 589 8.57 -21.48 6.03
CA PRO A 589 9.68 -21.65 5.07
C PRO A 589 10.09 -20.31 4.46
N SER A 590 10.67 -19.45 5.29
CA SER A 590 11.17 -18.17 4.83
C SER A 590 12.41 -18.41 3.99
N LEU A 591 13.07 -17.33 3.57
CA LEU A 591 14.20 -17.40 2.65
C LEU A 591 13.78 -17.94 1.28
N LEU A 592 12.49 -17.90 0.98
CA LEU A 592 11.95 -18.37 -0.29
C LEU A 592 11.55 -17.15 -1.11
N SER A 593 12.01 -17.11 -2.36
CA SER A 593 11.79 -15.96 -3.21
C SER A 593 11.60 -16.44 -4.65
N LEU A 594 11.21 -15.49 -5.51
CA LEU A 594 10.93 -15.84 -6.90
C LEU A 594 12.15 -16.41 -7.61
N GLN A 595 13.36 -16.03 -7.18
CA GLN A 595 14.56 -16.30 -7.95
C GLN A 595 15.10 -17.72 -7.74
N MET A 596 14.61 -18.46 -6.75
CA MET A 596 15.18 -19.76 -6.48
C MET A 596 14.64 -20.80 -7.45
N ARG A 597 15.40 -21.89 -7.60
CA ARG A 597 15.04 -22.96 -8.51
C ARG A 597 13.80 -23.73 -8.08
N VAL A 598 13.38 -23.61 -6.82
CA VAL A 598 12.25 -24.38 -6.31
C VAL A 598 10.92 -23.64 -6.43
N THR A 599 10.94 -22.31 -6.53
CA THR A 599 9.68 -21.57 -6.62
C THR A 599 8.89 -21.97 -7.86
N PRO A 600 9.48 -22.07 -9.05
CA PRO A 600 8.71 -22.64 -10.19
C PRO A 600 8.22 -24.05 -9.92
N LYS A 601 8.95 -24.84 -9.14
CA LYS A 601 8.49 -26.18 -8.81
C LYS A 601 7.29 -26.17 -7.88
N LEU A 602 7.07 -25.07 -7.15
CA LEU A 602 5.92 -24.93 -6.22
C LEU A 602 4.80 -24.10 -6.88
N MET A 603 5.10 -23.29 -7.89
CA MET A 603 4.12 -22.38 -8.57
C MET A 603 4.31 -22.46 -10.09
N ALA A 604 3.31 -22.17 -10.91
CA ALA A 604 3.40 -22.33 -12.39
C ALA A 604 3.65 -23.81 -12.73
N LEU A 605 4.74 -24.21 -13.39
CA LEU A 605 4.97 -25.62 -13.85
C LEU A 605 4.09 -25.86 -15.08
N THR A 606 3.78 -24.81 -15.83
CA THR A 606 2.96 -24.81 -17.07
C THR A 606 3.74 -25.30 -18.29
N TRP A 607 3.13 -25.38 -19.49
CA TRP A 607 3.77 -25.82 -20.77
C TRP A 607 3.77 -27.35 -20.84
N ASP A 608 3.26 -28.03 -19.82
CA ASP A 608 3.24 -29.52 -19.68
C ASP A 608 4.52 -29.92 -18.95
N GLY A 609 5.47 -28.99 -18.79
CA GLY A 609 6.68 -29.21 -17.99
C GLY A 609 7.23 -27.86 -17.58
N PHE A 610 8.00 -27.77 -16.50
CA PHE A 610 8.70 -26.51 -16.13
C PHE A 610 9.83 -26.89 -15.19
N PRO A 611 10.73 -27.80 -15.61
CA PRO A 611 11.90 -28.14 -14.84
C PRO A 611 12.84 -26.92 -14.93
N LEU A 612 12.63 -25.91 -14.09
CA LEU A 612 13.44 -24.68 -14.12
C LEU A 612 14.76 -25.02 -13.43
N HIS A 613 15.57 -25.86 -14.07
CA HIS A 613 16.88 -26.31 -13.51
C HIS A 613 18.00 -25.65 -14.30
N TYR A 614 19.18 -25.53 -13.70
CA TYR A 614 20.36 -24.94 -14.34
C TYR A 614 21.31 -26.04 -14.82
N SER A 615 20.75 -26.98 -15.59
CA SER A 615 21.57 -27.98 -16.27
C SER A 615 21.83 -27.54 -17.70
N GLU A 616 22.50 -26.40 -17.85
CA GLU A 616 22.91 -25.84 -19.15
C GLU A 616 21.74 -25.65 -20.12
N ARG A 617 20.49 -25.70 -19.63
CA ARG A 617 19.31 -25.56 -20.49
C ARG A 617 18.19 -24.73 -19.89
N HIS A 618 18.27 -24.31 -18.63
CA HIS A 618 17.20 -23.53 -17.98
C HIS A 618 15.93 -24.38 -18.04
N GLY A 619 14.75 -23.77 -18.23
CA GLY A 619 13.53 -24.53 -18.35
C GLY A 619 13.55 -25.48 -19.53
N TRP A 620 13.63 -26.78 -19.25
CA TRP A 620 13.75 -27.77 -20.31
C TRP A 620 12.38 -28.09 -20.91
N GLY A 621 12.39 -28.55 -22.17
CA GLY A 621 11.19 -29.07 -22.79
C GLY A 621 11.21 -29.02 -24.30
N TYR A 622 10.74 -30.09 -24.93
CA TYR A 622 10.39 -30.04 -26.35
C TYR A 622 9.15 -29.18 -26.56
N LEU A 623 8.15 -29.33 -25.69
CA LEU A 623 6.98 -28.43 -25.64
C LEU A 623 6.27 -28.34 -26.99
N VAL A 624 6.00 -29.50 -27.59
CA VAL A 624 5.25 -29.57 -28.83
C VAL A 624 4.83 -31.02 -29.05
N PRO A 625 3.98 -31.22 -30.05
CA PRO A 625 3.46 -32.55 -30.35
C PRO A 625 4.54 -33.40 -31.00
N GLY A 626 4.37 -34.72 -30.86
CA GLY A 626 5.29 -35.70 -31.45
C GLY A 626 6.71 -35.49 -30.93
N PRO A 738 14.16 -40.60 -25.87
CA PRO A 738 13.44 -41.59 -25.04
C PRO A 738 12.01 -41.18 -24.78
N TYR A 739 11.27 -42.02 -24.03
CA TYR A 739 9.89 -41.71 -23.71
C TYR A 739 9.82 -40.56 -22.72
N ASN A 740 8.61 -40.03 -22.55
CA ASN A 740 8.33 -38.96 -21.59
C ASN A 740 9.13 -37.70 -21.90
N ASP A 741 9.48 -37.49 -23.17
CA ASP A 741 10.19 -36.28 -23.56
C ASP A 741 9.32 -35.04 -23.32
N VAL A 742 8.06 -35.09 -23.72
CA VAL A 742 7.13 -33.97 -23.56
C VAL A 742 5.80 -34.44 -23.01
N ASP A 743 5.77 -35.58 -22.35
CA ASP A 743 4.51 -36.12 -21.84
C ASP A 743 4.11 -35.43 -20.55
N ILE A 744 2.80 -35.39 -20.30
CA ILE A 744 2.28 -34.67 -19.13
C ILE A 744 2.75 -35.30 -17.82
N PRO A 745 2.64 -36.61 -17.60
CA PRO A 745 2.95 -37.15 -16.25
C PRO A 745 4.38 -36.91 -15.79
N GLY A 746 5.33 -36.80 -16.72
CA GLY A 746 6.72 -36.59 -16.35
C GLY A 746 7.41 -37.87 -15.94
N CYS A 747 8.27 -37.80 -14.93
CA CYS A 747 9.09 -38.93 -14.48
C CYS A 747 9.93 -39.46 -15.65
N TRP A 748 10.58 -38.53 -16.34
CA TRP A 748 11.35 -38.88 -17.53
C TRP A 748 12.60 -39.66 -17.18
N PHE A 749 13.01 -40.53 -18.12
CA PHE A 749 14.26 -41.26 -17.96
C PHE A 749 15.47 -40.39 -18.26
N PHE A 750 15.33 -39.45 -19.21
CA PHE A 750 16.44 -38.60 -19.63
C PHE A 750 17.64 -39.44 -20.09
N LYS A 751 17.36 -40.46 -20.90
CA LYS A 751 18.43 -41.31 -21.41
C LYS A 751 19.42 -40.52 -22.24
N LEU A 752 18.91 -39.60 -23.08
CA LEU A 752 19.75 -38.73 -23.89
C LEU A 752 19.12 -37.33 -23.93
N PRO A 753 19.79 -36.29 -23.42
CA PRO A 753 19.13 -34.98 -23.37
C PRO A 753 18.86 -34.44 -24.76
N HIS A 754 17.78 -33.67 -24.87
CA HIS A 754 17.35 -33.07 -26.13
C HIS A 754 16.82 -31.67 -25.85
N LYS A 755 17.42 -30.67 -26.50
CA LYS A 755 16.91 -29.30 -26.46
C LYS A 755 16.05 -29.03 -27.69
N ASP A 756 14.95 -29.79 -27.79
CA ASP A 756 14.03 -29.63 -28.90
C ASP A 756 13.09 -28.44 -28.66
N GLY A 757 12.31 -28.13 -29.68
CA GLY A 757 11.36 -27.03 -29.57
C GLY A 757 12.03 -25.69 -29.61
N ASN A 758 12.78 -25.35 -28.56
CA ASN A 758 13.55 -24.11 -28.49
C ASN A 758 14.99 -24.44 -28.87
N SER A 759 15.23 -24.50 -30.19
CA SER A 759 16.54 -24.88 -30.69
C SER A 759 17.58 -23.80 -30.44
N CYS A 760 17.17 -22.53 -30.41
CA CYS A 760 18.12 -21.44 -30.19
C CYS A 760 18.77 -21.55 -28.81
N ASN A 761 18.10 -22.16 -27.84
CA ASN A 761 18.54 -22.19 -26.45
C ASN A 761 18.62 -20.74 -25.98
N VAL A 762 19.77 -20.27 -25.48
CA VAL A 762 19.92 -18.88 -25.08
C VAL A 762 20.63 -18.05 -26.15
N GLY A 763 20.80 -18.60 -27.35
CA GLY A 763 21.43 -17.84 -28.42
C GLY A 763 20.66 -16.57 -28.76
N SER A 764 19.33 -16.66 -28.77
CA SER A 764 18.53 -15.48 -29.03
C SER A 764 18.72 -14.46 -27.91
N PRO A 765 18.30 -13.18 -28.09
CA PRO A 765 18.29 -12.23 -26.97
C PRO A 765 17.37 -12.79 -25.88
N PHE A 766 16.15 -13.23 -26.21
CA PHE A 766 15.21 -13.92 -25.27
C PHE A 766 14.97 -13.12 -23.97
N ALA A 767 14.60 -11.83 -24.06
CA ALA A 767 14.42 -10.95 -22.88
C ALA A 767 12.94 -10.61 -22.58
N LYS A 768 12.49 -10.74 -21.31
CA LYS A 768 11.13 -10.33 -20.85
C LYS A 768 10.01 -10.92 -21.71
N ASP A 769 10.03 -12.22 -21.99
CA ASP A 769 9.03 -12.86 -22.89
C ASP A 769 7.92 -13.59 -22.09
N PHE A 770 7.96 -13.66 -20.76
CA PHE A 770 6.98 -14.45 -19.98
C PHE A 770 5.95 -13.51 -19.36
N LEU A 771 6.22 -12.20 -19.35
CA LEU A 771 5.29 -11.19 -18.77
C LEU A 771 4.00 -11.14 -19.59
N PRO A 772 4.03 -11.11 -20.95
CA PRO A 772 2.80 -11.19 -21.74
C PRO A 772 2.32 -12.60 -22.01
N LYS A 773 3.12 -13.62 -21.68
CA LYS A 773 2.67 -15.00 -21.84
C LYS A 773 1.84 -15.50 -20.68
N MET A 774 1.67 -14.69 -19.62
CA MET A 774 0.71 -15.05 -18.58
C MET A 774 -0.71 -15.03 -19.12
N GLU A 775 -1.04 -14.03 -19.93
CA GLU A 775 -2.33 -13.94 -20.60
C GLU A 775 -2.37 -15.04 -21.66
N ASP A 776 -3.06 -16.14 -21.35
CA ASP A 776 -3.00 -17.36 -22.16
C ASP A 776 -1.52 -17.75 -22.22
N GLY A 777 -0.94 -17.96 -23.40
CA GLY A 777 0.49 -18.12 -23.53
C GLY A 777 1.08 -19.33 -22.83
N THR A 778 0.23 -20.27 -22.41
CA THR A 778 0.67 -21.50 -21.71
C THR A 778 1.59 -21.10 -20.56
N LEU A 779 1.10 -20.24 -19.65
CA LEU A 779 1.86 -19.81 -18.45
C LEU A 779 0.87 -19.60 -17.31
N GLN A 780 0.74 -20.59 -16.40
CA GLN A 780 -0.25 -20.54 -15.29
C GLN A 780 0.08 -21.65 -14.30
N ALA A 781 -0.55 -21.68 -13.12
CA ALA A 781 -0.27 -22.67 -12.09
C ALA A 781 -1.02 -23.98 -12.34
N GLY A 782 -2.35 -23.93 -12.29
CA GLY A 782 -3.18 -25.09 -12.59
C GLY A 782 -3.85 -25.70 -11.37
N PRO A 783 -3.33 -26.83 -10.88
CA PRO A 783 -4.10 -27.62 -9.91
C PRO A 783 -4.41 -26.90 -8.62
N GLY A 784 -3.59 -25.93 -8.21
CA GLY A 784 -3.83 -25.19 -7.00
C GLY A 784 -5.14 -24.42 -7.04
N GLY A 785 -5.22 -23.44 -7.93
CA GLY A 785 -6.44 -22.70 -8.15
C GLY A 785 -6.72 -21.60 -7.16
N ALA A 786 -5.93 -21.48 -6.09
CA ALA A 786 -6.16 -20.48 -5.04
C ALA A 786 -5.03 -19.49 -4.93
N SER A 787 -3.78 -19.96 -4.75
CA SER A 787 -2.63 -19.10 -4.54
C SER A 787 -1.59 -19.19 -5.64
N GLY A 788 -1.73 -20.11 -6.59
CA GLY A 788 -0.78 -20.23 -7.67
C GLY A 788 -0.88 -19.07 -8.64
N PRO A 789 -2.02 -18.93 -9.31
CA PRO A 789 -2.16 -17.85 -10.30
C PRO A 789 -1.97 -16.46 -9.73
N ARG A 790 -2.35 -16.24 -8.46
CA ARG A 790 -2.20 -14.90 -7.88
C ARG A 790 -0.73 -14.50 -7.82
N ALA A 791 0.15 -15.43 -7.49
CA ALA A 791 1.57 -15.10 -7.44
C ALA A 791 2.07 -14.64 -8.80
N LEU A 792 1.67 -15.33 -9.86
CA LEU A 792 2.03 -14.88 -11.21
C LEU A 792 1.47 -13.51 -11.50
N GLU A 793 0.21 -13.28 -11.11
CA GLU A 793 -0.42 -11.99 -11.36
C GLU A 793 0.24 -10.88 -10.53
N ILE A 794 0.64 -11.19 -9.29
CA ILE A 794 1.34 -10.21 -8.48
C ILE A 794 2.69 -9.87 -9.13
N ASN A 795 3.41 -10.90 -9.59
CA ASN A 795 4.68 -10.66 -10.28
C ASN A 795 4.46 -9.79 -11.51
N LYS A 796 3.37 -10.03 -12.23
CA LYS A 796 3.07 -9.22 -13.41
C LYS A 796 2.88 -7.76 -13.01
N MET A 797 2.17 -7.50 -11.92
CA MET A 797 2.02 -6.12 -11.48
C MET A 797 3.35 -5.53 -11.01
N ILE A 798 4.23 -6.36 -10.44
CA ILE A 798 5.37 -5.83 -9.70
C ILE A 798 6.61 -5.61 -10.58
N SER A 799 6.73 -6.37 -11.68
CA SER A 799 8.00 -6.47 -12.40
C SER A 799 8.56 -5.10 -12.79
N PHE A 800 7.70 -4.15 -13.16
CA PHE A 800 8.21 -2.84 -13.57
C PHE A 800 8.89 -2.13 -12.41
N TRP A 801 8.15 -1.87 -11.34
CA TRP A 801 8.72 -1.16 -10.20
C TRP A 801 9.90 -1.90 -9.61
N ARG A 802 9.89 -3.24 -9.66
CA ARG A 802 10.97 -4.01 -9.07
C ARG A 802 12.33 -3.57 -9.59
N ASN A 803 12.44 -3.36 -10.90
CA ASN A 803 13.70 -2.97 -11.53
C ASN A 803 13.75 -1.50 -11.91
N ALA A 804 12.69 -0.73 -11.64
CA ALA A 804 12.69 0.70 -11.92
C ALA A 804 12.70 1.59 -10.69
N HIS A 805 12.57 1.04 -9.49
CA HIS A 805 12.45 1.90 -8.30
C HIS A 805 13.77 2.58 -7.97
N LYS A 806 14.91 1.99 -8.34
CA LYS A 806 16.18 2.64 -8.08
C LYS A 806 16.30 3.94 -8.87
N ARG A 807 15.99 3.89 -10.17
CA ARG A 807 16.10 5.08 -11.01
C ARG A 807 14.99 6.06 -10.71
N ILE A 808 13.74 5.57 -10.60
CA ILE A 808 12.62 6.47 -10.36
C ILE A 808 12.77 7.16 -9.02
N SER A 809 13.15 6.41 -7.99
CA SER A 809 13.54 7.02 -6.73
C SER A 809 14.93 7.62 -6.85
N SER A 810 15.30 8.41 -5.86
CA SER A 810 16.60 9.08 -5.85
C SER A 810 16.74 10.09 -6.99
N GLN A 811 15.61 10.61 -7.46
CA GLN A 811 15.64 11.68 -8.46
C GLN A 811 15.87 13.00 -7.75
N MET A 812 16.86 13.76 -8.21
CA MET A 812 17.30 14.95 -7.49
C MET A 812 16.22 16.02 -7.65
N VAL A 813 15.43 16.21 -6.59
CA VAL A 813 14.37 17.21 -6.56
C VAL A 813 14.85 18.40 -5.74
N VAL A 814 14.69 19.60 -6.29
CA VAL A 814 15.06 20.84 -5.61
C VAL A 814 13.79 21.64 -5.38
N TRP A 815 13.53 21.98 -4.12
CA TRP A 815 12.35 22.76 -3.75
C TRP A 815 12.73 24.24 -3.70
N LEU A 816 12.04 25.05 -4.51
CA LEU A 816 12.30 26.48 -4.51
C LEU A 816 11.76 27.12 -3.23
N PRO A 817 12.36 28.21 -2.77
CA PRO A 817 11.82 28.91 -1.60
C PRO A 817 10.61 29.75 -1.97
N ARG A 818 9.91 30.20 -0.93
CA ARG A 818 8.74 31.06 -1.13
C ARG A 818 9.12 32.36 -1.81
N SER A 819 10.26 32.95 -1.41
CA SER A 819 10.65 34.24 -1.95
C SER A 819 10.96 34.16 -3.44
N ALA A 820 11.50 33.04 -3.90
CA ALA A 820 11.88 32.88 -5.30
C ALA A 820 10.70 32.67 -6.23
N LEU A 821 9.50 32.44 -5.70
CA LEU A 821 8.36 32.19 -6.55
C LEU A 821 7.97 33.47 -7.30
N PRO A 822 7.45 33.36 -8.52
CA PRO A 822 7.07 34.56 -9.28
C PRO A 822 5.69 35.07 -8.85
N ARG A 823 5.25 36.12 -9.53
CA ARG A 823 3.92 36.69 -9.30
C ARG A 823 2.81 35.86 -9.91
N ALA A 824 3.14 34.82 -10.69
CA ALA A 824 2.11 33.94 -11.21
C ALA A 824 1.44 33.15 -10.08
N VAL A 825 2.21 32.76 -9.07
CA VAL A 825 1.67 31.92 -8.00
C VAL A 825 0.72 32.73 -7.13
N ILE A 826 1.10 33.95 -6.75
CA ILE A 826 0.18 34.80 -6.00
C ILE A 826 -0.99 35.18 -6.89
N ARG A 827 -2.09 35.61 -6.26
CA ARG A 827 -3.37 35.97 -6.86
C ARG A 827 -4.14 34.74 -7.34
N HIS A 828 -3.52 33.51 -7.32
CA HIS A 828 -4.18 32.29 -7.74
C HIS A 828 -4.76 31.55 -6.54
N PRO A 829 -5.89 30.85 -6.67
CA PRO A 829 -6.42 30.13 -5.51
C PRO A 829 -5.46 29.10 -4.93
N ASP A 830 -4.66 28.45 -5.76
CA ASP A 830 -3.71 27.44 -5.30
C ASP A 830 -2.39 28.10 -4.93
N TYR A 831 -2.43 28.83 -3.81
CA TYR A 831 -1.25 29.51 -3.28
C TYR A 831 -1.14 29.25 -1.79
N ASP A 832 0.05 28.81 -1.38
CA ASP A 832 0.38 28.64 0.03
C ASP A 832 -0.60 27.72 0.76
N GLU A 833 -0.82 26.53 0.20
CA GLU A 833 -1.48 25.46 0.96
C GLU A 833 -0.42 24.53 1.54
N GLU A 834 0.45 25.12 2.37
CA GLU A 834 1.65 24.44 2.85
C GLU A 834 2.35 23.73 1.71
N GLY A 835 2.43 24.38 0.55
CA GLY A 835 2.84 23.73 -0.68
C GLY A 835 4.33 23.88 -0.94
N LEU A 836 4.95 22.78 -1.32
CA LEU A 836 6.36 22.75 -1.71
C LEU A 836 6.45 22.59 -3.21
N TYR A 837 6.99 23.60 -3.89
CA TYR A 837 7.15 23.59 -5.34
C TYR A 837 8.58 23.18 -5.67
N GLY A 838 8.72 22.17 -6.52
CA GLY A 838 10.03 21.67 -6.90
C GLY A 838 10.08 21.37 -8.39
N ALA A 839 11.30 21.11 -8.85
CA ALA A 839 11.55 20.79 -10.24
C ALA A 839 12.55 19.65 -10.35
N ILE A 840 12.36 18.81 -11.36
CA ILE A 840 13.26 17.71 -11.67
C ILE A 840 13.91 18.01 -13.01
N LEU A 841 15.23 18.08 -13.01
CA LEU A 841 15.96 18.20 -14.27
C LEU A 841 16.14 16.80 -14.84
N PRO A 842 15.67 16.52 -16.07
CA PRO A 842 15.76 15.14 -16.57
C PRO A 842 17.17 14.60 -16.66
N GLN A 843 18.19 15.45 -16.65
CA GLN A 843 19.57 15.01 -16.79
C GLN A 843 19.76 14.21 -18.08
N VAL A 844 19.24 14.78 -19.17
CA VAL A 844 19.17 14.09 -20.45
C VAL A 844 20.31 14.57 -21.33
N VAL A 845 21.05 13.64 -21.92
CA VAL A 845 22.06 14.00 -22.90
C VAL A 845 21.36 14.40 -24.19
N THR A 846 21.78 15.54 -24.76
CA THR A 846 21.19 15.99 -26.01
C THR A 846 21.44 15.02 -27.16
N ALA A 847 22.43 14.14 -27.02
CA ALA A 847 22.66 13.07 -27.98
C ALA A 847 23.46 11.99 -27.29
N GLY A 848 22.87 10.81 -27.13
CA GLY A 848 23.50 9.73 -26.39
C GLY A 848 23.51 8.41 -27.12
N THR A 849 23.14 8.41 -28.41
CA THR A 849 23.16 7.22 -29.23
C THR A 849 23.91 7.48 -30.52
N ILE A 850 23.92 6.51 -31.44
CA ILE A 850 24.69 6.66 -32.68
C ILE A 850 24.21 7.88 -33.46
N THR A 851 22.94 8.21 -33.35
CA THR A 851 22.38 9.43 -33.93
C THR A 851 22.31 10.50 -32.85
N ARG A 852 21.65 11.60 -33.16
CA ARG A 852 21.48 12.71 -32.23
C ARG A 852 20.22 12.59 -31.38
N ARG A 853 19.57 11.42 -31.39
CA ARG A 853 18.40 11.22 -30.54
C ARG A 853 18.81 11.29 -29.07
N ALA A 854 18.04 12.05 -28.29
CA ALA A 854 18.30 12.15 -26.87
C ALA A 854 18.07 10.81 -26.19
N VAL A 855 18.86 10.55 -25.14
CA VAL A 855 18.80 9.30 -24.40
C VAL A 855 18.59 9.63 -22.93
N GLU A 856 17.63 8.96 -22.30
CA GLU A 856 17.37 9.10 -20.88
C GLU A 856 16.68 7.82 -20.39
N PRO A 857 17.25 7.09 -19.43
CA PRO A 857 16.69 5.77 -19.11
C PRO A 857 15.36 5.81 -18.38
N THR A 858 14.99 6.93 -17.77
CA THR A 858 13.79 6.99 -16.93
C THR A 858 12.82 8.10 -17.32
N TRP A 859 13.07 8.82 -18.41
CA TRP A 859 12.15 9.87 -18.88
C TRP A 859 11.87 9.82 -20.37
N LEU A 860 12.72 9.20 -21.18
CA LEU A 860 12.55 9.11 -22.63
C LEU A 860 12.26 7.68 -23.04
N THR A 861 11.44 6.99 -22.26
CA THR A 861 11.06 5.60 -22.50
C THR A 861 9.61 5.52 -22.93
N ALA A 862 9.30 4.50 -23.73
CA ALA A 862 7.96 4.29 -24.26
C ALA A 862 7.13 3.56 -23.21
N SER A 863 6.53 4.33 -22.30
CA SER A 863 5.66 3.77 -21.27
C SER A 863 4.67 4.84 -20.84
N ASN A 864 3.54 4.38 -20.31
CA ASN A 864 2.46 5.27 -19.91
C ASN A 864 1.68 4.61 -18.77
N ALA A 865 0.64 5.30 -18.31
CA ALA A 865 -0.20 4.78 -17.23
C ALA A 865 -0.99 3.59 -17.75
N ARG A 866 -0.52 2.39 -17.43
CA ARG A 866 -1.10 1.13 -17.85
C ARG A 866 -1.72 0.41 -16.65
N PRO A 867 -2.87 -0.25 -16.80
CA PRO A 867 -3.40 -1.02 -15.67
C PRO A 867 -2.48 -2.16 -15.30
N ASP A 868 -2.85 -2.85 -14.22
CA ASP A 868 -2.11 -3.97 -13.62
C ASP A 868 -0.60 -3.79 -13.64
N ARG A 869 -0.12 -2.59 -13.31
CA ARG A 869 1.30 -2.32 -13.16
C ARG A 869 1.47 -1.34 -12.01
N VAL A 870 2.28 -1.71 -11.02
CA VAL A 870 2.40 -0.91 -9.80
C VAL A 870 3.07 0.42 -10.09
N GLY A 871 4.19 0.38 -10.81
CA GLY A 871 5.01 1.57 -10.98
C GLY A 871 4.67 2.40 -12.20
N SER A 872 3.49 2.18 -12.78
CA SER A 872 3.10 2.87 -14.00
C SER A 872 2.82 4.34 -13.66
N GLU A 873 2.30 5.07 -14.64
CA GLU A 873 1.93 6.48 -14.49
C GLU A 873 3.10 7.32 -13.99
N LEU A 874 4.33 6.88 -14.31
CA LEU A 874 5.52 7.67 -13.96
C LEU A 874 5.49 9.02 -14.64
N LYS A 875 5.11 9.06 -15.92
CA LYS A 875 5.04 10.32 -16.64
C LYS A 875 4.05 11.29 -16.02
N ALA A 876 3.08 10.79 -15.27
CA ALA A 876 2.14 11.64 -14.57
C ALA A 876 2.84 12.29 -13.37
N MET A 877 2.07 12.98 -12.53
CA MET A 877 2.57 13.77 -11.41
C MET A 877 3.62 14.81 -11.83
N VAL A 878 3.69 15.15 -13.11
CA VAL A 878 4.48 16.31 -13.56
C VAL A 878 3.52 17.49 -13.54
N GLN A 879 3.35 18.07 -12.36
CA GLN A 879 2.32 19.07 -12.13
C GLN A 879 2.91 20.46 -12.31
N ALA A 880 2.35 21.21 -13.25
CA ALA A 880 2.81 22.56 -13.49
C ALA A 880 2.43 23.45 -12.30
N PRO A 881 3.15 24.54 -12.08
CA PRO A 881 2.79 25.45 -10.98
C PRO A 881 1.53 26.21 -11.32
N PRO A 882 0.89 26.86 -10.33
CA PRO A 882 -0.31 27.65 -10.64
C PRO A 882 -0.01 28.76 -11.63
N GLY A 883 -0.96 29.00 -12.52
CA GLY A 883 -0.76 29.98 -13.57
C GLY A 883 -0.04 29.49 -14.80
N TYR A 884 0.24 28.19 -14.89
CA TYR A 884 0.94 27.61 -16.03
C TYR A 884 0.30 26.27 -16.37
N THR A 885 0.52 25.84 -17.61
CA THR A 885 -0.04 24.59 -18.10
C THR A 885 0.85 24.04 -19.21
N LEU A 886 0.71 22.75 -19.48
CA LEU A 886 1.51 22.05 -20.47
C LEU A 886 0.75 22.01 -21.79
N VAL A 887 1.36 22.57 -22.83
CA VAL A 887 0.84 22.50 -24.20
C VAL A 887 1.76 21.57 -24.97
N GLY A 888 1.20 20.48 -25.49
CA GLY A 888 2.02 19.46 -26.12
C GLY A 888 1.35 18.91 -27.36
N ALA A 889 2.16 18.23 -28.16
CA ALA A 889 1.70 17.61 -29.39
C ALA A 889 2.60 16.44 -29.75
N ASP A 890 1.97 15.41 -30.32
CA ASP A 890 2.66 14.23 -30.82
C ASP A 890 2.60 14.28 -32.34
N VAL A 891 3.73 14.03 -32.99
CA VAL A 891 3.78 14.05 -34.45
C VAL A 891 3.18 12.76 -34.98
N ASP A 892 2.20 12.89 -35.86
CA ASP A 892 1.45 11.75 -36.37
C ASP A 892 2.30 11.05 -37.44
N SER A 893 2.79 9.85 -37.12
CA SER A 893 3.51 9.01 -38.08
C SER A 893 4.76 9.74 -38.62
N GLN A 894 5.67 10.05 -37.71
CA GLN A 894 6.88 10.78 -38.05
C GLN A 894 7.75 10.02 -39.04
N GLU A 895 8.29 8.87 -38.64
CA GLU A 895 9.28 8.21 -39.48
C GLU A 895 8.62 7.48 -40.65
N LEU A 896 7.42 6.96 -40.46
CA LEU A 896 6.68 6.39 -41.59
C LEU A 896 6.50 7.42 -42.69
N TRP A 897 6.02 8.61 -42.33
CA TRP A 897 5.83 9.66 -43.33
C TRP A 897 7.16 10.11 -43.92
N ILE A 898 8.20 10.18 -43.10
CA ILE A 898 9.51 10.62 -43.61
C ILE A 898 10.03 9.64 -44.66
N ALA A 899 9.95 8.35 -44.35
CA ALA A 899 10.40 7.35 -45.32
C ALA A 899 9.55 7.38 -46.57
N ALA A 900 8.23 7.54 -46.41
CA ALA A 900 7.35 7.58 -47.57
C ALA A 900 7.66 8.76 -48.47
N VAL A 901 7.87 9.94 -47.88
CA VAL A 901 8.14 11.12 -48.69
C VAL A 901 9.53 11.04 -49.33
N LEU A 902 10.50 10.44 -48.64
CA LEU A 902 11.81 10.22 -49.25
C LEU A 902 11.68 9.32 -50.48
N GLY A 903 10.93 8.22 -50.35
CA GLY A 903 10.71 7.35 -51.50
C GLY A 903 9.99 8.07 -52.62
N ASP A 904 8.98 8.87 -52.28
CA ASP A 904 8.26 9.63 -53.30
C ASP A 904 9.19 10.59 -54.02
N ALA A 905 10.05 11.29 -53.27
CA ALA A 905 10.97 12.23 -53.90
C ALA A 905 11.94 11.52 -54.82
N HIS A 906 12.42 10.34 -54.41
CA HIS A 906 13.23 9.54 -55.33
C HIS A 906 12.42 9.12 -56.54
N PHE A 907 11.10 8.98 -56.40
CA PHE A 907 10.28 8.45 -57.48
C PHE A 907 9.80 9.56 -58.42
N ALA A 908 9.08 10.55 -57.89
CA ALA A 908 8.50 11.60 -58.71
C ALA A 908 8.25 12.82 -57.82
N GLY A 909 7.51 13.79 -58.36
CA GLY A 909 7.20 15.01 -57.63
C GLY A 909 5.97 14.89 -56.77
N MET A 910 4.86 14.47 -57.37
CA MET A 910 3.62 14.32 -56.62
C MET A 910 3.80 13.27 -55.53
N HIS A 911 3.26 13.55 -54.35
CA HIS A 911 3.48 12.66 -53.21
C HIS A 911 2.80 11.31 -53.39
N GLY A 912 1.66 11.27 -54.07
CA GLY A 912 0.99 10.02 -54.35
C GLY A 912 1.55 9.34 -55.58
N CYS A 913 2.84 8.99 -55.55
CA CYS A 913 3.53 8.42 -56.70
C CYS A 913 4.16 7.06 -56.40
N THR A 914 4.82 6.90 -55.26
CA THR A 914 5.54 5.67 -54.97
C THR A 914 4.63 4.57 -54.41
N ALA A 915 3.37 4.87 -54.13
CA ALA A 915 2.37 3.90 -53.68
C ALA A 915 2.53 3.49 -52.22
N PHE A 916 3.60 3.94 -51.57
CA PHE A 916 3.75 3.81 -50.12
C PHE A 916 3.15 5.03 -49.41
N GLY A 917 3.48 6.22 -49.91
CA GLY A 917 2.85 7.42 -49.40
C GLY A 917 1.35 7.43 -49.61
N TRP A 918 0.88 6.75 -50.67
CA TRP A 918 -0.55 6.70 -50.93
C TRP A 918 -1.29 6.03 -49.77
N MET A 919 -0.76 4.90 -49.29
CA MET A 919 -1.39 4.23 -48.16
C MET A 919 -1.20 5.03 -46.89
N THR A 920 -0.06 5.69 -46.75
CA THR A 920 0.21 6.50 -45.55
C THR A 920 -0.79 7.65 -45.44
N LEU A 921 -1.10 8.29 -46.57
CA LEU A 921 -2.00 9.44 -46.55
C LEU A 921 -3.46 9.01 -46.55
N GLN A 922 -3.87 8.23 -47.56
CA GLN A 922 -5.26 7.82 -47.67
C GLN A 922 -5.65 6.88 -46.54
N GLY A 923 -4.75 5.97 -46.18
CA GLY A 923 -5.10 4.98 -45.17
C GLY A 923 -5.38 5.62 -43.82
N ARG A 924 -6.35 5.04 -43.10
CA ARG A 924 -6.75 5.53 -41.79
C ARG A 924 -6.82 4.35 -40.82
N LYS A 925 -6.63 4.65 -39.54
CA LYS A 925 -6.72 3.61 -38.52
C LYS A 925 -8.11 3.00 -38.47
N SER A 926 -9.14 3.84 -38.54
CA SER A 926 -10.53 3.40 -38.52
C SER A 926 -11.04 3.29 -39.95
N ARG A 927 -11.62 2.14 -40.28
CA ARG A 927 -12.18 1.86 -41.61
C ARG A 927 -11.19 2.21 -42.72
N GLY A 928 -9.93 1.87 -42.50
CA GLY A 928 -8.89 2.15 -43.48
C GLY A 928 -7.82 1.08 -43.44
N THR A 929 -7.18 0.87 -44.58
CA THR A 929 -6.16 -0.16 -44.72
C THR A 929 -4.76 0.42 -44.53
N ASP A 930 -4.56 1.05 -43.37
CA ASP A 930 -3.24 1.55 -43.02
C ASP A 930 -2.35 0.39 -42.57
N LEU A 931 -1.03 0.60 -42.68
CA LEU A 931 -0.09 -0.45 -42.30
C LEU A 931 -0.10 -0.74 -40.82
N HIS A 932 -0.66 0.13 -39.99
CA HIS A 932 -0.74 -0.07 -38.55
C HIS A 932 -2.10 -0.64 -38.21
N SER A 933 -2.13 -1.93 -37.89
CA SER A 933 -3.28 -2.68 -37.37
C SER A 933 -4.34 -2.96 -38.43
N LYS A 934 -4.12 -2.58 -39.70
CA LYS A 934 -5.08 -2.89 -40.75
C LYS A 934 -4.49 -3.82 -41.82
N THR A 935 -3.40 -3.38 -42.46
CA THR A 935 -2.86 -4.14 -43.58
C THR A 935 -1.96 -5.27 -43.12
N ALA A 936 -0.96 -4.94 -42.31
CA ALA A 936 0.00 -5.96 -41.90
C ALA A 936 -0.66 -7.02 -41.03
N THR A 937 -1.59 -6.62 -40.16
CA THR A 937 -2.28 -7.61 -39.33
C THR A 937 -3.10 -8.57 -40.19
N THR A 938 -3.78 -8.04 -41.21
CA THR A 938 -4.52 -8.91 -42.12
C THR A 938 -3.58 -9.84 -42.86
N VAL A 939 -2.45 -9.33 -43.32
CA VAL A 939 -1.47 -10.19 -43.98
C VAL A 939 -0.85 -11.15 -42.97
N GLY A 940 -0.54 -10.66 -41.79
CA GLY A 940 0.03 -11.47 -40.73
C GLY A 940 -1.04 -12.13 -39.88
N ILE A 941 -0.64 -12.53 -38.69
CA ILE A 941 -1.52 -13.19 -37.73
C ILE A 941 -1.80 -12.28 -36.54
N SER A 942 -0.76 -11.78 -35.89
CA SER A 942 -0.92 -11.02 -34.67
C SER A 942 -1.61 -9.69 -34.95
N ARG A 943 -2.35 -9.21 -33.95
CA ARG A 943 -3.08 -7.94 -34.02
C ARG A 943 -2.51 -6.97 -33.00
N GLU A 944 -2.23 -5.75 -33.46
CA GLU A 944 -1.67 -4.63 -32.71
C GLU A 944 -0.18 -4.80 -32.45
N HIS A 945 0.42 -5.96 -32.74
CA HIS A 945 1.86 -6.10 -32.77
C HIS A 945 2.44 -5.78 -34.13
N ALA A 946 1.60 -5.58 -35.14
CA ALA A 946 2.09 -5.27 -36.47
C ALA A 946 2.65 -3.86 -36.56
N LYS A 947 2.25 -2.97 -35.65
CA LYS A 947 2.84 -1.63 -35.64
C LYS A 947 4.30 -1.65 -35.21
N ILE A 948 4.76 -2.74 -34.59
CA ILE A 948 6.18 -2.92 -34.36
C ILE A 948 6.85 -3.58 -35.56
N PHE A 949 6.15 -4.51 -36.22
CA PHE A 949 6.73 -5.18 -37.37
C PHE A 949 6.90 -4.22 -38.55
N ASN A 950 6.00 -3.24 -38.68
CA ASN A 950 6.13 -2.26 -39.75
C ASN A 950 7.31 -1.34 -39.49
N TYR A 951 7.45 -0.85 -38.26
CA TYR A 951 8.63 -0.05 -37.93
C TYR A 951 9.90 -0.86 -38.09
N GLY A 952 9.83 -2.17 -37.89
CA GLY A 952 11.00 -3.01 -38.07
C GLY A 952 11.35 -3.31 -39.51
N ARG A 953 10.80 -2.53 -40.46
CA ARG A 953 11.20 -2.64 -41.86
C ARG A 953 11.54 -1.27 -42.44
N ILE A 954 10.90 -0.21 -41.92
CA ILE A 954 11.28 1.13 -42.35
C ILE A 954 12.56 1.58 -41.64
N TYR A 955 12.81 1.04 -40.44
CA TYR A 955 14.10 1.23 -39.79
C TYR A 955 15.18 0.32 -40.37
N GLY A 956 14.82 -0.56 -41.31
CA GLY A 956 15.79 -1.33 -42.05
C GLY A 956 16.34 -2.54 -41.33
N ALA A 957 15.47 -3.52 -41.06
CA ALA A 957 15.91 -4.79 -40.51
C ALA A 957 16.12 -5.79 -41.65
N GLY A 958 16.29 -7.07 -41.30
CA GLY A 958 16.48 -8.12 -42.28
C GLY A 958 15.51 -9.26 -42.04
N GLN A 959 15.46 -10.17 -43.02
CA GLN A 959 14.53 -11.30 -42.92
C GLN A 959 14.77 -12.16 -41.69
N PRO A 960 15.99 -12.50 -41.28
CA PRO A 960 16.14 -13.26 -40.03
C PRO A 960 15.55 -12.56 -38.82
N PHE A 961 15.72 -11.23 -38.73
CA PHE A 961 15.14 -10.50 -37.61
C PHE A 961 13.62 -10.53 -37.69
N ALA A 962 13.06 -10.44 -38.90
CA ALA A 962 11.62 -10.55 -39.04
C ALA A 962 11.12 -11.91 -38.59
N GLU A 963 11.84 -12.98 -38.96
CA GLU A 963 11.45 -14.32 -38.54
C GLU A 963 11.49 -14.45 -37.02
N ARG A 964 12.55 -13.94 -36.40
CA ARG A 964 12.64 -14.01 -34.94
C ARG A 964 11.52 -13.22 -34.29
N LEU A 965 11.26 -12.01 -34.78
CA LEU A 965 10.22 -11.16 -34.17
C LEU A 965 8.85 -11.82 -34.33
N LEU A 966 8.58 -12.41 -35.48
CA LEU A 966 7.33 -13.14 -35.67
C LEU A 966 7.26 -14.34 -34.73
N MET A 967 8.39 -14.99 -34.48
CA MET A 967 8.40 -16.13 -33.57
C MET A 967 8.02 -15.70 -32.16
N GLN A 968 8.52 -14.54 -31.71
CA GLN A 968 8.16 -14.11 -30.36
C GLN A 968 6.67 -13.81 -30.20
N PHE A 969 5.94 -13.59 -31.30
CA PHE A 969 4.52 -13.28 -31.19
C PHE A 969 3.71 -14.52 -30.84
N ASN A 970 4.02 -15.67 -31.42
CA ASN A 970 3.27 -16.89 -31.15
C ASN A 970 4.14 -18.09 -31.51
N HIS A 971 3.66 -19.27 -31.12
CA HIS A 971 4.43 -20.51 -31.24
C HIS A 971 4.12 -21.15 -32.59
N ARG A 972 5.08 -21.09 -33.51
CA ARG A 972 4.98 -21.72 -34.81
C ARG A 972 6.32 -22.32 -35.19
N LEU A 973 6.29 -23.27 -36.12
CA LEU A 973 7.51 -23.92 -36.58
C LEU A 973 8.20 -23.07 -37.65
N THR A 974 9.45 -23.45 -37.94
CA THR A 974 10.30 -22.61 -38.78
C THR A 974 9.77 -22.47 -40.19
N GLN A 975 9.03 -23.46 -40.69
CA GLN A 975 8.50 -23.38 -42.05
C GLN A 975 7.53 -22.22 -42.18
N GLN A 976 6.71 -21.97 -41.16
CA GLN A 976 5.80 -20.85 -41.15
C GLN A 976 6.44 -19.56 -40.67
N GLU A 977 7.76 -19.57 -40.40
CA GLU A 977 8.47 -18.36 -40.05
C GLU A 977 8.76 -17.58 -41.34
N ALA A 978 9.63 -16.57 -41.25
CA ALA A 978 9.96 -15.76 -42.43
C ALA A 978 11.03 -16.43 -43.29
N ALA A 979 10.80 -17.69 -43.66
CA ALA A 979 11.64 -18.40 -44.60
C ALA A 979 10.85 -18.85 -45.83
N GLU A 980 9.69 -19.48 -45.61
CA GLU A 980 8.74 -19.76 -46.68
C GLU A 980 7.62 -18.73 -46.75
N LYS A 981 7.19 -18.19 -45.62
CA LYS A 981 6.22 -17.10 -45.59
C LYS A 981 6.96 -15.84 -45.99
N ALA A 982 7.07 -15.62 -47.30
CA ALA A 982 7.80 -14.49 -47.85
C ALA A 982 6.88 -13.37 -48.32
N GLN A 983 5.61 -13.38 -47.89
CA GLN A 983 4.65 -12.44 -48.43
C GLN A 983 4.97 -11.01 -48.01
N GLN A 984 5.42 -10.82 -46.77
CA GLN A 984 5.85 -9.48 -46.36
C GLN A 984 7.14 -9.04 -47.06
N MET A 985 8.14 -9.92 -47.11
CA MET A 985 9.40 -9.53 -47.74
C MET A 985 9.28 -9.50 -49.26
N TYR A 986 8.41 -10.33 -49.85
CA TYR A 986 8.11 -10.20 -51.26
C TYR A 986 7.54 -8.83 -51.57
N ALA A 987 6.56 -8.39 -50.78
CA ALA A 987 5.98 -7.07 -50.90
C ALA A 987 6.83 -6.09 -50.10
N ALA A 988 6.36 -4.85 -49.93
CA ALA A 988 7.04 -3.84 -49.13
C ALA A 988 8.50 -3.67 -49.59
N THR A 989 9.47 -4.04 -48.76
CA THR A 989 10.88 -3.92 -49.11
C THR A 989 11.29 -5.14 -49.93
N LYS A 990 11.00 -5.07 -51.23
CA LYS A 990 11.43 -6.12 -52.15
C LYS A 990 12.92 -5.98 -52.42
N GLY A 991 13.73 -6.56 -51.54
CA GLY A 991 15.17 -6.42 -51.60
C GLY A 991 15.82 -7.38 -52.58
N LEU A 992 17.13 -7.20 -52.74
CA LEU A 992 17.94 -8.01 -53.64
C LEU A 992 17.38 -7.99 -55.06
N ARG A 993 16.97 -6.80 -55.51
CA ARG A 993 16.46 -6.61 -56.86
C ARG A 993 17.63 -6.35 -57.80
N TRP A 994 17.75 -7.17 -58.84
CA TRP A 994 18.84 -7.10 -59.81
C TRP A 994 18.26 -7.03 -61.21
N TYR A 995 19.14 -6.98 -62.21
CA TYR A 995 18.75 -6.89 -63.61
C TYR A 995 17.87 -5.66 -63.86
N ARG A 996 18.23 -4.55 -63.23
CA ARG A 996 17.49 -3.30 -63.39
C ARG A 996 18.48 -2.16 -63.25
N LEU A 997 18.92 -1.62 -64.39
CA LEU A 997 19.89 -0.53 -64.39
C LEU A 997 19.77 0.29 -65.68
N LYS A 1050 16.14 -3.85 -53.98
CA LYS A 1050 15.59 -2.71 -53.25
C LYS A 1050 15.10 -1.63 -54.21
N GLY A 1051 15.73 -1.56 -55.38
CA GLY A 1051 15.38 -0.56 -56.36
C GLY A 1051 14.23 -0.97 -57.25
N GLY A 1052 13.07 -0.36 -57.06
CA GLY A 1052 11.93 -0.63 -57.90
C GLY A 1052 11.25 -1.96 -57.58
N THR A 1053 10.29 -2.30 -58.45
CA THR A 1053 9.60 -3.59 -58.44
C THR A 1053 8.71 -3.79 -57.23
N GLU A 1054 8.40 -2.75 -56.46
CA GLU A 1054 7.48 -2.89 -55.34
C GLU A 1054 7.01 -1.51 -54.91
N SER A 1055 6.14 -1.46 -53.90
CA SER A 1055 5.44 -0.24 -53.52
C SER A 1055 6.24 0.66 -52.58
N GLU A 1056 7.37 0.20 -52.04
CA GLU A 1056 8.17 0.99 -51.12
C GLU A 1056 9.55 1.24 -51.70
N MET A 1057 10.01 2.49 -51.63
CA MET A 1057 11.26 2.92 -52.21
C MET A 1057 12.24 3.19 -51.07
N PHE A 1058 12.88 2.12 -50.59
CA PHE A 1058 13.94 2.23 -49.59
C PHE A 1058 15.33 2.26 -50.19
N ASN A 1059 15.46 2.11 -51.52
CA ASN A 1059 16.77 2.19 -52.15
C ASN A 1059 17.40 3.57 -51.97
N LYS A 1060 16.60 4.61 -51.79
CA LYS A 1060 17.16 5.94 -51.53
C LYS A 1060 17.96 5.96 -50.24
N LEU A 1061 17.49 5.27 -49.21
CA LEU A 1061 18.21 5.25 -47.95
C LEU A 1061 19.57 4.58 -48.12
N GLU A 1062 19.62 3.47 -48.85
CA GLU A 1062 20.90 2.81 -49.11
C GLU A 1062 21.82 3.71 -49.93
N SER A 1063 21.27 4.38 -50.94
CA SER A 1063 22.09 5.29 -51.75
C SER A 1063 22.64 6.42 -50.89
N ILE A 1064 21.83 6.94 -49.97
CA ILE A 1064 22.30 7.96 -49.06
C ILE A 1064 23.44 7.42 -48.20
N ALA A 1065 23.28 6.19 -47.70
CA ALA A 1065 24.29 5.63 -46.81
C ALA A 1065 25.64 5.47 -47.50
N THR A 1066 25.63 5.04 -48.76
CA THR A 1066 26.85 4.72 -49.50
C THR A 1066 27.28 5.85 -50.43
N SER A 1067 26.92 7.10 -50.12
CA SER A 1067 27.19 8.23 -50.99
C SER A 1067 28.38 9.08 -50.55
N ASP A 1068 28.89 8.90 -49.32
CA ASP A 1068 30.03 9.62 -48.77
C ASP A 1068 29.76 11.09 -48.50
N ILE A 1069 28.54 11.57 -48.71
CA ILE A 1069 28.14 12.95 -48.41
C ILE A 1069 27.93 13.07 -46.91
N PRO A 1070 27.48 14.21 -46.40
CA PRO A 1070 26.94 14.22 -45.02
C PRO A 1070 25.83 13.21 -44.80
N ARG A 1071 25.03 12.92 -45.82
CA ARG A 1071 23.99 11.88 -45.80
C ARG A 1071 22.80 12.25 -44.92
N THR A 1072 22.51 13.55 -44.80
CA THR A 1072 21.29 14.03 -44.16
C THR A 1072 20.54 14.86 -45.20
N PRO A 1073 19.49 14.33 -45.83
CA PRO A 1073 18.92 15.03 -47.01
C PRO A 1073 18.22 16.34 -46.69
N VAL A 1074 18.07 16.71 -45.42
CA VAL A 1074 17.33 17.90 -45.03
C VAL A 1074 18.27 19.02 -44.59
N LEU A 1075 19.08 18.79 -43.56
CA LEU A 1075 19.97 19.80 -43.01
C LEU A 1075 21.44 19.42 -43.10
N GLY A 1076 21.77 18.27 -43.70
CA GLY A 1076 23.16 17.99 -44.02
C GLY A 1076 24.06 17.70 -42.85
N CYS A 1077 23.53 17.19 -41.74
CA CYS A 1077 24.37 16.73 -40.65
C CYS A 1077 25.09 15.46 -41.05
N CYS A 1078 26.36 15.37 -40.66
CA CYS A 1078 27.23 14.32 -41.17
C CYS A 1078 27.10 13.03 -40.36
N ILE A 1079 27.63 11.96 -40.92
CA ILE A 1079 27.63 10.64 -40.30
C ILE A 1079 28.88 10.48 -39.45
N SER A 1080 28.85 9.51 -38.55
CA SER A 1080 30.03 9.14 -37.79
C SER A 1080 31.12 8.65 -38.72
N ARG A 1081 32.36 9.08 -38.46
CA ARG A 1081 33.49 8.65 -39.29
C ARG A 1081 33.69 7.14 -39.23
N ALA A 1082 33.30 6.52 -38.12
CA ALA A 1082 33.59 5.10 -37.93
C ALA A 1082 32.74 4.19 -38.81
N LEU A 1083 31.58 4.65 -39.24
CA LEU A 1083 30.63 3.81 -39.98
C LEU A 1083 30.62 4.14 -41.49
N GLU A 1084 31.50 5.02 -41.95
CA GLU A 1084 31.53 5.38 -43.36
C GLU A 1084 32.05 4.21 -44.19
N PRO A 1085 31.40 3.85 -45.32
CA PRO A 1085 32.02 2.85 -46.19
C PRO A 1085 33.40 3.24 -46.68
N SER A 1086 33.60 4.53 -47.00
CA SER A 1086 34.90 4.98 -47.48
C SER A 1086 35.97 4.80 -46.41
N ALA A 1087 35.68 5.21 -45.18
CA ALA A 1087 36.63 5.00 -44.09
C ALA A 1087 36.82 3.52 -43.80
N VAL A 1088 35.72 2.76 -43.77
CA VAL A 1088 35.79 1.33 -43.51
C VAL A 1088 34.66 0.63 -44.28
N GLN A 1089 35.03 -0.26 -45.20
CA GLN A 1089 34.02 -1.03 -45.91
C GLN A 1089 33.45 -2.10 -44.99
N GLU A 1090 32.12 -2.18 -44.95
CA GLU A 1090 31.45 -3.12 -44.06
C GLU A 1090 30.05 -3.40 -44.59
N GLU A 1091 29.46 -4.49 -44.11
CA GLU A 1091 28.13 -4.93 -44.52
C GLU A 1091 27.06 -4.52 -43.51
N PHE A 1092 27.27 -3.43 -42.79
CA PHE A 1092 26.30 -2.96 -41.78
C PHE A 1092 25.31 -2.00 -42.42
N MET A 1093 24.64 -2.48 -43.46
CA MET A 1093 23.68 -1.65 -44.18
C MET A 1093 22.51 -1.28 -43.28
N THR A 1094 22.01 -2.25 -42.50
CA THR A 1094 20.84 -2.01 -41.67
C THR A 1094 21.10 -0.89 -40.66
N SER A 1095 22.27 -0.91 -40.03
CA SER A 1095 22.60 0.16 -39.09
C SER A 1095 22.62 1.51 -39.78
N ARG A 1096 23.13 1.57 -41.00
CA ARG A 1096 23.22 2.85 -41.70
C ARG A 1096 21.83 3.37 -42.08
N VAL A 1097 20.93 2.50 -42.54
CA VAL A 1097 19.60 3.00 -42.89
C VAL A 1097 18.84 3.41 -41.64
N ASN A 1098 19.00 2.66 -40.54
CA ASN A 1098 18.45 3.12 -39.27
C ASN A 1098 19.03 4.48 -38.92
N TRP A 1099 20.32 4.68 -39.18
CA TRP A 1099 20.97 5.94 -38.87
C TRP A 1099 20.32 7.07 -39.65
N VAL A 1100 20.06 6.87 -40.94
CA VAL A 1100 19.53 7.98 -41.75
C VAL A 1100 18.08 8.28 -41.35
N VAL A 1101 17.27 7.25 -41.10
CA VAL A 1101 15.88 7.53 -40.75
C VAL A 1101 15.79 8.22 -39.38
N GLN A 1102 16.54 7.73 -38.39
CA GLN A 1102 16.54 8.40 -37.10
C GLN A 1102 17.17 9.79 -37.21
N SER A 1103 18.11 9.97 -38.14
CA SER A 1103 18.68 11.30 -38.37
C SER A 1103 17.60 12.25 -38.84
N SER A 1104 16.80 11.81 -39.80
CA SER A 1104 15.69 12.62 -40.27
C SER A 1104 14.74 12.95 -39.12
N ALA A 1105 14.52 11.98 -38.23
CA ALA A 1105 13.66 12.23 -37.08
C ALA A 1105 14.22 13.34 -36.19
N VAL A 1106 15.50 13.23 -35.81
CA VAL A 1106 16.15 14.23 -34.92
C VAL A 1106 16.31 15.55 -35.68
N ASP A 1107 16.45 15.51 -37.01
CA ASP A 1107 16.51 16.72 -37.85
C ASP A 1107 15.13 17.38 -37.80
N TYR A 1108 14.06 16.58 -37.79
CA TYR A 1108 12.67 17.08 -37.71
C TYR A 1108 12.46 17.75 -36.36
N LEU A 1109 12.88 17.13 -35.26
CA LEU A 1109 12.77 17.67 -33.90
C LEU A 1109 13.50 19.00 -33.76
N HIS A 1110 14.71 19.08 -34.31
CA HIS A 1110 15.47 20.33 -34.25
C HIS A 1110 14.73 21.45 -34.96
N LEU A 1111 14.14 21.15 -36.11
CA LEU A 1111 13.39 22.16 -36.85
C LEU A 1111 12.21 22.67 -36.05
N MET A 1112 11.45 21.76 -35.41
CA MET A 1112 10.36 22.22 -34.56
C MET A 1112 10.87 23.06 -33.41
N LEU A 1113 11.99 22.66 -32.80
CA LEU A 1113 12.50 23.39 -31.65
C LEU A 1113 12.89 24.81 -32.03
N VAL A 1114 13.63 24.97 -33.14
CA VAL A 1114 14.03 26.30 -33.56
C VAL A 1114 12.81 27.13 -33.94
N ALA A 1115 11.84 26.53 -34.64
CA ALA A 1115 10.67 27.30 -35.05
C ALA A 1115 9.88 27.76 -33.84
N MET A 1116 9.71 26.88 -32.84
CA MET A 1116 8.97 27.26 -31.64
C MET A 1116 9.70 28.34 -30.87
N LYS A 1117 11.03 28.23 -30.78
CA LYS A 1117 11.81 29.26 -30.11
C LYS A 1117 11.66 30.61 -30.80
N TRP A 1118 11.72 30.61 -32.14
CA TRP A 1118 11.57 31.84 -32.89
C TRP A 1118 10.19 32.44 -32.70
N LEU A 1119 9.15 31.60 -32.75
CA LEU A 1119 7.79 32.12 -32.61
C LEU A 1119 7.55 32.64 -31.20
N PHE A 1120 8.16 32.03 -30.19
CA PHE A 1120 8.03 32.53 -28.83
C PHE A 1120 8.76 33.86 -28.67
N GLU A 1121 9.98 33.97 -29.18
CA GLU A 1121 10.74 35.21 -28.99
C GLU A 1121 10.23 36.34 -29.86
N GLU A 1122 9.49 36.04 -30.93
CA GLU A 1122 8.95 37.10 -31.78
C GLU A 1122 7.90 37.92 -31.02
N PHE A 1123 7.03 37.25 -30.27
CA PHE A 1123 5.92 37.88 -29.57
C PHE A 1123 6.12 37.74 -28.06
N ALA A 1124 5.23 38.39 -27.31
CA ALA A 1124 5.29 38.36 -25.85
C ALA A 1124 4.52 37.14 -25.32
N ILE A 1125 5.10 35.97 -25.57
CA ILE A 1125 4.54 34.68 -25.16
C ILE A 1125 5.41 34.12 -24.06
N ASP A 1126 4.80 33.82 -22.91
CA ASP A 1126 5.51 33.25 -21.77
C ASP A 1126 5.49 31.72 -21.87
N GLY A 1127 6.21 31.23 -22.87
CA GLY A 1127 6.29 29.80 -23.13
C GLY A 1127 7.71 29.36 -23.47
N ARG A 1128 8.21 28.37 -22.74
CA ARG A 1128 9.59 27.91 -22.92
C ARG A 1128 9.69 26.50 -22.34
N PHE A 1129 10.93 26.05 -22.10
CA PHE A 1129 11.20 24.76 -21.46
C PHE A 1129 10.63 23.60 -22.28
N CYS A 1130 11.21 23.44 -23.47
CA CYS A 1130 10.86 22.32 -24.33
C CYS A 1130 11.21 21.01 -23.66
N ILE A 1131 10.34 20.01 -23.82
CA ILE A 1131 10.57 18.64 -23.36
C ILE A 1131 10.20 17.70 -24.50
N SER A 1132 11.16 16.88 -24.92
CA SER A 1132 10.97 15.93 -26.01
C SER A 1132 10.97 14.53 -25.44
N ILE A 1133 9.89 13.79 -25.68
CA ILE A 1133 9.74 12.41 -25.22
C ILE A 1133 9.19 11.60 -26.38
N HIS A 1134 9.98 10.65 -26.88
CA HIS A 1134 9.51 9.69 -27.93
C HIS A 1134 8.59 10.40 -28.92
N ASP A 1135 9.12 11.36 -29.69
CA ASP A 1135 8.34 12.05 -30.74
C ASP A 1135 7.10 12.73 -30.15
N GLU A 1136 7.22 13.40 -28.99
CA GLU A 1136 6.10 14.17 -28.37
C GLU A 1136 6.68 15.41 -27.69
N VAL A 1137 6.45 16.60 -28.25
CA VAL A 1137 7.02 17.84 -27.72
C VAL A 1137 6.01 18.50 -26.80
N ARG A 1138 6.44 18.79 -25.57
CA ARG A 1138 5.60 19.44 -24.57
C ARG A 1138 6.33 20.68 -24.07
N TYR A 1139 5.60 21.79 -23.94
CA TYR A 1139 6.14 23.04 -23.42
C TYR A 1139 5.29 23.50 -22.26
N LEU A 1140 5.92 24.24 -21.34
CA LEU A 1140 5.23 24.84 -20.20
C LEU A 1140 4.98 26.31 -20.53
N VAL A 1141 3.71 26.71 -20.55
CA VAL A 1141 3.32 28.05 -20.96
C VAL A 1141 2.31 28.61 -19.97
N ARG A 1142 2.35 29.92 -19.77
CA ARG A 1142 1.40 30.58 -18.91
C ARG A 1142 -0.01 30.44 -19.48
N GLU A 1143 -1.00 30.39 -18.59
CA GLU A 1143 -2.38 30.18 -19.01
C GLU A 1143 -2.86 31.31 -19.92
N GLU A 1144 -2.51 32.55 -19.58
CA GLU A 1144 -3.07 33.71 -20.27
C GLU A 1144 -2.79 33.71 -21.76
N ASP A 1145 -1.76 32.99 -22.21
CA ASP A 1145 -1.43 32.91 -23.63
C ASP A 1145 -1.46 31.47 -24.14
N ARG A 1146 -2.01 30.54 -23.36
CA ARG A 1146 -1.83 29.12 -23.65
C ARG A 1146 -2.36 28.74 -25.03
N TYR A 1147 -3.52 29.26 -25.40
CA TYR A 1147 -4.09 28.93 -26.70
C TYR A 1147 -3.15 29.36 -27.81
N ARG A 1148 -2.54 30.54 -27.69
CA ARG A 1148 -1.58 30.99 -28.69
C ARG A 1148 -0.42 30.01 -28.77
N ALA A 1149 0.05 29.51 -27.62
CA ALA A 1149 1.13 28.53 -27.62
C ALA A 1149 0.73 27.30 -28.41
N ALA A 1150 -0.56 26.94 -28.40
CA ALA A 1150 -1.01 25.83 -29.24
C ALA A 1150 -0.93 26.22 -30.71
N LEU A 1151 -1.41 27.42 -31.05
CA LEU A 1151 -1.50 27.83 -32.45
C LEU A 1151 -0.15 27.74 -33.14
N ALA A 1152 0.87 28.38 -32.55
CA ALA A 1152 2.21 28.35 -33.12
C ALA A 1152 2.65 26.92 -33.39
N LEU A 1153 2.36 26.01 -32.46
CA LEU A 1153 2.78 24.62 -32.64
C LEU A 1153 2.23 24.05 -33.93
N GLN A 1154 0.94 24.28 -34.20
CA GLN A 1154 0.38 23.83 -35.47
C GLN A 1154 1.15 24.45 -36.64
N ILE A 1155 1.37 25.77 -36.60
CA ILE A 1155 2.10 26.43 -37.66
C ILE A 1155 3.49 25.83 -37.80
N THR A 1156 4.09 25.39 -36.68
CA THR A 1156 5.41 24.78 -36.77
C THR A 1156 5.38 23.59 -37.72
N ASN A 1157 4.41 22.70 -37.54
CA ASN A 1157 4.30 21.54 -38.40
C ASN A 1157 4.06 21.93 -39.85
N LEU A 1158 3.51 23.11 -40.11
CA LEU A 1158 3.37 23.56 -41.48
C LEU A 1158 4.74 23.80 -42.12
N LEU A 1159 5.63 24.51 -41.42
CA LEU A 1159 6.93 24.79 -42.02
C LEU A 1159 7.82 23.56 -41.99
N THR A 1160 7.89 22.88 -40.85
CA THR A 1160 8.78 21.74 -40.71
C THR A 1160 8.53 20.70 -41.78
N ARG A 1161 7.28 20.25 -41.91
CA ARG A 1161 6.93 19.35 -42.99
C ARG A 1161 7.28 19.96 -44.34
N CYS A 1162 6.93 21.23 -44.53
CA CYS A 1162 7.25 21.89 -45.80
C CYS A 1162 8.75 21.95 -46.01
N MET A 1163 9.52 22.09 -44.94
CA MET A 1163 10.97 22.04 -45.10
C MET A 1163 11.39 20.69 -45.63
N PHE A 1164 10.84 19.62 -45.07
CA PHE A 1164 11.09 18.29 -45.61
C PHE A 1164 10.58 18.17 -47.03
N ALA A 1165 9.54 18.93 -47.36
CA ALA A 1165 9.02 18.97 -48.72
C ALA A 1165 9.70 20.00 -49.60
N TYR A 1166 10.62 20.80 -49.05
CA TYR A 1166 11.32 21.78 -49.88
C TYR A 1166 12.56 21.21 -50.53
N LYS A 1167 13.35 20.42 -49.80
CA LYS A 1167 14.56 19.86 -50.36
C LYS A 1167 14.23 18.69 -51.27
N LEU A 1168 15.26 18.17 -51.92
CA LEU A 1168 15.13 17.01 -52.81
C LEU A 1168 14.14 17.27 -53.94
N GLY A 1169 14.08 18.51 -54.42
CA GLY A 1169 13.29 18.83 -55.58
C GLY A 1169 11.81 18.59 -55.44
N LEU A 1170 11.23 19.02 -54.32
CA LEU A 1170 9.79 18.96 -54.10
C LEU A 1170 9.29 20.34 -53.71
N ASN A 1171 8.01 20.61 -54.02
CA ASN A 1171 7.43 21.92 -53.75
C ASN A 1171 5.99 21.85 -53.26
N ASP A 1172 5.45 20.66 -53.02
CA ASP A 1172 4.07 20.51 -52.58
C ASP A 1172 3.99 19.49 -51.47
N LEU A 1173 2.91 19.55 -50.71
CA LEU A 1173 2.68 18.71 -49.54
C LEU A 1173 1.22 18.32 -49.49
N PRO A 1174 0.88 17.11 -49.02
CA PRO A 1174 -0.54 16.78 -48.86
C PRO A 1174 -1.21 17.63 -47.81
N GLN A 1175 -2.51 17.87 -48.01
CA GLN A 1175 -3.25 18.74 -47.10
C GLN A 1175 -3.31 18.16 -45.69
N SER A 1176 -3.52 16.85 -45.58
CA SER A 1176 -3.76 16.25 -44.27
C SER A 1176 -2.55 16.36 -43.36
N VAL A 1177 -1.34 16.12 -43.89
CA VAL A 1177 -0.15 16.09 -43.06
C VAL A 1177 0.40 17.47 -42.73
N ALA A 1178 -0.29 18.54 -43.15
CA ALA A 1178 0.18 19.90 -42.90
C ALA A 1178 -0.21 20.42 -41.53
N PHE A 1179 -0.91 19.63 -40.71
CA PHE A 1179 -1.32 20.07 -39.39
C PHE A 1179 -1.36 18.88 -38.45
N PHE A 1180 -1.27 19.17 -37.16
CA PHE A 1180 -1.35 18.12 -36.15
C PHE A 1180 -2.80 17.67 -35.99
N SER A 1181 -2.96 16.40 -35.59
CA SER A 1181 -4.30 15.88 -35.32
C SER A 1181 -4.95 16.62 -34.17
N ALA A 1182 -4.20 16.89 -33.10
CA ALA A 1182 -4.72 17.62 -31.96
C ALA A 1182 -3.54 18.13 -31.13
N VAL A 1183 -3.84 19.12 -30.29
CA VAL A 1183 -2.86 19.72 -29.38
C VAL A 1183 -3.41 19.60 -27.97
N ASP A 1184 -2.69 18.88 -27.11
CA ASP A 1184 -3.15 18.59 -25.76
C ASP A 1184 -2.71 19.72 -24.83
N ILE A 1185 -3.69 20.38 -24.21
CA ILE A 1185 -3.46 21.46 -23.25
C ILE A 1185 -3.94 20.95 -21.91
N ASP A 1186 -3.00 20.52 -21.06
CA ASP A 1186 -3.31 19.85 -19.80
C ASP A 1186 -2.57 20.55 -18.66
N ARG A 1187 -2.81 20.07 -17.44
CA ARG A 1187 -2.05 20.47 -16.26
C ARG A 1187 -1.07 19.40 -15.81
N CYS A 1188 -0.94 18.31 -16.56
CA CYS A 1188 0.01 17.25 -16.22
C CYS A 1188 0.34 16.48 -17.48
N LEU A 1189 1.44 15.73 -17.43
CA LEU A 1189 1.93 14.99 -18.59
C LEU A 1189 1.30 13.60 -18.63
N ARG A 1190 0.71 13.27 -19.76
CA ARG A 1190 0.14 11.94 -19.96
C ARG A 1190 -0.04 11.71 -21.46
N LYS A 1191 -0.14 10.44 -21.84
CA LYS A 1191 -0.25 10.10 -23.24
C LYS A 1191 -1.50 10.67 -23.87
N GLU A 1192 -2.63 10.59 -23.17
CA GLU A 1192 -3.89 11.17 -23.60
C GLU A 1192 -4.51 11.93 -22.45
N VAL A 1193 -5.34 12.92 -22.80
CA VAL A 1193 -5.93 13.78 -21.78
C VAL A 1193 -6.87 12.99 -20.88
N THR A 1194 -7.70 12.12 -21.46
CA THR A 1194 -8.72 11.40 -20.72
C THR A 1194 -8.21 10.00 -20.38
N MET A 1195 -7.34 9.94 -19.37
CA MET A 1195 -6.84 8.68 -18.83
C MET A 1195 -6.86 8.75 -17.31
N ASP A 1196 -6.73 7.57 -16.70
CA ASP A 1196 -6.75 7.40 -15.25
C ASP A 1196 -5.51 6.62 -14.82
N CYS A 1197 -5.38 6.42 -13.51
CA CYS A 1197 -4.26 5.71 -12.92
C CYS A 1197 -4.76 4.47 -12.20
N LYS A 1198 -3.87 3.47 -12.09
CA LYS A 1198 -4.23 2.18 -11.53
C LYS A 1198 -3.95 2.11 -10.03
N THR A 1199 -2.70 2.27 -9.64
CA THR A 1199 -2.31 2.02 -8.25
C THR A 1199 -3.03 2.95 -7.28
N PRO A 1200 -3.14 4.26 -7.51
CA PRO A 1200 -3.93 5.09 -6.60
C PRO A 1200 -5.41 4.76 -6.73
N SER A 1201 -6.21 5.39 -5.86
CA SER A 1201 -7.65 5.20 -5.92
C SER A 1201 -8.21 5.65 -7.25
N ASN A 1202 -7.77 6.81 -7.74
CA ASN A 1202 -8.23 7.36 -9.01
C ASN A 1202 -7.43 8.63 -9.29
N PRO A 1203 -7.52 9.20 -10.50
CA PRO A 1203 -6.83 10.47 -10.75
C PRO A 1203 -7.29 11.60 -9.85
N THR A 1204 -8.52 11.52 -9.32
CA THR A 1204 -8.98 12.55 -8.38
C THR A 1204 -8.13 12.59 -7.11
N GLY A 1205 -7.47 11.48 -6.76
CA GLY A 1205 -6.55 11.52 -5.64
C GLY A 1205 -5.43 12.52 -5.86
N MET A 1206 -4.88 12.55 -7.07
CA MET A 1206 -3.97 13.60 -7.47
C MET A 1206 -4.77 14.81 -7.94
N GLU A 1207 -4.06 15.93 -8.14
CA GLU A 1207 -4.68 17.16 -8.64
C GLU A 1207 -4.56 17.22 -10.17
N ARG A 1208 -5.20 16.25 -10.81
CA ARG A 1208 -5.18 16.09 -12.27
C ARG A 1208 -6.58 16.36 -12.80
N ARG A 1209 -6.80 17.58 -13.29
CA ARG A 1209 -8.06 17.96 -13.92
C ARG A 1209 -8.05 17.44 -15.35
N TYR A 1210 -9.00 17.88 -16.16
CA TYR A 1210 -9.14 17.46 -17.55
C TYR A 1210 -8.89 18.65 -18.47
N GLY A 1211 -8.04 18.46 -19.46
CA GLY A 1211 -7.69 19.50 -20.41
C GLY A 1211 -8.63 19.54 -21.60
N ILE A 1212 -8.13 20.12 -22.69
CA ILE A 1212 -8.92 20.32 -23.91
C ILE A 1212 -8.01 20.09 -25.11
N PRO A 1213 -8.13 18.98 -25.84
CA PRO A 1213 -7.25 18.77 -27.02
C PRO A 1213 -7.42 19.81 -28.13
N GLN A 1214 -8.37 20.74 -28.04
CA GLN A 1214 -8.53 21.80 -29.03
C GLN A 1214 -8.83 21.21 -30.42
N GLY A 1215 -7.86 21.25 -31.33
CA GLY A 1215 -8.08 20.85 -32.71
C GLY A 1215 -8.31 22.03 -33.63
N GLU A 1216 -9.54 22.19 -34.11
CA GLU A 1216 -9.90 23.32 -34.96
C GLU A 1216 -10.21 24.58 -34.17
N ALA A 1217 -10.45 24.46 -32.86
CA ALA A 1217 -10.79 25.64 -32.07
C ALA A 1217 -9.63 26.62 -31.99
N LEU A 1218 -8.41 26.11 -31.86
CA LEU A 1218 -7.25 27.00 -31.74
C LEU A 1218 -7.03 27.83 -32.99
N ASP A 1219 -7.48 27.33 -34.15
CA ASP A 1219 -7.22 28.01 -35.42
C ASP A 1219 -8.04 29.27 -35.59
N ILE A 1220 -9.00 29.55 -34.70
CA ILE A 1220 -9.84 30.74 -34.86
C ILE A 1220 -9.17 32.00 -34.32
N TYR A 1221 -8.12 31.87 -33.51
CA TYR A 1221 -7.48 33.01 -32.89
C TYR A 1221 -6.37 33.56 -33.80
N GLN A 1222 -5.69 34.60 -33.31
CA GLN A 1222 -4.58 35.21 -34.02
C GLN A 1222 -3.34 35.20 -33.12
N ILE A 1223 -2.18 35.40 -33.76
CA ILE A 1223 -0.90 35.33 -33.05
C ILE A 1223 -0.55 36.62 -32.34
N ILE A 1224 -1.40 37.65 -32.42
CA ILE A 1224 -1.16 38.91 -31.73
C ILE A 1224 -1.61 38.74 -30.27
N GLU A 1225 -1.23 39.64 -29.37
CA GLU A 1225 -1.60 39.55 -27.93
C GLU A 1225 -3.12 39.68 -27.75
N LEU A 1226 -3.84 40.40 -28.62
CA LEU A 1226 -5.31 40.65 -28.46
C LEU A 1226 -6.14 39.71 -29.34
N THR A 1227 -6.33 38.46 -28.95
CA THR A 1227 -7.05 37.46 -29.80
C THR A 1227 -8.57 37.61 -29.71
N LYS A 1228 -9.27 37.95 -30.81
CA LYS A 1228 -10.72 38.06 -30.96
C LYS A 1228 -11.35 38.98 -29.90
N GLY A 1229 -10.58 39.94 -29.39
CA GLY A 1229 -11.05 40.85 -28.38
C GLY A 1229 -11.22 40.26 -27.00
N SER A 1230 -10.88 38.98 -26.81
CA SER A 1230 -11.05 38.36 -25.50
C SER A 1230 -10.05 38.90 -24.50
N LEU A 1231 -8.78 39.04 -24.91
CA LEU A 1231 -7.76 39.55 -24.00
C LEU A 1231 -8.00 41.03 -23.72
N GLU A 1232 -7.77 41.42 -22.46
CA GLU A 1232 -7.96 42.80 -22.04
C GLU A 1232 -9.41 43.24 -22.23
N GLU B 64 -21.84 -28.10 -2.21
CA GLU B 64 -20.80 -28.75 -3.06
C GLU B 64 -19.42 -28.60 -2.42
N GLY B 65 -19.38 -28.69 -1.09
CA GLY B 65 -18.15 -28.55 -0.34
C GLY B 65 -17.78 -27.13 0.03
N SER B 66 -18.52 -26.13 -0.46
CA SER B 66 -18.27 -24.73 -0.14
C SER B 66 -19.51 -24.17 0.55
N GLU B 67 -19.33 -23.67 1.78
CA GLU B 67 -20.36 -23.11 2.62
C GLU B 67 -21.34 -24.17 3.15
N ALA B 68 -21.12 -25.45 2.84
CA ALA B 68 -21.92 -26.54 3.37
C ALA B 68 -21.08 -27.57 4.10
N LEU B 69 -19.90 -27.90 3.57
CA LEU B 69 -18.94 -28.72 4.30
C LEU B 69 -18.19 -27.92 5.35
N LEU B 70 -18.15 -26.59 5.22
CA LEU B 70 -17.54 -25.77 6.25
C LEU B 70 -18.42 -25.65 7.48
N GLU B 71 -19.74 -25.51 7.30
CA GLU B 71 -20.63 -25.38 8.44
C GLU B 71 -20.55 -26.62 9.32
N ILE B 72 -20.52 -27.80 8.72
CA ILE B 72 -20.03 -28.96 9.44
C ILE B 72 -18.56 -28.73 9.74
N CYS B 73 -18.15 -29.06 10.97
CA CYS B 73 -16.85 -28.70 11.54
C CYS B 73 -16.80 -27.25 12.01
N GLN B 74 -17.98 -26.62 12.14
CA GLN B 74 -18.11 -25.28 12.75
C GLN B 74 -19.05 -25.51 13.94
N ARG B 75 -20.35 -25.68 13.70
CA ARG B 75 -21.29 -26.01 14.80
C ARG B 75 -20.77 -27.30 15.46
N ARG B 76 -20.18 -28.22 14.70
CA ARG B 76 -19.60 -29.48 15.24
C ARG B 76 -18.39 -29.18 16.14
N HIS B 77 -17.49 -28.30 15.73
CA HIS B 77 -16.27 -27.94 16.52
C HIS B 77 -16.59 -26.72 17.39
N PHE B 78 -17.88 -26.49 17.64
CA PHE B 78 -18.37 -25.40 18.49
C PHE B 78 -17.68 -24.08 18.19
N LEU B 79 -17.48 -23.79 16.90
CA LEU B 79 -17.18 -22.44 16.46
C LEU B 79 -18.43 -21.61 16.21
N SER B 80 -19.61 -22.23 16.23
CA SER B 80 -20.88 -21.52 16.10
C SER B 80 -21.94 -22.29 16.87
N GLY B 81 -23.00 -21.58 17.24
CA GLY B 81 -24.10 -22.19 17.97
C GLY B 81 -24.72 -23.35 17.21
N SER B 82 -24.85 -24.50 17.88
CA SER B 82 -25.28 -25.73 17.23
C SER B 82 -26.78 -25.93 17.46
N LYS B 83 -27.56 -25.74 16.40
CA LYS B 83 -28.98 -26.09 16.42
C LYS B 83 -29.41 -26.76 15.12
N GLN B 84 -28.50 -26.98 14.17
CA GLN B 84 -28.81 -27.45 12.82
C GLN B 84 -29.51 -26.34 12.03
N GLN B 85 -29.03 -25.11 12.18
CA GLN B 85 -29.56 -23.99 11.41
C GLN B 85 -29.31 -24.20 9.92
N LEU B 86 -28.05 -24.26 9.51
CA LEU B 86 -27.66 -24.46 8.12
C LEU B 86 -28.25 -23.36 7.22
N SER B 87 -28.21 -22.12 7.71
CA SER B 87 -28.71 -20.97 6.97
C SER B 87 -27.63 -19.91 6.89
N ARG B 88 -27.26 -19.51 5.67
CA ARG B 88 -26.33 -18.41 5.50
C ARG B 88 -27.00 -17.07 5.75
N ASP B 89 -28.27 -16.94 5.36
CA ASP B 89 -28.98 -15.68 5.57
C ASP B 89 -29.17 -15.41 7.06
N SER B 90 -29.41 -16.47 7.85
CA SER B 90 -29.55 -16.29 9.28
C SER B 90 -28.26 -15.76 9.90
N LEU B 91 -27.12 -16.31 9.49
CA LEU B 91 -25.84 -15.83 9.99
C LEU B 91 -25.59 -14.40 9.55
N LEU B 92 -25.88 -14.09 8.29
CA LEU B 92 -25.60 -12.75 7.78
C LEU B 92 -26.53 -11.71 8.40
N SER B 93 -27.72 -12.12 8.86
CA SER B 93 -28.69 -11.19 9.40
C SER B 93 -28.57 -11.02 10.91
N GLY B 94 -27.93 -11.95 11.60
CA GLY B 94 -27.77 -11.86 13.04
C GLY B 94 -28.85 -12.51 13.86
N CYS B 95 -29.66 -13.39 13.27
CA CYS B 95 -30.68 -14.12 13.99
C CYS B 95 -30.21 -15.51 14.45
N HIS B 96 -28.94 -15.83 14.25
CA HIS B 96 -28.45 -17.12 14.72
C HIS B 96 -28.59 -17.22 16.24
N PRO B 97 -28.72 -18.44 16.78
CA PRO B 97 -28.84 -18.55 18.25
C PRO B 97 -27.64 -17.99 18.99
N GLY B 98 -26.45 -18.12 18.43
CA GLY B 98 -25.25 -17.61 19.07
C GLY B 98 -24.03 -18.32 18.55
N PHE B 99 -22.89 -17.97 19.15
CA PHE B 99 -21.60 -18.54 18.81
C PHE B 99 -21.17 -19.53 19.88
N GLY B 100 -20.46 -20.57 19.46
CA GLY B 100 -19.90 -21.52 20.38
C GLY B 100 -18.71 -20.92 21.10
N PRO B 101 -18.19 -21.62 22.12
CA PRO B 101 -17.04 -21.07 22.85
C PRO B 101 -15.83 -20.78 21.97
N LEU B 102 -15.53 -21.65 21.01
CA LEU B 102 -14.45 -21.34 20.08
C LEU B 102 -14.78 -20.11 19.24
N GLY B 103 -16.03 -20.00 18.80
CA GLY B 103 -16.44 -18.81 18.07
C GLY B 103 -16.34 -17.56 18.92
N VAL B 104 -16.73 -17.66 20.20
CA VAL B 104 -16.62 -16.51 21.09
C VAL B 104 -15.16 -16.12 21.26
N GLU B 105 -14.27 -17.10 21.42
CA GLU B 105 -12.85 -16.79 21.55
C GLU B 105 -12.29 -16.16 20.30
N LEU B 106 -12.69 -16.66 19.12
CA LEU B 106 -12.23 -16.07 17.87
C LEU B 106 -12.70 -14.64 17.73
N ARG B 107 -13.96 -14.38 18.07
CA ARG B 107 -14.46 -13.01 18.02
C ARG B 107 -13.74 -12.12 19.03
N LYS B 108 -13.44 -12.66 20.20
CA LYS B 108 -12.70 -11.88 21.21
C LYS B 108 -11.31 -11.53 20.71
N ASN B 109 -10.62 -12.49 20.08
CA ASN B 109 -9.31 -12.21 19.52
C ASN B 109 -9.38 -11.17 18.42
N LEU B 110 -10.39 -11.27 17.55
CA LEU B 110 -10.55 -10.29 16.49
C LEU B 110 -10.81 -8.90 17.06
N ALA B 111 -11.65 -8.82 18.08
CA ALA B 111 -11.91 -7.54 18.73
C ALA B 111 -10.66 -6.99 19.38
N ALA B 112 -9.86 -7.86 19.99
CA ALA B 112 -8.61 -7.42 20.59
C ALA B 112 -7.65 -6.86 19.54
N GLU B 113 -7.55 -7.54 18.40
CA GLU B 113 -6.69 -7.04 17.33
C GLU B 113 -7.19 -5.69 16.81
N TRP B 114 -8.50 -5.56 16.64
CA TRP B 114 -9.08 -4.28 16.20
C TRP B 114 -8.76 -3.19 17.20
N TRP B 115 -8.93 -3.47 18.50
CA TRP B 115 -8.64 -2.49 19.53
C TRP B 115 -7.16 -2.10 19.53
N THR B 116 -6.27 -3.08 19.39
CA THR B 116 -4.85 -2.78 19.41
C THR B 116 -4.43 -1.96 18.19
N SER B 117 -5.04 -2.23 17.03
CA SER B 117 -4.62 -1.54 15.82
C SER B 117 -5.27 -0.18 15.65
N VAL B 118 -6.43 0.05 16.27
CA VAL B 118 -7.18 1.29 16.02
C VAL B 118 -6.90 2.31 17.11
N VAL B 119 -7.21 1.96 18.36
CA VAL B 119 -7.11 2.93 19.46
C VAL B 119 -5.75 2.84 20.14
N VAL B 120 -5.21 1.63 20.32
CA VAL B 120 -3.82 1.49 20.71
C VAL B 120 -2.95 1.66 19.46
N PHE B 121 -1.69 2.00 19.69
CA PHE B 121 -0.76 2.38 18.61
C PHE B 121 -1.28 3.60 17.85
N ARG B 122 -2.13 4.41 18.49
CA ARG B 122 -2.71 5.57 17.84
C ARG B 122 -3.11 6.55 18.93
N GLU B 123 -2.32 7.63 19.09
CA GLU B 123 -2.67 8.66 20.05
C GLU B 123 -3.97 9.33 19.62
N GLN B 124 -4.56 10.08 20.55
CA GLN B 124 -5.77 10.88 20.28
C GLN B 124 -6.95 10.01 19.89
N VAL B 125 -6.95 8.75 20.32
CA VAL B 125 -8.10 7.86 20.19
C VAL B 125 -8.40 7.31 21.57
N PHE B 126 -9.65 7.44 22.01
CA PHE B 126 -10.03 7.11 23.38
C PHE B 126 -11.29 6.26 23.39
N PRO B 127 -11.48 5.44 24.43
CA PRO B 127 -12.69 4.62 24.50
C PRO B 127 -13.91 5.44 24.90
N VAL B 128 -15.07 4.88 24.58
CA VAL B 128 -16.36 5.46 24.96
C VAL B 128 -17.38 4.34 25.01
N ASP B 129 -18.36 4.49 25.89
CA ASP B 129 -19.45 3.53 26.06
C ASP B 129 -20.77 4.18 25.70
N ALA B 130 -21.55 3.50 24.88
CA ALA B 130 -22.88 3.95 24.48
C ALA B 130 -23.91 2.95 24.98
N LEU B 131 -24.97 3.46 25.60
CA LEU B 131 -26.00 2.58 26.15
C LEU B 131 -26.69 1.81 25.04
N HIS B 132 -27.17 0.61 25.39
CA HIS B 132 -27.88 -0.21 24.42
C HIS B 132 -29.27 0.33 24.09
N HIS B 133 -29.77 1.29 24.86
CA HIS B 133 -31.09 1.87 24.63
C HIS B 133 -30.99 3.38 24.73
N LYS B 134 -31.92 4.07 24.08
CA LYS B 134 -32.00 5.51 24.09
C LYS B 134 -33.16 6.00 24.95
N PRO B 135 -33.13 7.26 25.44
CA PRO B 135 -34.22 7.77 26.26
C PRO B 135 -35.60 7.62 25.64
N GLY B 136 -36.64 7.83 26.45
CA GLY B 136 -38.00 7.65 26.02
C GLY B 136 -38.51 8.74 25.09
N PRO B 137 -38.65 9.97 25.60
CA PRO B 137 -39.32 11.01 24.84
C PRO B 137 -38.37 11.78 23.92
N LEU B 138 -38.97 12.69 23.15
CA LEU B 138 -38.24 13.46 22.14
C LEU B 138 -37.60 12.51 21.12
N LEU B 139 -38.41 11.62 20.58
CA LEU B 139 -37.97 10.55 19.67
C LEU B 139 -38.88 10.55 18.45
N PRO B 140 -38.64 11.44 17.48
CA PRO B 140 -39.47 11.43 16.26
C PRO B 140 -39.23 10.18 15.45
N GLY B 141 -40.24 9.80 14.67
CA GLY B 141 -40.22 8.58 13.88
C GLY B 141 -40.93 7.44 14.59
N ASP B 142 -41.03 6.32 13.88
CA ASP B 142 -41.73 5.16 14.40
C ASP B 142 -41.25 3.92 13.67
N SER B 143 -41.52 2.76 14.27
CA SER B 143 -41.13 1.49 13.68
C SER B 143 -42.04 1.16 12.48
N ALA B 144 -41.59 0.18 11.69
CA ALA B 144 -42.28 -0.14 10.45
C ALA B 144 -43.69 -0.67 10.71
N PHE B 145 -43.81 -1.69 11.55
CA PHE B 145 -45.12 -2.31 11.78
C PHE B 145 -45.98 -1.49 12.74
N ARG B 146 -45.37 -0.66 13.59
CA ARG B 146 -46.16 0.24 14.42
C ARG B 146 -46.89 1.29 13.60
N LEU B 147 -46.48 1.51 12.34
CA LEU B 147 -47.12 2.48 11.47
C LEU B 147 -48.18 1.79 10.61
N VAL B 148 -49.30 1.47 11.25
CA VAL B 148 -50.44 0.85 10.58
C VAL B 148 -51.71 1.45 11.17
N SER B 149 -52.43 2.23 10.34
CA SER B 149 -53.73 2.78 10.72
C SER B 149 -54.70 2.77 9.55
N ALA B 150 -54.51 1.85 8.61
CA ALA B 150 -55.31 1.87 7.38
C ALA B 150 -56.78 1.57 7.67
N GLU B 151 -57.05 0.50 8.40
CA GLU B 151 -58.42 0.06 8.63
C GLU B 151 -58.45 -0.80 9.89
N THR B 152 -59.57 -1.50 10.10
CA THR B 152 -59.75 -2.38 11.25
C THR B 152 -59.68 -1.59 12.56
N LEU B 153 -60.58 -0.62 12.67
CA LEU B 153 -60.76 0.18 13.89
C LEU B 153 -62.14 -0.07 14.50
N ARG B 154 -62.69 -1.24 14.32
CA ARG B 154 -64.03 -1.55 14.80
C ARG B 154 -64.12 -1.44 16.32
N GLU B 155 -63.11 -1.95 17.02
CA GLU B 155 -63.13 -2.00 18.48
C GLU B 155 -62.32 -0.85 19.04
N ILE B 156 -63.01 0.13 19.63
CA ILE B 156 -62.39 1.21 20.40
C ILE B 156 -62.97 1.16 21.81
N LEU B 157 -63.27 -0.05 22.28
CA LEU B 157 -63.98 -0.21 23.56
C LEU B 157 -63.18 0.33 24.74
N GLN B 158 -61.86 0.49 24.61
CA GLN B 158 -61.05 0.97 25.71
C GLN B 158 -61.47 2.39 26.09
N ASP B 159 -61.62 2.63 27.38
CA ASP B 159 -61.93 3.96 27.87
C ASP B 159 -60.76 4.90 27.61
N LYS B 160 -61.09 6.16 27.31
CA LYS B 160 -60.10 7.18 26.93
C LYS B 160 -59.40 6.66 25.68
N PHE B 170 -48.23 7.64 28.97
CA PHE B 170 -48.35 7.91 27.55
C PHE B 170 -49.49 7.11 26.93
N LEU B 171 -49.29 5.80 26.84
CA LEU B 171 -50.29 4.88 26.27
C LEU B 171 -50.51 5.29 24.82
N GLU B 172 -51.75 5.38 24.34
CA GLU B 172 -52.03 5.75 22.95
C GLU B 172 -51.40 4.75 22.00
N ASN B 173 -51.28 5.14 20.72
CA ASN B 173 -50.67 4.28 19.70
C ASN B 173 -49.67 5.01 18.81
N VAL B 174 -49.56 6.33 18.90
CA VAL B 174 -48.59 7.08 18.08
C VAL B 174 -47.27 7.06 18.84
N LEU B 175 -46.54 5.95 18.68
CA LEU B 175 -45.17 5.72 19.14
C LEU B 175 -45.04 5.64 20.67
N LYS B 176 -46.12 5.93 21.40
CA LYS B 176 -46.20 5.71 22.85
C LYS B 176 -45.15 6.47 23.66
N THR B 177 -44.40 7.39 23.04
CA THR B 177 -43.29 8.07 23.69
C THR B 177 -42.34 7.08 24.36
N SER B 178 -41.99 6.03 23.61
CA SER B 178 -41.24 4.90 24.12
C SER B 178 -39.81 4.92 23.62
N GLY B 179 -38.90 4.38 24.42
CA GLY B 179 -37.50 4.30 24.03
C GLY B 179 -37.28 3.25 22.98
N LYS B 180 -36.06 3.23 22.44
CA LYS B 180 -35.69 2.34 21.36
C LYS B 180 -34.30 1.76 21.59
N LEU B 181 -34.10 0.55 21.11
CA LEU B 181 -32.76 -0.04 21.07
C LEU B 181 -31.94 0.64 19.99
N ARG B 182 -30.63 0.71 20.22
CA ARG B 182 -29.74 1.40 19.29
C ARG B 182 -29.49 0.54 18.05
N GLU B 183 -29.61 1.15 16.87
CA GLU B 183 -29.25 0.50 15.62
C GLU B 183 -27.79 0.71 15.26
N ASN B 184 -27.25 1.87 15.61
CA ASN B 184 -25.84 2.20 15.39
C ASN B 184 -25.31 2.89 16.63
N LEU B 185 -24.02 2.70 16.90
CA LEU B 185 -23.40 3.22 18.11
C LEU B 185 -22.71 4.56 17.89
N LEU B 186 -22.78 5.13 16.68
CA LEU B 186 -22.16 6.42 16.45
C LEU B 186 -22.96 7.56 17.06
N HIS B 187 -24.25 7.36 17.31
CA HIS B 187 -25.03 8.39 17.99
C HIS B 187 -24.51 8.64 19.40
N GLY B 188 -24.17 7.57 20.12
CA GLY B 188 -23.60 7.75 21.45
C GLY B 188 -22.26 8.47 21.41
N ALA B 189 -21.41 8.13 20.43
CA ALA B 189 -20.14 8.82 20.29
C ALA B 189 -20.35 10.30 20.02
N LEU B 190 -21.26 10.63 19.10
CA LEU B 190 -21.52 12.03 18.81
C LEU B 190 -22.05 12.75 20.04
N GLU B 191 -22.86 12.07 20.85
CA GLU B 191 -23.29 12.67 22.11
C GLU B 191 -22.10 12.91 23.03
N HIS B 192 -21.17 11.96 23.09
CA HIS B 192 -20.03 12.04 23.98
C HIS B 192 -18.91 12.95 23.47
N TYR B 193 -19.06 13.52 22.27
CA TYR B 193 -18.00 14.37 21.73
C TYR B 193 -17.68 15.54 22.66
N VAL B 194 -18.71 16.23 23.14
CA VAL B 194 -18.47 17.46 23.91
C VAL B 194 -17.71 17.14 25.19
N ASN B 195 -18.12 16.07 25.89
CA ASN B 195 -17.42 15.70 27.12
C ASN B 195 -16.01 15.21 26.82
N CYS B 196 -15.83 14.51 25.71
CA CYS B 196 -14.53 13.95 25.35
C CYS B 196 -13.63 14.96 24.64
N LEU B 197 -14.01 16.24 24.62
CA LEU B 197 -13.18 17.28 24.01
C LEU B 197 -12.18 17.88 24.98
N ASP B 198 -12.47 17.83 26.28
CA ASP B 198 -11.58 18.47 27.26
C ASP B 198 -10.29 17.67 27.46
N LEU B 199 -10.35 16.34 27.26
CA LEU B 199 -9.16 15.52 27.50
C LEU B 199 -8.11 15.68 26.42
N VAL B 200 -8.44 16.27 25.27
CA VAL B 200 -7.47 16.56 24.22
C VAL B 200 -7.16 18.04 24.13
N ASN B 201 -7.64 18.84 25.08
CA ASN B 201 -7.44 20.30 25.05
C ASN B 201 -7.97 20.89 23.74
N LYS B 202 -9.08 20.33 23.26
CA LYS B 202 -9.77 20.82 22.06
C LYS B 202 -8.89 20.70 20.82
N ARG B 203 -7.94 19.77 20.82
CA ARG B 203 -7.19 19.46 19.61
C ARG B 203 -8.08 18.67 18.66
N LEU B 204 -8.30 19.23 17.47
CA LEU B 204 -9.35 18.72 16.59
C LEU B 204 -9.16 17.27 16.17
N PRO B 205 -8.02 16.84 15.62
CA PRO B 205 -7.95 15.47 15.12
C PRO B 205 -7.94 14.46 16.25
N TYR B 206 -9.07 13.78 16.47
CA TYR B 206 -9.12 12.76 17.52
C TYR B 206 -10.37 11.92 17.32
N GLY B 207 -10.33 10.70 17.86
CA GLY B 207 -11.37 9.73 17.61
C GLY B 207 -11.91 9.10 18.88
N LEU B 208 -13.10 8.53 18.75
CA LEU B 208 -13.74 7.74 19.79
C LEU B 208 -14.08 6.37 19.22
N ALA B 209 -13.61 5.32 19.89
CA ALA B 209 -13.77 3.95 19.41
C ALA B 209 -14.62 3.15 20.39
N GLN B 210 -15.34 2.17 19.87
CA GLN B 210 -16.19 1.35 20.70
C GLN B 210 -16.63 0.10 19.95
N ILE B 211 -16.60 -1.04 20.63
CA ILE B 211 -17.14 -2.29 20.13
C ILE B 211 -18.38 -2.61 20.96
N GLY B 212 -19.50 -2.87 20.28
CA GLY B 212 -20.72 -3.18 21.00
C GLY B 212 -21.73 -3.84 20.09
N VAL B 213 -22.75 -4.41 20.70
CA VAL B 213 -23.79 -5.09 19.94
C VAL B 213 -24.80 -4.06 19.44
N CYS B 214 -25.31 -4.29 18.24
CA CYS B 214 -26.36 -3.47 17.64
C CYS B 214 -27.53 -4.34 17.25
N PHE B 215 -28.73 -3.79 17.44
CA PHE B 215 -29.99 -4.46 17.24
C PHE B 215 -30.61 -3.95 15.94
N HIS B 216 -30.97 -4.87 15.06
CA HIS B 216 -31.52 -4.49 13.76
C HIS B 216 -32.82 -5.24 13.50
N PRO B 217 -33.74 -4.68 12.69
CA PRO B 217 -34.93 -5.45 12.30
C PRO B 217 -34.70 -6.22 11.02
N VAL B 218 -35.16 -7.47 10.95
CA VAL B 218 -34.99 -8.33 9.74
C VAL B 218 -36.24 -9.21 9.60
N PHE B 219 -36.62 -9.58 8.37
CA PHE B 219 -37.79 -10.46 8.11
C PHE B 219 -37.53 -11.24 6.81
N ASP B 220 -38.22 -12.37 6.62
CA ASP B 220 -38.03 -13.26 5.43
C ASP B 220 -38.66 -12.64 4.17
N THR B 221 -39.58 -11.69 4.37
CA THR B 221 -40.38 -11.06 3.28
C THR B 221 -41.34 -12.14 2.74
N LYS B 222 -41.91 -12.99 3.59
CA LYS B 222 -42.93 -13.99 3.15
C LYS B 222 -44.22 -13.69 3.88
N GLN B 223 -45.09 -12.81 3.34
CA GLN B 223 -46.40 -12.52 3.97
C GLN B 223 -46.00 -12.11 5.39
N ILE B 224 -46.58 -12.72 6.43
CA ILE B 224 -46.09 -12.50 7.82
C ILE B 224 -45.92 -13.93 8.33
N ARG B 225 -44.92 -14.64 7.77
CA ARG B 225 -44.59 -16.03 8.16
C ARG B 225 -44.12 -16.02 9.62
N ASN B 226 -43.32 -15.02 9.99
CA ASN B 226 -42.80 -14.87 11.37
C ASN B 226 -43.61 -13.78 12.08
N GLY B 227 -44.55 -13.13 11.39
CA GLY B 227 -45.40 -12.14 12.04
C GLY B 227 -44.64 -10.88 12.37
N VAL B 228 -44.40 -10.66 13.67
CA VAL B 228 -43.61 -9.51 14.09
C VAL B 228 -42.21 -9.61 13.48
N LYS B 229 -41.58 -8.46 13.30
CA LYS B 229 -40.23 -8.43 12.74
C LYS B 229 -39.27 -9.20 13.63
N SER B 230 -38.45 -10.05 13.01
CA SER B 230 -37.39 -10.70 13.76
C SER B 230 -36.31 -9.68 14.09
N ILE B 231 -35.61 -9.93 15.19
CA ILE B 231 -34.60 -9.00 15.70
C ILE B 231 -33.24 -9.67 15.58
N GLY B 232 -32.30 -9.00 14.92
CA GLY B 232 -30.98 -9.54 14.66
C GLY B 232 -29.92 -8.77 15.44
N GLU B 233 -28.85 -9.47 15.77
CA GLU B 233 -27.79 -8.96 16.63
C GLU B 233 -26.48 -8.95 15.84
N LYS B 234 -25.78 -7.83 15.87
CA LYS B 234 -24.48 -7.74 15.18
C LYS B 234 -23.51 -6.95 16.03
N THR B 235 -22.36 -7.55 16.34
CA THR B 235 -21.29 -6.88 17.07
C THR B 235 -20.58 -5.94 16.11
N GLU B 236 -20.81 -4.64 16.26
CA GLU B 236 -20.22 -3.62 15.40
C GLU B 236 -19.12 -2.91 16.18
N ALA B 237 -17.98 -2.69 15.51
CA ALA B 237 -16.89 -1.88 16.03
C ALA B 237 -16.86 -0.58 15.24
N SER B 238 -17.01 0.54 15.93
CA SER B 238 -17.15 1.85 15.31
C SER B 238 -16.06 2.78 15.84
N LEU B 239 -15.42 3.49 14.92
CA LEU B 239 -14.55 4.61 15.25
C LEU B 239 -15.14 5.85 14.61
N VAL B 240 -15.37 6.87 15.43
CA VAL B 240 -15.86 8.17 14.98
C VAL B 240 -14.71 9.16 15.14
N TRP B 241 -14.18 9.66 14.04
CA TRP B 241 -13.00 10.52 14.02
C TRP B 241 -13.43 11.93 13.66
N PHE B 242 -13.11 12.89 14.53
CA PHE B 242 -13.36 14.29 14.31
C PHE B 242 -12.08 14.92 13.79
N THR B 243 -12.15 15.54 12.63
CA THR B 243 -11.00 16.04 11.88
C THR B 243 -11.31 17.44 11.39
N PRO B 244 -10.29 18.25 11.09
CA PRO B 244 -10.55 19.55 10.44
C PRO B 244 -11.21 19.35 9.08
N PRO B 245 -12.12 20.24 8.67
CA PRO B 245 -12.73 20.08 7.34
C PRO B 245 -11.72 20.09 6.21
N ARG B 246 -10.65 20.88 6.34
CA ARG B 246 -9.66 20.96 5.27
C ARG B 246 -8.95 19.63 5.07
N THR B 247 -8.68 18.89 6.15
CA THR B 247 -7.91 17.66 6.10
C THR B 247 -8.81 16.43 6.05
N SER B 248 -10.11 16.59 5.81
CA SER B 248 -11.02 15.46 5.87
C SER B 248 -10.70 14.42 4.81
N ASN B 249 -10.38 14.86 3.60
CA ASN B 249 -10.22 13.92 2.49
C ASN B 249 -9.02 12.99 2.71
N GLN B 250 -7.87 13.56 3.07
CA GLN B 250 -6.69 12.72 3.25
C GLN B 250 -6.85 11.80 4.45
N TRP B 251 -7.49 12.28 5.52
CA TRP B 251 -7.76 11.41 6.65
C TRP B 251 -8.67 10.26 6.26
N LEU B 252 -9.69 10.54 5.45
CA LEU B 252 -10.58 9.48 4.98
C LEU B 252 -9.81 8.45 4.17
N ASP B 253 -8.94 8.91 3.26
CA ASP B 253 -8.16 7.98 2.46
C ASP B 253 -7.22 7.16 3.33
N PHE B 254 -6.59 7.80 4.31
CA PHE B 254 -5.68 7.08 5.20
C PHE B 254 -6.43 6.03 6.00
N TRP B 255 -7.60 6.36 6.54
CA TRP B 255 -8.37 5.39 7.30
C TRP B 255 -8.81 4.24 6.41
N LEU B 256 -9.23 4.54 5.18
CA LEU B 256 -9.60 3.48 4.26
C LEU B 256 -8.44 2.54 4.00
N ARG B 257 -7.26 3.09 3.73
CA ARG B 257 -6.09 2.27 3.46
C ARG B 257 -5.72 1.43 4.68
N HIS B 258 -5.73 2.05 5.87
CA HIS B 258 -5.35 1.33 7.08
C HIS B 258 -6.32 0.20 7.38
N ARG B 259 -7.63 0.46 7.26
CA ARG B 259 -8.61 -0.58 7.51
C ARG B 259 -8.50 -1.69 6.49
N LEU B 260 -8.29 -1.35 5.22
CA LEU B 260 -8.14 -2.38 4.20
C LEU B 260 -6.91 -3.25 4.47
N GLN B 261 -5.80 -2.63 4.88
CA GLN B 261 -4.61 -3.40 5.20
C GLN B 261 -4.85 -4.29 6.42
N TRP B 262 -5.54 -3.77 7.44
CA TRP B 262 -5.82 -4.56 8.62
C TRP B 262 -6.67 -5.77 8.28
N TRP B 263 -7.71 -5.57 7.46
CA TRP B 263 -8.54 -6.70 7.05
C TRP B 263 -7.73 -7.69 6.21
N ARG B 264 -6.92 -7.18 5.27
CA ARG B 264 -6.08 -8.04 4.46
C ARG B 264 -5.05 -8.78 5.30
N LYS B 265 -4.71 -8.26 6.48
CA LYS B 265 -3.92 -9.02 7.42
C LYS B 265 -4.76 -10.18 7.97
N PHE B 266 -4.07 -11.17 8.51
CA PHE B 266 -4.69 -12.40 9.01
C PHE B 266 -5.42 -13.18 7.92
N ALA B 267 -5.13 -12.91 6.65
CA ALA B 267 -5.88 -13.49 5.54
C ALA B 267 -4.97 -14.37 4.69
N MET B 268 -5.42 -15.58 4.39
CA MET B 268 -4.67 -16.45 3.49
C MET B 268 -4.77 -15.97 2.04
N SER B 269 -5.89 -15.33 1.69
CA SER B 269 -6.12 -14.79 0.35
C SER B 269 -6.57 -13.35 0.51
N PRO B 270 -5.64 -12.42 0.76
CA PRO B 270 -6.05 -11.03 1.02
C PRO B 270 -6.76 -10.36 -0.14
N SER B 271 -6.63 -10.89 -1.36
CA SER B 271 -7.30 -10.28 -2.49
C SER B 271 -8.81 -10.31 -2.34
N ASN B 272 -9.35 -11.28 -1.61
CA ASN B 272 -10.80 -11.39 -1.45
C ASN B 272 -11.38 -10.24 -0.65
N PHE B 273 -10.57 -9.49 0.09
CA PHE B 273 -11.03 -8.31 0.80
C PHE B 273 -10.88 -7.12 -0.14
N SER B 274 -11.99 -6.71 -0.75
CA SER B 274 -12.01 -5.66 -1.75
C SER B 274 -12.62 -4.39 -1.17
N SER B 275 -12.42 -3.28 -1.88
CA SER B 275 -12.95 -1.99 -1.48
C SER B 275 -13.55 -1.29 -2.69
N SER B 276 -14.49 -0.39 -2.41
CA SER B 276 -15.13 0.40 -3.46
C SER B 276 -15.52 1.75 -2.89
N ASP B 277 -15.76 2.70 -3.77
CA ASP B 277 -16.14 4.06 -3.40
C ASP B 277 -17.63 4.26 -3.66
N CYS B 278 -18.27 5.03 -2.79
CA CYS B 278 -19.69 5.31 -2.88
C CYS B 278 -19.94 6.75 -2.44
N GLN B 279 -21.14 7.23 -2.75
CA GLN B 279 -21.52 8.61 -2.47
C GLN B 279 -22.93 8.63 -1.91
N ASP B 280 -23.15 9.51 -0.93
CA ASP B 280 -24.46 9.67 -0.32
C ASP B 280 -25.35 10.55 -1.19
N GLU B 281 -26.66 10.47 -0.91
CA GLU B 281 -27.61 11.29 -1.65
C GLU B 281 -27.42 12.79 -1.38
N GLU B 282 -26.70 13.15 -0.32
CA GLU B 282 -26.34 14.54 -0.06
C GLU B 282 -25.02 14.94 -0.70
N GLY B 283 -24.40 14.06 -1.50
CA GLY B 283 -23.11 14.32 -2.10
C GLY B 283 -21.92 13.93 -1.25
N ARG B 284 -22.15 13.52 -0.01
CA ARG B 284 -21.05 13.06 0.84
C ARG B 284 -20.48 11.76 0.30
N LYS B 285 -19.17 11.59 0.47
CA LYS B 285 -18.45 10.45 -0.07
C LYS B 285 -18.09 9.47 1.04
N GLY B 286 -17.78 8.24 0.63
CA GLY B 286 -17.38 7.22 1.57
C GLY B 286 -16.90 6.00 0.83
N ASN B 287 -16.49 4.99 1.60
CA ASN B 287 -15.97 3.74 1.07
C ASN B 287 -16.69 2.56 1.70
N LYS B 288 -16.77 1.48 0.93
CA LYS B 288 -17.39 0.24 1.36
C LYS B 288 -16.42 -0.90 1.14
N LEU B 289 -16.17 -1.68 2.20
CA LEU B 289 -15.28 -2.84 2.13
C LEU B 289 -16.12 -4.10 2.10
N TYR B 290 -15.71 -5.05 1.27
CA TYR B 290 -16.46 -6.28 1.05
C TYR B 290 -15.51 -7.47 1.16
N TYR B 291 -16.07 -8.60 1.56
CA TYR B 291 -15.37 -9.87 1.48
C TYR B 291 -16.08 -10.76 0.47
N ASN B 292 -15.29 -11.43 -0.36
CA ASN B 292 -15.83 -12.24 -1.45
C ASN B 292 -16.13 -13.64 -0.93
N PHE B 293 -17.33 -13.81 -0.38
CA PHE B 293 -17.78 -15.12 0.04
C PHE B 293 -17.97 -16.00 -1.19
N PRO B 294 -18.09 -17.33 -1.01
CA PRO B 294 -18.26 -18.20 -2.17
C PRO B 294 -19.46 -17.86 -3.03
N TRP B 295 -20.54 -17.33 -2.42
CA TRP B 295 -21.72 -16.95 -3.19
C TRP B 295 -21.62 -15.55 -3.78
N GLY B 296 -20.86 -14.67 -3.15
CA GLY B 296 -20.71 -13.32 -3.67
C GLY B 296 -20.17 -12.39 -2.62
N LYS B 297 -19.88 -11.16 -3.05
CA LYS B 297 -19.33 -10.15 -2.15
C LYS B 297 -20.36 -9.74 -1.12
N GLU B 298 -19.94 -9.65 0.14
CA GLU B 298 -20.77 -9.19 1.22
C GLU B 298 -20.08 -8.03 1.94
N LEU B 299 -20.85 -7.00 2.25
CA LEU B 299 -20.31 -5.84 2.94
C LEU B 299 -19.86 -6.22 4.35
N ILE B 300 -18.72 -5.67 4.77
CA ILE B 300 -18.21 -5.87 6.12
C ILE B 300 -17.99 -4.55 6.85
N GLU B 301 -17.41 -3.55 6.17
CA GLU B 301 -17.10 -2.28 6.80
C GLU B 301 -17.51 -1.12 5.90
N THR B 302 -17.95 -0.03 6.51
CA THR B 302 -18.38 1.17 5.81
C THR B 302 -17.74 2.39 6.44
N LEU B 303 -17.15 3.24 5.61
CA LEU B 303 -16.62 4.53 6.03
C LEU B 303 -17.44 5.63 5.36
N TRP B 304 -17.88 6.60 6.17
CA TRP B 304 -18.73 7.68 5.69
C TRP B 304 -18.21 9.01 6.20
N ASN B 305 -18.29 10.02 5.34
CA ASN B 305 -17.89 11.39 5.68
C ASN B 305 -19.16 12.18 5.96
N LEU B 306 -19.59 12.20 7.22
CA LEU B 306 -20.86 12.83 7.56
C LEU B 306 -20.83 14.33 7.32
N GLY B 307 -19.66 14.96 7.41
CA GLY B 307 -19.57 16.38 7.17
C GLY B 307 -20.30 17.23 8.18
N ASP B 308 -20.24 16.85 9.45
CA ASP B 308 -20.75 17.63 10.59
C ASP B 308 -22.24 17.98 10.47
N HIS B 309 -22.98 17.29 9.61
CA HIS B 309 -24.41 17.56 9.50
C HIS B 309 -25.12 17.16 10.78
N GLU B 310 -24.92 15.91 11.22
CA GLU B 310 -25.63 15.42 12.39
C GLU B 310 -25.04 16.00 13.67
N LEU B 311 -23.72 16.23 13.69
CA LEU B 311 -23.10 16.82 14.86
C LEU B 311 -23.65 18.21 15.13
N LEU B 312 -23.83 19.02 14.09
CA LEU B 312 -24.46 20.31 14.26
C LEU B 312 -25.94 20.16 14.56
N HIS B 313 -26.60 19.17 13.97
CA HIS B 313 -28.03 18.98 14.19
C HIS B 313 -28.33 18.71 15.66
N MET B 314 -27.53 17.87 16.31
CA MET B 314 -27.79 17.55 17.71
C MET B 314 -27.42 18.68 18.65
N TYR B 315 -26.68 19.69 18.19
CA TYR B 315 -26.33 20.86 18.99
C TYR B 315 -26.69 22.11 18.21
N PRO B 316 -27.97 22.49 18.18
CA PRO B 316 -28.36 23.72 17.47
C PRO B 316 -28.37 24.97 18.34
N GLY B 317 -28.20 24.85 19.65
CA GLY B 317 -28.33 26.01 20.52
C GLY B 317 -27.27 27.06 20.24
N ASN B 318 -26.01 26.65 20.12
CA ASN B 318 -24.92 27.58 19.89
C ASN B 318 -23.72 26.79 19.37
N VAL B 319 -22.85 27.50 18.65
CA VAL B 319 -21.65 26.91 18.05
C VAL B 319 -20.38 27.30 18.78
N SER B 320 -20.43 28.31 19.66
CA SER B 320 -19.22 28.71 20.37
C SER B 320 -18.69 27.58 21.24
N LYS B 321 -19.58 26.89 21.96
CA LYS B 321 -19.17 25.74 22.76
C LYS B 321 -18.64 24.60 21.90
N LEU B 322 -19.02 24.54 20.63
CA LEU B 322 -18.69 23.44 19.75
C LEU B 322 -17.36 23.63 19.03
N HIS B 323 -16.75 24.80 19.12
CA HIS B 323 -15.57 25.13 18.33
C HIS B 323 -14.34 24.46 18.94
N GLY B 324 -13.62 23.69 18.13
CA GLY B 324 -12.36 23.10 18.55
C GLY B 324 -11.18 23.74 17.84
N ARG B 325 -9.99 23.62 18.43
CA ARG B 325 -8.80 24.26 17.91
C ARG B 325 -8.04 23.32 16.98
N ASP B 326 -7.90 23.72 15.73
CA ASP B 326 -7.01 23.07 14.77
C ASP B 326 -5.91 24.05 14.39
N GLY B 327 -4.66 23.64 14.56
CA GLY B 327 -3.56 24.56 14.32
C GLY B 327 -3.67 25.75 15.25
N ARG B 328 -4.06 26.91 14.70
CA ARG B 328 -4.28 28.12 15.50
C ARG B 328 -5.65 28.73 15.22
N LYS B 329 -6.61 27.94 14.71
CA LYS B 329 -7.91 28.45 14.33
C LYS B 329 -9.01 27.59 14.95
N ASN B 330 -10.09 28.26 15.37
CA ASN B 330 -11.26 27.60 15.93
C ASN B 330 -12.23 27.25 14.81
N VAL B 331 -12.68 26.00 14.77
CA VAL B 331 -13.54 25.52 13.70
C VAL B 331 -14.45 24.42 14.23
N VAL B 332 -15.57 24.21 13.54
CA VAL B 332 -16.47 23.09 13.81
C VAL B 332 -15.90 21.86 13.10
N PRO B 333 -15.63 20.75 13.81
CA PRO B 333 -14.98 19.62 13.15
C PRO B 333 -15.91 18.90 12.19
N CYS B 334 -15.31 18.27 11.19
CA CYS B 334 -15.98 17.31 10.34
C CYS B 334 -15.89 15.92 10.97
N VAL B 335 -16.92 15.11 10.73
CA VAL B 335 -17.09 13.81 11.36
C VAL B 335 -16.93 12.74 10.30
N LEU B 336 -16.09 11.74 10.57
CA LEU B 336 -15.93 10.58 9.71
C LEU B 336 -16.18 9.34 10.55
N SER B 337 -17.14 8.52 10.13
CA SER B 337 -17.55 7.34 10.89
C SER B 337 -17.17 6.09 10.11
N VAL B 338 -16.41 5.20 10.75
CA VAL B 338 -16.03 3.92 10.16
C VAL B 338 -16.59 2.83 11.06
N ASN B 339 -17.47 1.99 10.49
CA ASN B 339 -18.19 0.97 11.24
C ASN B 339 -17.97 -0.37 10.56
N GLY B 340 -17.48 -1.34 11.33
CA GLY B 340 -17.22 -2.67 10.81
C GLY B 340 -17.99 -3.71 11.58
N ASP B 341 -18.36 -4.78 10.87
CA ASP B 341 -19.17 -5.86 11.43
C ASP B 341 -18.26 -7.00 11.87
N LEU B 342 -18.10 -7.17 13.18
CA LEU B 342 -17.17 -8.16 13.69
C LEU B 342 -17.67 -9.58 13.48
N ASP B 343 -18.99 -9.80 13.53
CA ASP B 343 -19.52 -11.14 13.31
C ASP B 343 -19.37 -11.54 11.85
N ARG B 344 -19.70 -10.64 10.92
CA ARG B 344 -19.50 -10.94 9.52
C ARG B 344 -18.04 -11.13 9.20
N GLY B 345 -17.17 -10.31 9.80
CA GLY B 345 -15.74 -10.49 9.59
C GLY B 345 -15.23 -11.80 10.15
N MET B 346 -15.77 -12.22 11.28
CA MET B 346 -15.41 -13.50 11.87
C MET B 346 -15.82 -14.65 10.96
N LEU B 347 -17.03 -14.57 10.40
CA LEU B 347 -17.44 -15.56 9.41
C LEU B 347 -16.54 -15.52 8.17
N ALA B 348 -16.16 -14.32 7.75
CA ALA B 348 -15.30 -14.18 6.58
C ALA B 348 -13.95 -14.83 6.82
N TYR B 349 -13.37 -14.64 8.01
CA TYR B 349 -12.10 -15.28 8.33
C TYR B 349 -12.25 -16.79 8.43
N LEU B 350 -13.38 -17.25 8.95
CA LEU B 350 -13.63 -18.70 8.97
C LEU B 350 -13.65 -19.26 7.55
N TYR B 351 -14.34 -18.58 6.64
CA TYR B 351 -14.39 -19.03 5.26
C TYR B 351 -13.02 -18.96 4.61
N ASP B 352 -12.27 -17.89 4.88
CA ASP B 352 -10.97 -17.69 4.25
C ASP B 352 -10.00 -18.77 4.71
N SER B 353 -10.03 -19.12 6.00
CA SER B 353 -9.12 -20.12 6.51
C SER B 353 -9.33 -21.46 5.83
N PHE B 354 -10.58 -21.86 5.64
CA PHE B 354 -10.86 -23.10 4.93
C PHE B 354 -10.55 -22.95 3.45
N GLN B 355 -10.17 -24.06 2.83
CA GLN B 355 -9.86 -24.07 1.41
C GLN B 355 -11.14 -23.97 0.58
N THR B 362 -9.55 -27.63 -4.21
CA THR B 362 -10.95 -28.01 -4.21
C THR B 362 -11.20 -29.14 -5.20
N ARG B 363 -10.95 -28.85 -6.48
CA ARG B 363 -11.09 -29.82 -7.55
C ARG B 363 -9.71 -30.27 -8.00
N LYS B 364 -9.49 -31.59 -8.00
CA LYS B 364 -8.21 -32.20 -8.37
C LYS B 364 -7.09 -31.72 -7.44
N LYS B 365 -7.44 -31.26 -6.23
CA LYS B 365 -6.42 -30.78 -5.31
C LYS B 365 -5.45 -31.89 -4.92
N ASN B 366 -5.96 -33.10 -4.68
CA ASN B 366 -5.13 -34.24 -4.27
C ASN B 366 -4.45 -33.98 -2.94
N LEU B 367 -5.10 -33.21 -2.06
CA LEU B 367 -4.56 -32.87 -0.74
C LEU B 367 -5.43 -33.38 0.39
N HIS B 368 -6.74 -33.14 0.33
CA HIS B 368 -7.68 -33.55 1.39
C HIS B 368 -7.25 -32.85 2.68
N ARG B 369 -7.35 -33.51 3.84
CA ARG B 369 -6.86 -32.97 5.10
C ARG B 369 -7.53 -31.64 5.44
N LYS B 370 -8.83 -31.73 5.74
CA LYS B 370 -9.58 -30.56 6.17
C LYS B 370 -8.94 -29.92 7.39
N VAL B 371 -8.75 -28.60 7.34
CA VAL B 371 -8.09 -27.88 8.42
C VAL B 371 -8.45 -26.41 8.30
N LEU B 372 -8.68 -25.77 9.44
CA LEU B 372 -8.94 -24.33 9.50
C LEU B 372 -7.61 -23.62 9.74
N LYS B 373 -7.04 -23.03 8.69
CA LYS B 373 -5.74 -22.38 8.78
C LYS B 373 -5.89 -20.92 9.21
N LEU B 374 -6.49 -20.75 10.37
CA LEU B 374 -6.65 -19.41 10.93
C LEU B 374 -5.28 -18.82 11.28
N HIS B 375 -5.21 -17.50 11.26
CA HIS B 375 -3.96 -16.82 11.57
C HIS B 375 -3.57 -17.10 13.03
N PRO B 376 -2.28 -17.28 13.34
CA PRO B 376 -1.90 -17.47 14.74
C PRO B 376 -2.28 -16.32 15.64
N CYS B 377 -2.36 -15.10 15.11
CA CYS B 377 -2.64 -13.95 15.95
C CYS B 377 -4.10 -13.89 16.40
N LEU B 378 -4.99 -14.66 15.77
CA LEU B 378 -6.40 -14.67 16.17
C LEU B 378 -7.01 -16.06 16.20
N ALA B 379 -6.22 -17.13 16.13
CA ALA B 379 -6.77 -18.45 16.33
C ALA B 379 -7.29 -18.57 17.76
N PRO B 380 -8.36 -19.35 17.98
CA PRO B 380 -8.93 -19.39 19.34
C PRO B 380 -8.03 -20.14 20.33
N ILE B 381 -7.46 -21.26 19.92
CA ILE B 381 -6.61 -22.08 20.77
C ILE B 381 -5.26 -22.21 20.08
N LYS B 382 -4.18 -21.97 20.84
CA LYS B 382 -2.84 -21.96 20.26
C LYS B 382 -2.23 -23.36 20.25
N VAL B 383 -2.19 -24.03 21.40
CA VAL B 383 -1.48 -25.28 21.57
C VAL B 383 -2.36 -26.28 22.30
N ALA B 384 -2.22 -27.56 21.95
CA ALA B 384 -2.95 -28.65 22.59
C ALA B 384 -1.96 -29.58 23.29
N LEU B 385 -2.20 -29.83 24.57
CA LEU B 385 -1.38 -30.74 25.36
C LEU B 385 -2.02 -32.12 25.39
N ASP B 386 -1.17 -33.14 25.48
CA ASP B 386 -1.66 -34.52 25.47
C ASP B 386 -0.58 -35.42 26.05
N VAL B 387 -0.96 -36.69 26.27
CA VAL B 387 -0.06 -37.72 26.75
C VAL B 387 -0.21 -38.94 25.86
N GLY B 388 0.80 -39.81 25.89
CA GLY B 388 0.77 -41.00 25.08
C GLY B 388 1.80 -42.03 25.48
N ARG B 389 1.37 -43.29 25.54
CA ARG B 389 2.25 -44.41 25.90
C ARG B 389 2.91 -44.15 27.26
N GLY B 390 2.09 -43.73 28.22
CA GLY B 390 2.56 -43.43 29.55
C GLY B 390 2.61 -44.66 30.44
N PRO B 391 3.80 -45.24 30.73
CA PRO B 391 3.91 -46.38 31.63
C PRO B 391 3.34 -45.96 32.99
N THR B 392 3.47 -44.68 33.35
CA THR B 392 2.94 -44.13 34.63
C THR B 392 1.99 -42.97 34.33
N LEU B 393 0.71 -43.08 34.73
CA LEU B 393 -0.26 -41.97 34.57
C LEU B 393 -0.07 -41.06 35.78
N GLU B 394 0.70 -41.49 36.79
CA GLU B 394 1.02 -40.64 37.96
C GLU B 394 2.03 -39.60 37.48
N LEU B 395 2.75 -39.89 36.40
CA LEU B 395 3.77 -38.98 35.81
C LEU B 395 3.07 -38.04 34.82
N ARG B 396 1.75 -38.12 34.69
CA ARG B 396 0.95 -37.19 33.84
C ARG B 396 0.96 -35.81 34.49
N GLN B 397 1.37 -35.72 35.76
CA GLN B 397 1.47 -34.43 36.50
C GLN B 397 2.49 -33.52 35.80
N VAL B 398 3.39 -34.07 34.99
CA VAL B 398 4.40 -33.27 34.23
C VAL B 398 3.63 -32.27 33.34
N CYS B 399 2.52 -32.68 32.72
CA CYS B 399 1.67 -31.77 31.92
C CYS B 399 1.28 -30.60 32.82
N GLN B 400 0.73 -30.82 34.00
CA GLN B 400 0.35 -29.84 35.00
C GLN B 400 1.58 -29.02 35.39
N GLY B 401 1.36 -27.75 35.65
CA GLY B 401 2.49 -26.84 35.81
C GLY B 401 2.96 -26.37 34.45
N LEU B 402 3.32 -27.28 33.55
CA LEU B 402 3.62 -26.89 32.18
C LEU B 402 2.41 -26.20 31.56
N PHE B 403 1.24 -26.82 31.71
CA PHE B 403 -0.01 -26.15 31.39
C PHE B 403 -0.06 -24.79 32.07
N ASN B 404 0.20 -24.75 33.38
CA ASN B 404 0.20 -23.49 34.09
C ASN B 404 1.26 -22.55 33.54
N GLU B 405 2.41 -23.11 33.14
CA GLU B 405 3.47 -22.28 32.58
C GLU B 405 2.99 -21.60 31.31
N LEU B 406 2.19 -22.32 30.52
CA LEU B 406 1.62 -21.72 29.32
C LEU B 406 0.50 -20.75 29.66
N LEU B 407 -0.19 -20.96 30.78
CA LEU B 407 -1.26 -20.05 31.15
C LEU B 407 -0.74 -18.69 31.57
N GLU B 408 0.52 -18.60 32.00
CA GLU B 408 1.16 -17.32 32.20
C GLU B 408 1.52 -16.71 30.86
N ASN B 409 1.48 -15.38 30.80
CA ASN B 409 1.72 -14.61 29.58
C ASN B 409 0.66 -14.86 28.51
N GLY B 410 -0.48 -15.42 28.88
CA GLY B 410 -1.62 -15.50 27.98
C GLY B 410 -1.47 -16.37 26.75
N ILE B 411 -0.96 -17.58 26.90
CA ILE B 411 -1.00 -18.60 25.86
C ILE B 411 -2.13 -19.55 26.19
N SER B 412 -3.16 -19.57 25.36
CA SER B 412 -4.32 -20.44 25.60
C SER B 412 -4.02 -21.86 25.18
N VAL B 413 -4.46 -22.82 25.99
CA VAL B 413 -4.14 -24.23 25.81
C VAL B 413 -5.42 -25.05 25.86
N TRP B 414 -5.52 -26.06 25.00
CA TRP B 414 -6.66 -27.01 25.02
C TRP B 414 -6.30 -28.08 26.05
N PRO B 415 -6.98 -28.21 27.21
CA PRO B 415 -6.55 -29.16 28.24
C PRO B 415 -6.95 -30.57 27.85
N GLY B 416 -6.04 -31.32 27.21
CA GLY B 416 -6.29 -32.72 26.80
C GLY B 416 -5.76 -33.67 27.84
N TYR B 417 -5.22 -34.82 27.46
CA TYR B 417 -4.64 -35.83 28.39
C TYR B 417 -5.60 -36.07 29.56
N LEU B 418 -6.91 -35.82 29.38
CA LEU B 418 -7.91 -35.99 30.41
C LEU B 418 -9.05 -36.88 29.96
N GLU B 419 -9.30 -36.94 28.65
CA GLU B 419 -10.41 -37.74 28.16
C GLU B 419 -10.18 -39.23 28.42
N THR B 420 -8.93 -39.68 28.44
CA THR B 420 -8.57 -41.07 28.74
C THR B 420 -9.34 -42.05 27.86
N MET B 421 -9.39 -41.75 26.57
CA MET B 421 -10.05 -42.59 25.58
C MET B 421 -9.02 -43.18 24.63
N GLN B 422 -9.40 -44.30 24.00
CA GLN B 422 -8.54 -44.99 23.04
C GLN B 422 -8.72 -44.34 21.67
N SER B 423 -8.23 -43.10 21.57
CA SER B 423 -8.26 -42.33 20.34
C SER B 423 -6.90 -42.39 19.67
N SER B 424 -6.88 -42.82 18.42
CA SER B 424 -5.63 -42.91 17.69
C SER B 424 -5.06 -41.52 17.44
N LEU B 425 -3.76 -41.49 17.12
CA LEU B 425 -3.10 -40.20 16.92
C LEU B 425 -3.67 -39.46 15.73
N GLU B 426 -4.04 -40.19 14.67
CA GLU B 426 -4.56 -39.54 13.47
C GLU B 426 -5.86 -38.81 13.76
N GLN B 427 -6.78 -39.44 14.50
CA GLN B 427 -8.04 -38.78 14.83
C GLN B 427 -7.81 -37.54 15.68
N LEU B 428 -6.90 -37.64 16.65
CA LEU B 428 -6.60 -36.48 17.49
C LEU B 428 -6.02 -35.34 16.66
N TYR B 429 -5.11 -35.67 15.73
CA TYR B 429 -4.53 -34.65 14.87
C TYR B 429 -5.59 -33.99 14.01
N SER B 430 -6.49 -34.78 13.43
CA SER B 430 -7.56 -34.21 12.61
C SER B 430 -8.47 -33.32 13.45
N LYS B 431 -8.81 -33.76 14.65
CA LYS B 431 -9.65 -32.95 15.54
C LYS B 431 -8.99 -31.62 15.86
N TYR B 432 -7.69 -31.64 16.16
CA TYR B 432 -7.00 -30.40 16.48
C TYR B 432 -6.86 -29.52 15.26
N ASP B 433 -6.66 -30.10 14.08
CA ASP B 433 -6.58 -29.32 12.85
C ASP B 433 -7.88 -28.60 12.59
N GLU B 434 -9.01 -29.31 12.73
CA GLU B 434 -10.31 -28.69 12.48
C GLU B 434 -10.63 -27.61 13.50
N MET B 435 -10.00 -27.64 14.67
CA MET B 435 -10.24 -26.65 15.71
C MET B 435 -9.31 -25.45 15.62
N SER B 436 -8.47 -25.37 14.59
CA SER B 436 -7.52 -24.27 14.42
C SER B 436 -6.58 -24.17 15.62
N ILE B 437 -5.85 -25.26 15.86
CA ILE B 437 -4.85 -25.35 16.91
C ILE B 437 -3.49 -25.37 16.25
N LEU B 438 -2.63 -24.41 16.62
CA LEU B 438 -1.37 -24.22 15.91
C LEU B 438 -0.43 -25.39 16.10
N PHE B 439 -0.25 -25.84 17.34
CA PHE B 439 0.73 -26.88 17.67
C PHE B 439 0.11 -27.93 18.56
N THR B 440 0.54 -29.17 18.36
CA THR B 440 0.15 -30.31 19.19
C THR B 440 1.38 -30.76 19.96
N VAL B 441 1.30 -30.69 21.30
CA VAL B 441 2.38 -31.07 22.19
C VAL B 441 2.01 -32.39 22.83
N LEU B 442 2.86 -33.41 22.65
CA LEU B 442 2.63 -34.74 23.19
C LEU B 442 3.77 -35.10 24.13
N VAL B 443 3.42 -35.53 25.34
CA VAL B 443 4.36 -35.97 26.36
C VAL B 443 4.34 -37.48 26.39
N THR B 444 5.51 -38.10 26.21
CA THR B 444 5.64 -39.55 26.09
C THR B 444 6.49 -40.09 27.23
N GLU B 445 6.72 -41.41 27.20
CA GLU B 445 7.47 -42.05 28.27
C GLU B 445 8.90 -41.54 28.35
N THR B 446 9.47 -41.11 27.23
CA THR B 446 10.84 -40.60 27.21
C THR B 446 10.94 -39.14 27.61
N THR B 447 9.90 -38.57 28.24
CA THR B 447 9.93 -37.19 28.70
C THR B 447 10.42 -37.06 30.13
N LEU B 448 10.31 -38.11 30.94
CA LEU B 448 10.78 -38.02 32.32
C LEU B 448 12.28 -37.83 32.38
N GLU B 449 13.03 -38.47 31.47
CA GLU B 449 14.51 -38.35 31.39
C GLU B 449 14.84 -37.55 30.13
N ASN B 450 15.78 -36.61 30.21
CA ASN B 450 16.16 -35.77 29.04
C ASN B 450 14.84 -35.41 28.36
N GLY B 451 13.96 -34.68 29.05
CA GLY B 451 12.59 -34.43 28.54
C GLY B 451 12.53 -33.93 27.11
N LEU B 452 11.83 -34.66 26.23
CA LEU B 452 11.59 -34.23 24.83
C LEU B 452 10.08 -34.40 24.61
N ILE B 453 9.41 -33.41 24.03
CA ILE B 453 7.94 -33.45 23.83
C ILE B 453 7.63 -33.32 22.34
N HIS B 454 7.00 -34.34 21.75
CA HIS B 454 6.73 -34.32 20.32
C HIS B 454 5.86 -33.12 19.98
N LEU B 455 6.39 -32.22 19.16
CA LEU B 455 5.69 -31.01 18.74
C LEU B 455 5.33 -31.15 17.27
N ARG B 456 4.03 -31.15 16.96
CA ARG B 456 3.53 -31.22 15.59
C ARG B 456 2.91 -29.88 15.22
N SER B 457 3.11 -29.47 13.97
CA SER B 457 2.70 -28.16 13.50
C SER B 457 1.44 -28.26 12.65
N ARG B 458 0.56 -27.26 12.79
CA ARG B 458 -0.66 -27.24 12.00
C ARG B 458 -0.37 -26.91 10.54
N ASP B 459 0.52 -25.96 10.30
CA ASP B 459 0.80 -25.54 8.92
C ASP B 459 1.37 -26.67 8.10
N THR B 460 2.29 -27.44 8.67
CA THR B 460 2.87 -28.60 8.01
C THR B 460 2.86 -29.78 8.96
N THR B 461 2.46 -30.95 8.44
CA THR B 461 2.20 -32.12 9.28
C THR B 461 3.49 -32.91 9.53
N MET B 462 4.45 -32.26 10.18
CA MET B 462 5.70 -32.87 10.59
C MET B 462 5.95 -32.58 12.05
N LYS B 463 6.59 -33.55 12.72
CA LYS B 463 6.73 -33.55 14.18
C LYS B 463 8.19 -33.34 14.56
N GLU B 464 8.41 -32.46 15.53
CA GLU B 464 9.73 -32.16 16.06
C GLU B 464 9.87 -32.77 17.45
N MET B 465 11.03 -32.57 18.07
CA MET B 465 11.32 -33.07 19.41
C MET B 465 11.48 -31.94 20.42
N MET B 466 12.41 -31.02 20.17
CA MET B 466 12.57 -29.80 20.98
C MET B 466 12.84 -30.19 22.45
N HIS B 467 12.76 -29.25 23.38
CA HIS B 467 12.96 -29.52 24.79
C HIS B 467 11.93 -28.75 25.60
N ILE B 468 11.69 -29.21 26.83
CA ILE B 468 10.59 -28.67 27.62
C ILE B 468 10.82 -27.19 27.93
N SER B 469 12.00 -26.87 28.46
CA SER B 469 12.22 -25.55 29.05
C SER B 469 12.16 -24.43 28.02
N LYS B 470 12.36 -24.73 26.74
CA LYS B 470 12.33 -23.73 25.69
C LYS B 470 10.96 -23.60 25.04
N LEU B 471 9.95 -24.36 25.48
CA LEU B 471 8.67 -24.30 24.80
C LEU B 471 8.01 -22.93 24.93
N LYS B 472 7.87 -22.43 26.16
CA LYS B 472 7.08 -21.22 26.38
C LYS B 472 7.61 -20.07 25.54
N ASP B 473 8.90 -19.77 25.67
CA ASP B 473 9.47 -18.67 24.92
C ASP B 473 9.27 -18.88 23.43
N PHE B 474 9.49 -20.13 22.96
CA PHE B 474 9.30 -20.41 21.55
C PHE B 474 7.89 -20.05 21.11
N LEU B 475 6.89 -20.49 21.86
CA LEU B 475 5.52 -20.15 21.49
C LEU B 475 5.35 -18.64 21.48
N ILE B 476 5.84 -17.98 22.52
CA ILE B 476 5.75 -16.51 22.56
C ILE B 476 6.41 -15.94 21.32
N LYS B 477 7.63 -16.41 21.03
CA LYS B 477 8.35 -15.89 19.87
C LYS B 477 7.52 -16.12 18.62
N TYR B 478 6.98 -17.33 18.47
CA TYR B 478 6.17 -17.63 17.30
C TYR B 478 5.03 -16.64 17.18
N ILE B 479 4.28 -16.45 18.27
CA ILE B 479 3.15 -15.54 18.22
C ILE B 479 3.65 -14.14 17.94
N SER B 480 4.76 -13.74 18.59
CA SER B 480 5.29 -12.42 18.35
C SER B 480 5.68 -12.26 16.89
N SER B 481 6.32 -13.29 16.32
CA SER B 481 6.74 -13.18 14.94
C SER B 481 5.53 -13.17 14.02
N ALA B 482 4.43 -13.81 14.44
CA ALA B 482 3.21 -13.75 13.67
C ALA B 482 2.54 -12.39 13.77
N LYS B 483 2.75 -11.67 14.87
CA LYS B 483 2.04 -10.40 15.06
C LYS B 483 2.42 -9.40 13.97
N ASN B 484 3.71 -9.30 13.66
CA ASN B 484 4.24 -8.41 12.63
C ASN B 484 5.00 -9.23 11.62
N VAL B 485 4.57 -9.16 10.36
CA VAL B 485 5.17 -9.88 9.24
C VAL B 485 5.35 -11.36 9.57
N SER C 66 -15.21 11.81 52.86
CA SER C 66 -16.24 10.92 52.24
C SER C 66 -16.93 11.62 51.08
N GLU C 67 -17.30 12.88 51.29
CA GLU C 67 -17.98 13.66 50.27
C GLU C 67 -16.96 14.27 49.31
N ALA C 68 -17.47 15.01 48.32
CA ALA C 68 -16.68 15.66 47.27
C ALA C 68 -15.99 14.67 46.34
N LEU C 69 -16.29 13.37 46.46
CA LEU C 69 -15.67 12.37 45.60
C LEU C 69 -16.30 12.39 44.21
N LEU C 70 -17.62 12.59 44.14
CA LEU C 70 -18.28 12.56 42.84
C LEU C 70 -17.80 13.68 41.93
N GLU C 71 -17.42 14.83 42.50
CA GLU C 71 -16.84 15.90 41.69
C GLU C 71 -15.51 15.47 41.10
N ILE C 72 -14.68 14.78 41.89
CA ILE C 72 -13.41 14.29 41.37
C ILE C 72 -13.65 13.22 40.32
N CYS C 73 -14.74 12.45 40.45
CA CYS C 73 -15.09 11.49 39.42
C CYS C 73 -15.49 12.19 38.13
N GLN C 74 -16.33 13.22 38.23
CA GLN C 74 -16.76 13.95 37.06
C GLN C 74 -15.58 14.58 36.35
N ARG C 75 -14.72 15.27 37.09
CA ARG C 75 -13.47 15.73 36.53
C ARG C 75 -12.56 14.53 36.26
N ARG C 76 -11.66 14.69 35.30
CA ARG C 76 -10.77 13.64 34.81
C ARG C 76 -11.50 12.52 34.07
N HIS C 77 -12.82 12.68 33.86
CA HIS C 77 -13.65 11.73 33.06
C HIS C 77 -13.62 10.30 33.60
N PHE C 78 -13.81 10.09 34.90
CA PHE C 78 -13.97 8.72 35.47
C PHE C 78 -15.45 8.35 35.34
N LEU C 79 -16.35 9.35 35.43
CA LEU C 79 -17.81 9.15 35.25
C LEU C 79 -18.29 10.24 34.28
N SER C 80 -18.87 9.87 33.13
CA SER C 80 -19.29 10.82 32.11
C SER C 80 -20.65 11.39 32.47
N GLY C 81 -20.77 12.71 32.42
CA GLY C 81 -22.04 13.35 32.71
C GLY C 81 -21.84 14.83 32.92
N SER C 82 -22.97 15.53 33.08
CA SER C 82 -22.98 16.96 33.31
C SER C 82 -22.82 17.23 34.81
N LYS C 83 -23.06 18.47 35.21
CA LYS C 83 -22.88 18.87 36.61
C LYS C 83 -23.92 18.19 37.50
N GLN C 84 -23.47 17.24 38.31
CA GLN C 84 -24.30 16.60 39.33
C GLN C 84 -25.50 15.87 38.74
N GLN C 85 -25.41 15.46 37.48
CA GLN C 85 -26.48 14.65 36.90
C GLN C 85 -26.48 13.24 37.49
N LEU C 86 -25.30 12.61 37.54
CA LEU C 86 -25.21 11.27 38.12
C LEU C 86 -25.58 11.31 39.60
N SER C 87 -25.09 12.30 40.33
CA SER C 87 -25.48 12.49 41.72
C SER C 87 -25.11 11.31 42.60
N ARG C 88 -25.67 11.24 43.80
CA ARG C 88 -25.41 10.11 44.69
C ARG C 88 -26.22 8.89 44.27
N ASP C 89 -27.54 9.03 44.23
CA ASP C 89 -28.38 7.95 43.74
C ASP C 89 -28.23 7.82 42.23
N SER C 90 -28.92 6.82 41.67
CA SER C 90 -28.91 6.49 40.24
C SER C 90 -27.61 5.88 39.78
N LEU C 91 -26.59 5.78 40.63
CA LEU C 91 -25.38 5.03 40.31
C LEU C 91 -25.49 3.58 40.71
N LEU C 92 -26.19 3.29 41.81
CA LEU C 92 -26.45 1.90 42.16
C LEU C 92 -27.27 1.21 41.08
N SER C 93 -28.30 1.90 40.58
CA SER C 93 -29.02 1.45 39.41
C SER C 93 -28.30 1.93 38.15
N GLY C 94 -28.65 1.33 37.02
CA GLY C 94 -28.03 1.67 35.77
C GLY C 94 -28.62 2.86 35.04
N CYS C 95 -29.61 3.54 35.64
CA CYS C 95 -30.24 4.70 35.01
C CYS C 95 -29.36 5.93 35.23
N HIS C 96 -28.28 5.99 34.47
CA HIS C 96 -27.36 7.12 34.52
C HIS C 96 -26.58 7.15 33.22
N PRO C 97 -25.97 8.29 32.88
CA PRO C 97 -25.10 8.33 31.71
C PRO C 97 -23.89 7.42 31.90
N GLY C 98 -23.36 6.92 30.79
CA GLY C 98 -22.25 5.99 30.82
C GLY C 98 -21.00 6.54 31.49
N PHE C 99 -19.96 5.72 31.55
CA PHE C 99 -18.70 6.10 32.16
C PHE C 99 -17.82 6.85 31.17
N GLY C 100 -16.85 7.58 31.70
CA GLY C 100 -15.85 8.24 30.89
C GLY C 100 -14.84 7.24 30.37
N PRO C 101 -13.92 7.74 29.54
CA PRO C 101 -12.89 6.84 28.98
C PRO C 101 -12.07 6.14 30.06
N LEU C 102 -11.69 6.86 31.12
CA LEU C 102 -10.97 6.22 32.21
C LEU C 102 -11.83 5.18 32.90
N GLY C 103 -13.11 5.49 33.11
CA GLY C 103 -14.01 4.51 33.71
C GLY C 103 -14.18 3.29 32.83
N VAL C 104 -14.29 3.49 31.51
CA VAL C 104 -14.42 2.35 30.61
C VAL C 104 -13.17 1.49 30.64
N GLU C 105 -11.99 2.12 30.67
CA GLU C 105 -10.75 1.34 30.72
C GLU C 105 -10.62 0.60 32.05
N LEU C 106 -11.03 1.23 33.15
CA LEU C 106 -11.02 0.54 34.43
C LEU C 106 -11.95 -0.67 34.42
N ARG C 107 -13.14 -0.50 33.82
CA ARG C 107 -14.05 -1.62 33.68
C ARG C 107 -13.44 -2.73 32.84
N LYS C 108 -12.76 -2.37 31.76
CA LYS C 108 -12.13 -3.38 30.91
C LYS C 108 -11.05 -4.14 31.68
N ASN C 109 -10.23 -3.43 32.46
CA ASN C 109 -9.21 -4.09 33.26
C ASN C 109 -9.84 -5.02 34.30
N LEU C 110 -10.90 -4.56 34.95
CA LEU C 110 -11.56 -5.40 35.95
C LEU C 110 -12.15 -6.65 35.30
N ALA C 111 -12.76 -6.49 34.13
CA ALA C 111 -13.32 -7.65 33.43
C ALA C 111 -12.22 -8.61 33.01
N ALA C 112 -11.08 -8.08 32.57
CA ALA C 112 -9.96 -8.95 32.20
C ALA C 112 -9.45 -9.72 33.41
N GLU C 113 -9.36 -9.06 34.57
CA GLU C 113 -8.94 -9.76 35.78
C GLU C 113 -9.92 -10.85 36.16
N TRP C 114 -11.22 -10.55 36.08
CA TRP C 114 -12.23 -11.56 36.37
C TRP C 114 -12.12 -12.74 35.41
N TRP C 115 -11.92 -12.46 34.12
CA TRP C 115 -11.80 -13.53 33.14
C TRP C 115 -10.58 -14.39 33.42
N THR C 116 -9.46 -13.77 33.75
CA THR C 116 -8.24 -14.53 34.04
C THR C 116 -8.43 -15.39 35.29
N SER C 117 -9.08 -14.85 36.32
CA SER C 117 -9.20 -15.58 37.56
C SER C 117 -10.22 -16.71 37.47
N VAL C 118 -11.26 -16.55 36.66
CA VAL C 118 -12.39 -17.46 36.65
C VAL C 118 -12.35 -18.41 35.46
N VAL C 119 -11.95 -17.93 34.29
CA VAL C 119 -12.11 -18.71 33.06
C VAL C 119 -10.81 -19.44 32.70
N VAL C 120 -9.74 -18.70 32.47
CA VAL C 120 -8.55 -19.31 31.86
C VAL C 120 -7.82 -20.21 32.83
N PHE C 121 -7.85 -19.89 34.14
CA PHE C 121 -7.10 -20.64 35.13
C PHE C 121 -7.83 -21.88 35.64
N ARG C 122 -9.03 -22.16 35.12
CA ARG C 122 -9.82 -23.29 35.61
C ARG C 122 -9.83 -24.49 34.68
N GLU C 123 -9.50 -24.32 33.40
CA GLU C 123 -9.42 -25.39 32.40
C GLU C 123 -10.69 -26.26 32.30
N GLN C 124 -11.80 -25.81 32.89
CA GLN C 124 -13.07 -26.48 32.72
C GLN C 124 -14.23 -25.48 32.62
N VAL C 125 -13.94 -24.19 32.51
CA VAL C 125 -14.96 -23.15 32.33
C VAL C 125 -14.76 -22.56 30.95
N PHE C 126 -15.84 -22.45 30.18
CA PHE C 126 -15.78 -22.01 28.80
C PHE C 126 -16.67 -20.79 28.59
N PRO C 127 -16.36 -19.94 27.62
CA PRO C 127 -17.26 -18.82 27.33
C PRO C 127 -18.55 -19.28 26.69
N VAL C 128 -19.61 -18.51 26.90
CA VAL C 128 -20.92 -18.78 26.33
C VAL C 128 -21.48 -17.49 25.76
N ASP C 129 -22.20 -17.62 24.65
CA ASP C 129 -22.78 -16.49 23.92
C ASP C 129 -24.28 -16.48 24.19
N ALA C 130 -24.73 -15.50 24.97
CA ALA C 130 -26.15 -15.34 25.31
C ALA C 130 -26.65 -14.05 24.68
N LEU C 131 -27.74 -14.16 23.92
CA LEU C 131 -28.29 -13.00 23.23
C LEU C 131 -28.94 -12.05 24.21
N HIS C 132 -29.00 -10.77 23.82
CA HIS C 132 -29.61 -9.74 24.66
C HIS C 132 -31.13 -9.81 24.68
N HIS C 133 -31.74 -10.62 23.81
CA HIS C 133 -33.19 -10.71 23.69
C HIS C 133 -33.62 -12.16 23.70
N LYS C 134 -34.81 -12.40 24.25
CA LYS C 134 -35.43 -13.72 24.24
C LYS C 134 -36.74 -13.63 23.46
N PRO C 135 -36.84 -14.15 22.23
CA PRO C 135 -38.10 -14.00 21.48
C PRO C 135 -39.29 -14.63 22.19
N GLY C 136 -39.10 -15.79 22.81
CA GLY C 136 -40.13 -16.44 23.60
C GLY C 136 -41.49 -16.52 22.96
N PRO C 137 -41.63 -17.29 21.86
CA PRO C 137 -42.95 -17.65 21.36
C PRO C 137 -43.93 -18.02 22.45
N LEU C 138 -45.02 -17.24 22.57
CA LEU C 138 -46.03 -17.46 23.60
C LEU C 138 -45.39 -17.53 24.99
N LEU C 139 -44.68 -16.46 25.34
CA LEU C 139 -43.99 -16.41 26.62
C LEU C 139 -45.01 -16.43 27.75
N PRO C 140 -44.71 -17.08 28.88
CA PRO C 140 -45.65 -17.05 30.01
C PRO C 140 -45.85 -15.64 30.53
N GLY C 141 -47.04 -15.39 31.06
CA GLY C 141 -47.42 -14.07 31.54
C GLY C 141 -46.93 -13.70 32.92
N ASP C 142 -46.15 -14.56 33.57
CA ASP C 142 -45.63 -14.33 34.92
C ASP C 142 -44.13 -14.09 34.81
N SER C 143 -43.72 -12.82 34.81
CA SER C 143 -42.31 -12.46 34.77
C SER C 143 -42.20 -10.96 35.06
N ALA C 144 -40.96 -10.52 35.25
CA ALA C 144 -40.71 -9.10 35.51
C ALA C 144 -41.14 -8.25 34.33
N PHE C 145 -40.87 -8.71 33.11
CA PHE C 145 -41.28 -8.03 31.88
C PHE C 145 -40.69 -6.62 31.81
N ARG C 146 -39.36 -6.55 31.89
CA ARG C 146 -38.70 -5.26 31.78
C ARG C 146 -38.96 -4.63 30.42
N LEU C 147 -39.06 -5.46 29.37
CA LEU C 147 -39.33 -4.98 28.02
C LEU C 147 -40.32 -5.96 27.38
N VAL C 148 -41.60 -5.65 27.47
CA VAL C 148 -42.62 -6.56 26.94
C VAL C 148 -42.46 -6.72 25.44
N SER C 149 -42.17 -5.64 24.73
CA SER C 149 -41.94 -5.74 23.29
C SER C 149 -40.53 -6.24 23.01
N ALA C 150 -39.51 -5.50 23.47
CA ALA C 150 -38.08 -5.87 23.33
C ALA C 150 -37.73 -6.22 21.89
N GLU C 151 -38.51 -5.74 20.91
CA GLU C 151 -38.21 -5.96 19.47
C GLU C 151 -37.40 -4.75 19.00
N THR C 152 -37.24 -4.58 17.69
CA THR C 152 -36.44 -3.48 17.11
C THR C 152 -37.15 -2.17 17.47
N LEU C 153 -36.57 -1.37 18.37
CA LEU C 153 -37.15 -0.07 18.79
C LEU C 153 -38.52 -0.25 19.44
N ARG C 154 -39.08 0.81 20.02
CA ARG C 154 -40.41 0.83 20.63
C ARG C 154 -40.59 -0.30 21.63
N GLU C 155 -39.84 -0.18 22.73
CA GLU C 155 -40.02 -1.02 23.90
C GLU C 155 -41.10 -0.42 24.78
N ILE C 156 -42.12 -1.22 25.10
CA ILE C 156 -43.32 -0.72 25.77
C ILE C 156 -43.26 -0.99 27.28
N LEU C 157 -42.06 -1.17 27.83
CA LEU C 157 -41.88 -1.27 29.28
C LEU C 157 -42.57 -2.52 29.84
N GLN C 158 -43.30 -2.39 30.96
CA GLN C 158 -43.98 -3.51 31.59
C GLN C 158 -45.46 -3.59 31.25
N ASP C 159 -46.13 -2.44 31.12
CA ASP C 159 -47.55 -2.33 30.76
C ASP C 159 -48.42 -3.37 31.48
N LYS C 160 -48.45 -3.26 32.80
CA LYS C 160 -49.30 -4.14 33.60
C LYS C 160 -50.76 -3.92 33.25
N GLU C 161 -51.51 -5.02 33.20
CA GLU C 161 -52.94 -5.00 32.83
C GLU C 161 -53.04 -4.38 31.43
N LEU C 162 -54.08 -3.59 31.15
CA LEU C 162 -54.24 -2.92 29.86
C LEU C 162 -54.30 -3.95 28.72
N SER C 163 -54.10 -3.49 27.48
CA SER C 163 -54.17 -4.35 26.30
C SER C 163 -55.54 -5.01 26.17
N LYS C 164 -56.58 -4.34 26.67
CA LYS C 164 -57.93 -4.90 26.58
C LYS C 164 -58.52 -4.75 25.19
N GLU C 165 -58.20 -3.67 24.48
CA GLU C 165 -58.75 -3.45 23.16
C GLU C 165 -58.15 -4.45 22.16
N GLN C 166 -58.88 -4.67 21.06
CA GLN C 166 -58.41 -5.60 20.03
C GLN C 166 -57.11 -5.12 19.42
N LEU C 167 -56.98 -3.83 19.17
CA LEU C 167 -55.71 -3.27 18.70
C LEU C 167 -54.67 -3.38 19.81
N VAL C 168 -53.51 -3.91 19.46
CA VAL C 168 -52.45 -4.18 20.43
C VAL C 168 -52.95 -5.06 21.57
N ALA C 169 -53.73 -6.07 21.22
CA ALA C 169 -54.28 -7.01 22.20
C ALA C 169 -53.18 -8.01 22.59
N PHE C 170 -53.55 -9.05 23.32
CA PHE C 170 -52.59 -10.08 23.69
C PHE C 170 -52.04 -10.76 22.45
N LEU C 171 -52.88 -11.03 21.46
CA LEU C 171 -52.42 -11.56 20.19
C LEU C 171 -51.59 -10.50 19.46
N GLU C 172 -50.73 -10.99 18.56
CA GLU C 172 -49.80 -10.13 17.81
C GLU C 172 -48.88 -9.47 18.83
N ASN C 173 -48.80 -8.14 18.89
CA ASN C 173 -47.92 -7.50 19.86
C ASN C 173 -48.45 -7.69 21.29
N VAL C 174 -47.68 -7.19 22.25
CA VAL C 174 -48.07 -7.22 23.66
C VAL C 174 -48.20 -8.66 24.18
N LEU C 175 -48.50 -8.79 25.47
CA LEU C 175 -48.55 -10.09 26.14
C LEU C 175 -47.23 -10.84 26.03
N LYS C 176 -46.13 -10.09 25.92
CA LYS C 176 -44.79 -10.65 25.80
C LYS C 176 -44.64 -11.57 24.60
N THR C 177 -45.48 -11.40 23.58
CA THR C 177 -45.41 -12.27 22.41
C THR C 177 -44.23 -11.92 21.51
N SER C 178 -43.84 -10.65 21.49
CA SER C 178 -42.75 -10.23 20.62
C SER C 178 -41.40 -10.71 21.14
N GLY C 179 -41.18 -10.60 22.43
CA GLY C 179 -39.92 -10.98 23.04
C GLY C 179 -39.63 -10.11 24.23
N LYS C 180 -38.54 -10.46 24.92
CA LYS C 180 -38.14 -9.75 26.12
C LYS C 180 -36.64 -9.49 26.10
N LEU C 181 -36.24 -8.46 26.84
CA LEU C 181 -34.83 -8.10 27.01
C LEU C 181 -34.31 -8.72 28.30
N ARG C 182 -33.17 -9.38 28.21
CA ARG C 182 -32.67 -10.18 29.33
C ARG C 182 -32.42 -9.32 30.55
N GLU C 183 -32.68 -9.89 31.72
CA GLU C 183 -32.32 -9.29 33.00
C GLU C 183 -31.33 -10.13 33.80
N ASN C 184 -31.00 -11.34 33.33
CA ASN C 184 -29.98 -12.15 33.96
C ASN C 184 -29.32 -13.01 32.89
N LEU C 185 -28.09 -13.43 33.17
CA LEU C 185 -27.29 -14.20 32.23
C LEU C 185 -27.45 -15.70 32.41
N LEU C 186 -28.27 -16.15 33.36
CA LEU C 186 -28.38 -17.57 33.65
C LEU C 186 -29.06 -18.33 32.51
N HIS C 187 -30.07 -17.72 31.89
CA HIS C 187 -30.88 -18.43 30.92
C HIS C 187 -30.07 -18.87 29.71
N GLY C 188 -29.18 -18.00 29.23
CA GLY C 188 -28.34 -18.38 28.10
C GLY C 188 -27.45 -19.56 28.42
N ALA C 189 -26.87 -19.58 29.61
CA ALA C 189 -26.05 -20.71 30.02
C ALA C 189 -26.89 -21.98 30.10
N LEU C 190 -28.09 -21.88 30.66
CA LEU C 190 -28.96 -23.05 30.74
C LEU C 190 -29.32 -23.56 29.34
N GLU C 191 -29.44 -22.65 28.38
CA GLU C 191 -29.75 -23.07 27.01
C GLU C 191 -28.55 -23.73 26.35
N HIS C 192 -27.35 -23.22 26.59
CA HIS C 192 -26.14 -23.80 26.00
C HIS C 192 -25.61 -24.99 26.79
N TYR C 193 -26.29 -25.37 27.88
CA TYR C 193 -25.86 -26.47 28.74
C TYR C 193 -25.60 -27.75 27.94
N VAL C 194 -26.53 -28.12 27.07
CA VAL C 194 -26.42 -29.39 26.33
C VAL C 194 -25.20 -29.38 25.41
N ASN C 195 -25.07 -28.31 24.62
CA ASN C 195 -23.95 -28.21 23.69
C ASN C 195 -22.62 -28.20 24.46
N CYS C 196 -22.59 -27.56 25.62
CA CYS C 196 -21.34 -27.49 26.36
C CYS C 196 -20.98 -28.82 27.01
N LEU C 197 -21.97 -29.64 27.38
CA LEU C 197 -21.64 -31.01 27.74
C LEU C 197 -21.07 -31.76 26.54
N ASP C 198 -21.68 -31.58 25.37
CA ASP C 198 -21.17 -32.25 24.17
C ASP C 198 -19.72 -31.87 23.94
N LEU C 199 -19.36 -30.62 24.25
CA LEU C 199 -17.98 -30.18 24.12
C LEU C 199 -17.09 -30.80 25.19
N VAL C 200 -17.57 -30.84 26.44
CA VAL C 200 -16.77 -31.36 27.55
C VAL C 200 -16.71 -32.88 27.55
N ASN C 201 -17.53 -33.55 26.74
CA ASN C 201 -17.61 -35.01 26.69
C ASN C 201 -18.21 -35.58 27.98
N LYS C 202 -19.31 -34.95 28.42
CA LYS C 202 -20.18 -35.46 29.48
C LYS C 202 -19.54 -35.47 30.85
N ARG C 203 -18.39 -34.83 31.04
CA ARG C 203 -17.80 -34.72 32.36
C ARG C 203 -18.60 -33.69 33.16
N LEU C 204 -19.26 -34.16 34.22
CA LEU C 204 -20.30 -33.35 34.87
C LEU C 204 -19.79 -32.04 35.43
N PRO C 205 -18.72 -31.99 36.25
CA PRO C 205 -18.35 -30.72 36.87
C PRO C 205 -17.72 -29.75 35.89
N TYR C 206 -18.45 -28.71 35.50
CA TYR C 206 -17.90 -27.70 34.60
C TYR C 206 -18.78 -26.46 34.64
N GLY C 207 -18.25 -25.35 34.15
CA GLY C 207 -18.91 -24.07 34.26
C GLY C 207 -18.97 -23.34 32.92
N LEU C 208 -19.80 -22.31 32.89
CA LEU C 208 -19.95 -21.42 31.75
C LEU C 208 -19.94 -20.00 32.26
N ALA C 209 -19.04 -19.17 31.73
CA ALA C 209 -18.84 -17.82 32.20
C ALA C 209 -19.16 -16.83 31.08
N GLN C 210 -19.62 -15.64 31.48
CA GLN C 210 -19.90 -14.59 30.51
C GLN C 210 -20.01 -13.26 31.22
N ILE C 211 -19.45 -12.22 30.61
CA ILE C 211 -19.60 -10.85 31.06
C ILE C 211 -20.47 -10.13 30.05
N GLY C 212 -21.55 -9.51 30.53
CA GLY C 212 -22.46 -8.86 29.60
C GLY C 212 -23.41 -7.93 30.34
N VAL C 213 -24.14 -7.15 29.55
CA VAL C 213 -25.05 -6.16 30.09
C VAL C 213 -26.41 -6.81 30.30
N CYS C 214 -27.06 -6.43 31.40
CA CYS C 214 -28.41 -6.86 31.74
C CYS C 214 -29.26 -5.64 32.04
N PHE C 215 -30.55 -5.77 31.78
CA PHE C 215 -31.51 -4.67 31.88
C PHE C 215 -32.52 -4.98 32.97
N HIS C 216 -32.74 -4.04 33.86
CA HIS C 216 -33.66 -4.18 34.98
C HIS C 216 -34.61 -3.00 35.02
N PRO C 217 -35.77 -3.16 35.66
CA PRO C 217 -36.68 -2.02 35.84
C PRO C 217 -36.28 -1.18 37.03
N VAL C 218 -36.50 0.13 36.92
CA VAL C 218 -36.32 1.05 38.03
C VAL C 218 -37.67 1.65 38.40
N PHE C 219 -37.85 1.91 39.69
CA PHE C 219 -39.15 2.45 40.18
C PHE C 219 -38.87 3.63 41.12
N ASP C 220 -39.91 4.14 41.79
CA ASP C 220 -39.76 5.30 42.70
C ASP C 220 -38.96 6.36 41.94
N THR C 221 -38.04 7.06 42.63
CA THR C 221 -37.16 8.02 41.90
C THR C 221 -38.01 8.71 40.83
N LYS C 222 -39.09 9.38 41.24
CA LYS C 222 -40.03 9.95 40.23
C LYS C 222 -39.24 10.77 39.20
N GLN C 223 -39.46 10.49 37.91
CA GLN C 223 -38.79 11.28 36.84
C GLN C 223 -39.77 12.36 36.38
N ILE C 224 -40.95 11.95 35.89
CA ILE C 224 -41.98 12.95 35.52
C ILE C 224 -43.35 12.47 36.03
N ARG C 225 -43.95 13.20 36.98
CA ARG C 225 -45.33 12.83 37.42
C ARG C 225 -45.40 11.33 37.72
N ASN C 226 -46.35 10.62 37.09
CA ASN C 226 -46.48 9.15 37.30
C ASN C 226 -45.18 8.49 36.85
N GLY C 227 -44.70 7.49 37.61
CA GLY C 227 -43.39 6.87 37.29
C GLY C 227 -43.35 6.37 35.86
N VAL C 228 -42.29 6.70 35.12
CA VAL C 228 -42.17 6.30 33.69
C VAL C 228 -41.20 5.12 33.60
N LYS C 229 -40.52 4.79 34.71
CA LYS C 229 -39.62 3.64 34.75
C LYS C 229 -38.37 3.98 33.96
N SER C 230 -37.41 3.07 33.92
CA SER C 230 -36.18 3.29 33.16
C SER C 230 -35.46 1.96 33.03
N ILE C 231 -34.60 1.87 32.02
CA ILE C 231 -33.86 0.65 31.75
C ILE C 231 -32.54 0.74 32.51
N GLY C 232 -32.52 0.26 33.76
CA GLY C 232 -31.26 0.16 34.46
C GLY C 232 -30.35 -0.83 33.79
N GLU C 233 -29.22 -0.37 33.26
CA GLU C 233 -28.24 -1.23 32.60
C GLU C 233 -27.09 -1.52 33.54
N LYS C 234 -26.80 -2.80 33.75
CA LYS C 234 -25.73 -3.23 34.64
C LYS C 234 -24.84 -4.23 33.91
N THR C 235 -23.54 -3.97 33.88
CA THR C 235 -22.59 -4.92 33.32
C THR C 235 -22.26 -5.95 34.39
N GLU C 236 -22.77 -7.16 34.23
CA GLU C 236 -22.64 -8.22 35.22
C GLU C 236 -21.78 -9.34 34.66
N ALA C 237 -20.96 -9.92 35.53
CA ALA C 237 -20.17 -11.10 35.23
C ALA C 237 -20.82 -12.29 35.90
N SER C 238 -21.16 -13.32 35.11
CA SER C 238 -21.93 -14.45 35.57
C SER C 238 -21.19 -15.75 35.30
N LEU C 239 -21.25 -16.65 36.27
CA LEU C 239 -20.75 -18.01 36.13
C LEU C 239 -21.85 -18.97 36.52
N VAL C 240 -22.17 -19.90 35.63
CA VAL C 240 -23.14 -20.96 35.89
C VAL C 240 -22.36 -22.27 35.95
N TRP C 241 -22.34 -22.88 37.13
CA TRP C 241 -21.48 -24.02 37.42
C TRP C 241 -22.35 -25.26 37.65
N PHE C 242 -22.28 -26.23 36.73
CA PHE C 242 -23.06 -27.49 36.82
C PHE C 242 -22.19 -28.55 37.52
N THR C 243 -22.49 -28.89 38.78
CA THR C 243 -21.68 -29.85 39.57
C THR C 243 -22.60 -30.96 40.11
N PRO C 244 -22.14 -32.22 40.34
CA PRO C 244 -23.04 -33.29 40.73
C PRO C 244 -23.74 -32.90 42.04
N PRO C 245 -24.95 -33.40 42.33
CA PRO C 245 -25.67 -32.95 43.54
C PRO C 245 -24.93 -33.22 44.82
N ARG C 246 -24.19 -34.33 44.89
CA ARG C 246 -23.35 -34.59 46.05
C ARG C 246 -22.13 -33.68 46.00
N THR C 247 -21.76 -33.13 47.16
CA THR C 247 -20.69 -32.14 47.25
C THR C 247 -20.99 -30.86 46.47
N SER C 248 -22.28 -30.57 46.26
CA SER C 248 -22.64 -29.29 45.68
C SER C 248 -22.38 -28.15 46.67
N ASN C 249 -22.65 -28.39 47.95
CA ASN C 249 -22.37 -27.37 48.97
C ASN C 249 -20.87 -27.11 49.06
N GLN C 250 -20.06 -28.16 48.88
CA GLN C 250 -18.61 -27.96 48.89
C GLN C 250 -18.18 -27.04 47.76
N TRP C 251 -18.75 -27.23 46.57
CA TRP C 251 -18.45 -26.33 45.47
C TRP C 251 -18.94 -24.92 45.77
N LEU C 252 -20.09 -24.80 46.45
CA LEU C 252 -20.57 -23.47 46.84
C LEU C 252 -19.56 -22.77 47.73
N ASP C 253 -19.05 -23.48 48.75
CA ASP C 253 -18.07 -22.85 49.64
C ASP C 253 -16.78 -22.55 48.90
N PHE C 254 -16.36 -23.45 48.01
CA PHE C 254 -15.15 -23.22 47.22
C PHE C 254 -15.26 -21.94 46.42
N TRP C 255 -16.38 -21.77 45.70
CA TRP C 255 -16.56 -20.58 44.88
C TRP C 255 -16.72 -19.33 45.73
N LEU C 256 -17.41 -19.44 46.86
CA LEU C 256 -17.54 -18.28 47.75
C LEU C 256 -16.17 -17.82 48.24
N ARG C 257 -15.34 -18.77 48.67
CA ARG C 257 -14.01 -18.42 49.16
C ARG C 257 -13.18 -17.80 48.05
N HIS C 258 -13.20 -18.41 46.86
CA HIS C 258 -12.37 -17.90 45.77
C HIS C 258 -12.83 -16.51 45.34
N ARG C 259 -14.14 -16.30 45.24
CA ARG C 259 -14.65 -15.00 44.83
C ARG C 259 -14.33 -13.93 45.88
N LEU C 260 -14.48 -14.26 47.16
CA LEU C 260 -14.16 -13.29 48.20
C LEU C 260 -12.67 -12.95 48.19
N GLN C 261 -11.82 -13.95 48.00
CA GLN C 261 -10.39 -13.69 47.90
C GLN C 261 -10.06 -12.82 46.70
N TRP C 262 -10.71 -13.09 45.57
CA TRP C 262 -10.48 -12.27 44.37
C TRP C 262 -10.91 -10.83 44.59
N TRP C 263 -12.07 -10.63 45.23
CA TRP C 263 -12.56 -9.29 45.47
C TRP C 263 -11.68 -8.54 46.45
N ARG C 264 -11.12 -9.25 47.44
CA ARG C 264 -10.22 -8.63 48.40
C ARG C 264 -8.80 -8.47 47.87
N LYS C 265 -8.46 -9.13 46.76
CA LYS C 265 -7.08 -9.08 46.27
C LYS C 265 -6.68 -7.68 45.86
N PHE C 266 -7.55 -6.97 45.15
CA PHE C 266 -7.24 -5.63 44.67
C PHE C 266 -7.61 -4.54 45.65
N ALA C 267 -8.18 -4.89 46.80
CA ALA C 267 -8.68 -3.89 47.74
C ALA C 267 -7.53 -3.30 48.55
N MET C 268 -7.50 -1.98 48.64
CA MET C 268 -6.53 -1.33 49.53
C MET C 268 -6.83 -1.64 50.98
N SER C 269 -8.11 -1.73 51.34
CA SER C 269 -8.56 -2.06 52.69
C SER C 269 -9.52 -3.24 52.58
N PRO C 270 -9.00 -4.47 52.49
CA PRO C 270 -9.89 -5.62 52.27
C PRO C 270 -10.89 -5.86 53.38
N SER C 271 -10.72 -5.25 54.56
CA SER C 271 -11.68 -5.45 55.64
C SER C 271 -13.07 -4.97 55.25
N ASN C 272 -13.17 -4.00 54.35
CA ASN C 272 -14.48 -3.54 53.90
C ASN C 272 -15.25 -4.65 53.19
N PHE C 273 -14.58 -5.41 52.34
CA PHE C 273 -15.21 -6.56 51.70
C PHE C 273 -15.59 -7.59 52.75
N SER C 274 -16.81 -8.09 52.65
CA SER C 274 -17.36 -9.04 53.63
C SER C 274 -18.24 -10.04 52.90
N SER C 275 -18.88 -10.91 53.67
CA SER C 275 -19.78 -11.91 53.13
C SER C 275 -20.86 -12.19 54.16
N SER C 276 -22.00 -12.69 53.66
CA SER C 276 -23.11 -13.05 54.53
C SER C 276 -23.86 -14.21 53.90
N ASP C 277 -24.62 -14.93 54.73
CA ASP C 277 -25.39 -16.08 54.32
C ASP C 277 -26.88 -15.74 54.31
N CYS C 278 -27.60 -16.37 53.37
CA CYS C 278 -29.02 -16.14 53.23
C CYS C 278 -29.68 -17.43 52.75
N GLN C 279 -30.89 -17.66 53.22
CA GLN C 279 -31.66 -18.87 52.94
C GLN C 279 -32.94 -18.50 52.21
N ASP C 280 -33.30 -19.30 51.21
CA ASP C 280 -34.53 -19.12 50.46
C ASP C 280 -35.09 -20.50 50.11
N GLU C 281 -36.22 -20.50 49.40
CA GLU C 281 -36.89 -21.74 49.03
C GLU C 281 -36.52 -22.23 47.65
N GLU C 282 -36.14 -21.33 46.74
CA GLU C 282 -35.75 -21.75 45.40
C GLU C 282 -34.35 -22.38 45.40
N GLY C 283 -33.49 -21.98 46.32
CA GLY C 283 -32.16 -22.52 46.42
C GLY C 283 -31.87 -23.03 47.82
N ARG C 284 -30.98 -24.02 47.89
CA ARG C 284 -30.63 -24.61 49.18
C ARG C 284 -29.96 -23.57 50.09
N LYS C 285 -28.97 -22.85 49.55
CA LYS C 285 -28.21 -21.88 50.33
C LYS C 285 -27.78 -20.75 49.41
N GLY C 286 -27.45 -19.62 50.02
CA GLY C 286 -27.00 -18.46 49.26
C GLY C 286 -26.01 -17.64 50.05
N ASN C 287 -25.11 -16.99 49.32
CA ASN C 287 -24.13 -16.08 49.89
C ASN C 287 -24.19 -14.74 49.18
N LYS C 288 -23.83 -13.69 49.90
CA LYS C 288 -23.89 -12.32 49.37
C LYS C 288 -22.67 -11.54 49.81
N LEU C 289 -22.09 -10.79 48.88
CA LEU C 289 -20.94 -9.94 49.13
C LEU C 289 -21.34 -8.49 48.94
N TYR C 290 -20.99 -7.65 49.92
CA TYR C 290 -21.59 -6.33 50.12
C TYR C 290 -20.62 -5.17 50.00
N TYR C 291 -19.40 -5.32 50.53
CA TYR C 291 -18.33 -4.33 50.57
C TYR C 291 -18.54 -3.21 51.59
N ASN C 292 -19.74 -3.06 52.15
CA ASN C 292 -19.98 -2.05 53.17
C ASN C 292 -19.54 -0.65 52.68
N PHE C 293 -20.29 -0.15 51.69
CA PHE C 293 -20.06 1.21 51.20
C PHE C 293 -20.16 2.19 52.37
N PRO C 294 -19.56 3.38 52.25
CA PRO C 294 -19.54 4.30 53.40
C PRO C 294 -20.92 4.67 53.92
N TRP C 295 -21.90 4.79 53.03
CA TRP C 295 -23.27 5.04 53.48
C TRP C 295 -23.91 3.79 54.06
N GLY C 296 -23.49 2.60 53.62
CA GLY C 296 -24.09 1.37 54.09
C GLY C 296 -23.60 0.19 53.27
N LYS C 297 -24.26 -0.95 53.50
CA LYS C 297 -23.89 -2.19 52.81
C LYS C 297 -24.76 -2.35 51.57
N GLU C 298 -24.16 -2.09 50.41
CA GLU C 298 -24.77 -2.44 49.14
C GLU C 298 -24.49 -3.91 48.88
N LEU C 299 -24.82 -4.39 47.68
CA LEU C 299 -24.66 -5.80 47.31
C LEU C 299 -23.88 -5.86 46.01
N ILE C 300 -22.67 -6.43 46.05
CA ILE C 300 -21.80 -6.45 44.88
C ILE C 300 -21.79 -7.82 44.23
N GLU C 301 -22.08 -8.88 44.98
CA GLU C 301 -22.10 -10.21 44.37
C GLU C 301 -23.08 -11.11 45.09
N THR C 302 -23.62 -12.08 44.34
CA THR C 302 -24.57 -13.05 44.86
C THR C 302 -24.23 -14.44 44.34
N LEU C 303 -24.23 -15.42 45.23
CA LEU C 303 -24.02 -16.82 44.91
C LEU C 303 -25.24 -17.60 45.37
N TRP C 304 -25.82 -18.39 44.46
CA TRP C 304 -27.02 -19.15 44.74
C TRP C 304 -26.82 -20.61 44.35
N ASN C 305 -27.13 -21.52 45.27
CA ASN C 305 -27.21 -22.95 44.99
C ASN C 305 -28.65 -23.26 44.58
N LEU C 306 -28.98 -22.85 43.36
CA LEU C 306 -30.37 -22.86 42.91
C LEU C 306 -30.93 -24.28 42.86
N GLY C 307 -30.14 -25.24 42.39
CA GLY C 307 -30.55 -26.66 42.35
C GLY C 307 -30.85 -27.14 40.94
N ASP C 308 -31.00 -28.45 40.75
CA ASP C 308 -31.28 -29.06 39.42
C ASP C 308 -32.69 -28.70 38.96
N HIS C 309 -33.56 -28.19 39.84
CA HIS C 309 -34.98 -27.94 39.52
C HIS C 309 -35.17 -27.02 38.30
N GLU C 310 -34.36 -25.97 38.17
CA GLU C 310 -34.49 -24.99 37.06
C GLU C 310 -34.12 -25.70 35.75
N LEU C 311 -33.08 -26.53 35.77
CA LEU C 311 -32.65 -27.30 34.57
C LEU C 311 -33.80 -28.21 34.15
N LEU C 312 -34.60 -28.71 35.10
CA LEU C 312 -35.70 -29.62 34.80
C LEU C 312 -36.83 -28.89 34.09
N HIS C 313 -37.12 -27.65 34.50
CA HIS C 313 -38.19 -26.90 33.86
C HIS C 313 -37.90 -26.70 32.37
N MET C 314 -36.67 -26.33 32.04
CA MET C 314 -36.25 -26.35 30.65
C MET C 314 -36.11 -27.79 30.18
N TYR C 315 -36.35 -28.00 28.89
CA TYR C 315 -36.37 -29.33 28.29
C TYR C 315 -37.33 -30.26 29.04
N PRO C 316 -38.58 -29.85 29.22
CA PRO C 316 -39.51 -30.68 30.01
C PRO C 316 -39.73 -32.06 29.41
N GLY C 317 -39.73 -32.17 28.08
CA GLY C 317 -39.91 -33.46 27.44
C GLY C 317 -38.64 -34.28 27.42
N ASN C 318 -38.80 -35.56 27.11
CA ASN C 318 -37.69 -36.49 27.00
C ASN C 318 -37.01 -36.73 28.35
N VAL C 319 -36.21 -37.78 28.43
CA VAL C 319 -35.48 -38.13 29.65
C VAL C 319 -34.09 -38.60 29.25
N SER C 320 -33.19 -38.60 30.24
CA SER C 320 -31.81 -39.05 30.06
C SER C 320 -31.13 -38.25 28.95
N LYS C 321 -31.35 -36.94 28.95
CA LYS C 321 -30.73 -36.02 28.02
C LYS C 321 -29.97 -34.92 28.71
N LEU C 322 -30.44 -34.45 29.86
CA LEU C 322 -29.80 -33.38 30.62
C LEU C 322 -28.95 -33.91 31.77
N HIS C 323 -28.74 -35.22 31.86
CA HIS C 323 -27.86 -35.80 32.85
C HIS C 323 -26.49 -36.07 32.24
N GLY C 324 -25.46 -36.03 33.10
CA GLY C 324 -24.09 -36.25 32.67
C GLY C 324 -23.37 -37.22 33.60
N ARG C 325 -22.14 -37.53 33.22
CA ARG C 325 -21.34 -38.54 33.91
C ARG C 325 -20.51 -37.89 35.01
N ASP C 326 -20.77 -38.30 36.26
CA ASP C 326 -19.93 -37.98 37.40
C ASP C 326 -19.57 -39.29 38.10
N GLY C 327 -18.27 -39.54 38.27
CA GLY C 327 -17.84 -40.76 38.92
C GLY C 327 -18.33 -42.01 38.23
N ARG C 328 -18.36 -42.00 36.89
CA ARG C 328 -18.88 -43.11 36.10
C ARG C 328 -20.32 -43.44 36.49
N LYS C 329 -21.10 -42.40 36.80
CA LYS C 329 -22.51 -42.54 37.14
C LYS C 329 -23.28 -41.39 36.52
N ASN C 330 -24.44 -41.70 35.93
CA ASN C 330 -25.25 -40.68 35.29
C ASN C 330 -26.11 -39.97 36.34
N VAL C 331 -26.02 -38.64 36.36
CA VAL C 331 -26.75 -37.84 37.34
C VAL C 331 -27.18 -36.53 36.69
N VAL C 332 -28.33 -36.03 37.11
CA VAL C 332 -28.82 -34.73 36.66
C VAL C 332 -28.09 -33.66 37.46
N PRO C 333 -27.40 -32.72 36.83
CA PRO C 333 -26.54 -31.82 37.61
C PRO C 333 -27.32 -30.81 38.43
N CYS C 334 -26.67 -30.34 39.49
CA CYS C 334 -27.10 -29.19 40.26
C CYS C 334 -26.31 -27.97 39.82
N VAL C 335 -27.00 -26.84 39.67
CA VAL C 335 -26.42 -25.63 39.11
C VAL C 335 -26.25 -24.60 40.22
N LEU C 336 -25.10 -23.93 40.22
CA LEU C 336 -24.87 -22.75 41.03
C LEU C 336 -24.72 -21.53 40.14
N SER C 337 -25.32 -20.42 40.57
CA SER C 337 -25.27 -19.16 39.85
C SER C 337 -24.45 -18.17 40.66
N VAL C 338 -23.34 -17.70 40.08
CA VAL C 338 -22.54 -16.63 40.65
C VAL C 338 -22.76 -15.41 39.76
N ASN C 339 -23.12 -14.28 40.38
CA ASN C 339 -23.46 -13.07 39.64
C ASN C 339 -22.83 -11.88 40.36
N GLY C 340 -21.88 -11.23 39.71
CA GLY C 340 -21.21 -10.06 40.27
C GLY C 340 -21.46 -8.84 39.42
N ASP C 341 -21.61 -7.69 40.08
CA ASP C 341 -21.90 -6.42 39.41
C ASP C 341 -20.58 -5.71 39.15
N LEU C 342 -20.12 -5.75 37.90
CA LEU C 342 -18.85 -5.11 37.57
C LEU C 342 -18.94 -3.59 37.67
N ASP C 343 -20.11 -3.01 37.38
CA ASP C 343 -20.26 -1.58 37.56
C ASP C 343 -20.15 -1.21 39.04
N ARG C 344 -20.90 -1.91 39.89
CA ARG C 344 -20.82 -1.65 41.32
C ARG C 344 -19.45 -2.05 41.86
N GLY C 345 -18.83 -3.07 41.28
CA GLY C 345 -17.48 -3.42 41.69
C GLY C 345 -16.48 -2.32 41.39
N MET C 346 -16.60 -1.72 40.20
CA MET C 346 -15.75 -0.58 39.86
C MET C 346 -16.00 0.57 40.82
N LEU C 347 -17.26 0.85 41.13
CA LEU C 347 -17.57 1.91 42.08
C LEU C 347 -16.95 1.61 43.44
N ALA C 348 -17.03 0.37 43.89
CA ALA C 348 -16.47 -0.01 45.18
C ALA C 348 -14.95 0.16 45.20
N TYR C 349 -14.26 -0.32 44.15
CA TYR C 349 -12.81 -0.20 44.12
C TYR C 349 -12.39 1.26 44.04
N LEU C 350 -13.11 2.06 43.26
CA LEU C 350 -12.77 3.47 43.16
C LEU C 350 -13.01 4.16 44.50
N TYR C 351 -14.05 3.77 45.23
CA TYR C 351 -14.32 4.35 46.54
C TYR C 351 -13.21 3.98 47.52
N ASP C 352 -12.82 2.71 47.58
CA ASP C 352 -11.82 2.31 48.57
C ASP C 352 -10.46 2.89 48.22
N SER C 353 -10.19 3.11 46.93
CA SER C 353 -8.94 3.74 46.54
C SER C 353 -8.81 5.15 47.10
N PHE C 354 -9.93 5.82 47.36
CA PHE C 354 -9.90 7.14 47.95
C PHE C 354 -9.42 7.09 49.39
N GLN C 355 -8.82 8.18 49.84
CA GLN C 355 -8.36 8.30 51.22
C GLN C 355 -8.65 9.69 51.77
N HIS C 368 -3.14 15.01 53.19
CA HIS C 368 -4.51 14.67 52.81
C HIS C 368 -4.77 15.06 51.36
N ARG C 369 -3.78 14.82 50.50
CA ARG C 369 -3.92 15.15 49.09
C ARG C 369 -4.95 14.25 48.43
N LYS C 370 -5.59 14.78 47.39
CA LYS C 370 -6.61 14.04 46.64
C LYS C 370 -5.93 13.09 45.68
N VAL C 371 -5.87 11.82 46.04
CA VAL C 371 -5.22 10.79 45.24
C VAL C 371 -6.08 9.54 45.25
N LEU C 372 -6.19 8.89 44.08
CA LEU C 372 -6.92 7.64 43.95
C LEU C 372 -5.91 6.51 43.85
N LYS C 373 -5.79 5.73 44.92
CA LYS C 373 -4.79 4.66 45.00
C LYS C 373 -5.40 3.35 44.49
N LEU C 374 -5.68 3.32 43.19
CA LEU C 374 -6.14 2.11 42.56
C LEU C 374 -5.03 1.07 42.51
N HIS C 375 -5.42 -0.19 42.41
CA HIS C 375 -4.45 -1.26 42.33
C HIS C 375 -3.66 -1.15 41.02
N PRO C 376 -2.37 -1.51 41.01
CA PRO C 376 -1.61 -1.44 39.76
C PRO C 376 -2.19 -2.29 38.64
N CYS C 377 -2.84 -3.42 38.97
CA CYS C 377 -3.43 -4.26 37.95
C CYS C 377 -4.76 -3.73 37.43
N LEU C 378 -5.36 -2.74 38.10
CA LEU C 378 -6.65 -2.19 37.71
C LEU C 378 -6.58 -0.75 37.23
N ALA C 379 -5.47 -0.05 37.44
CA ALA C 379 -5.41 1.36 37.09
C ALA C 379 -5.57 1.53 35.58
N PRO C 380 -6.39 2.48 35.11
CA PRO C 380 -6.58 2.59 33.66
C PRO C 380 -5.31 3.00 32.92
N ILE C 381 -4.50 3.88 33.51
CA ILE C 381 -3.28 4.37 32.89
C ILE C 381 -2.10 3.98 33.78
N LYS C 382 -1.11 3.33 33.18
CA LYS C 382 0.01 2.81 33.95
C LYS C 382 1.07 3.89 34.17
N VAL C 383 1.61 4.44 33.08
CA VAL C 383 2.67 5.44 33.11
C VAL C 383 2.26 6.62 32.24
N ALA C 384 2.95 7.73 32.42
CA ALA C 384 2.69 8.93 31.64
C ALA C 384 4.00 9.61 31.28
N LEU C 385 4.09 10.11 30.05
CA LEU C 385 5.27 10.77 29.54
C LEU C 385 5.06 12.28 29.49
N ASP C 386 6.13 13.03 29.75
CA ASP C 386 6.08 14.48 29.75
C ASP C 386 7.47 15.02 29.47
N VAL C 387 7.51 16.30 29.10
CA VAL C 387 8.76 17.00 28.79
C VAL C 387 8.94 18.14 29.79
N GLY C 388 10.11 18.19 30.40
CA GLY C 388 10.44 19.24 31.34
C GLY C 388 11.44 20.23 30.77
N ARG C 389 10.95 21.41 30.37
CA ARG C 389 11.80 22.46 29.84
C ARG C 389 12.55 21.94 28.61
N GLY C 390 13.67 22.58 28.25
CA GLY C 390 14.47 22.14 27.13
C GLY C 390 13.88 22.58 25.81
N PRO C 391 14.59 22.29 24.71
CA PRO C 391 14.07 22.68 23.39
C PRO C 391 12.82 21.91 23.04
N THR C 392 11.92 22.59 22.31
CA THR C 392 10.70 21.93 21.87
C THR C 392 11.01 20.77 20.93
N LEU C 393 11.94 20.97 19.99
CA LEU C 393 12.33 19.93 19.08
C LEU C 393 13.43 19.07 19.72
N GLU C 394 13.88 18.05 18.98
CA GLU C 394 14.84 17.03 19.44
C GLU C 394 14.47 16.43 20.79
N LEU C 395 13.20 16.52 21.19
CA LEU C 395 12.68 15.84 22.37
C LEU C 395 11.45 15.01 22.07
N ARG C 396 10.65 15.40 21.08
CA ARG C 396 9.50 14.59 20.70
C ARG C 396 9.94 13.26 20.11
N GLN C 397 11.15 13.18 19.54
CA GLN C 397 11.62 11.92 18.98
C GLN C 397 11.81 10.87 20.06
N VAL C 398 12.51 11.23 21.14
CA VAL C 398 12.75 10.26 22.21
C VAL C 398 11.44 9.87 22.89
N CYS C 399 10.57 10.85 23.13
CA CYS C 399 9.28 10.55 23.75
C CYS C 399 8.46 9.62 22.87
N GLN C 400 8.43 9.89 21.56
CA GLN C 400 7.68 9.04 20.64
C GLN C 400 8.26 7.63 20.60
N GLY C 401 9.59 7.50 20.60
CA GLY C 401 10.19 6.19 20.63
C GLY C 401 9.85 5.42 21.89
N LEU C 402 9.95 6.08 23.05
CA LEU C 402 9.59 5.43 24.29
C LEU C 402 8.11 5.04 24.31
N PHE C 403 7.25 5.91 23.79
CA PHE C 403 5.82 5.61 23.72
C PHE C 403 5.57 4.38 22.86
N ASN C 404 6.21 4.32 21.69
CA ASN C 404 6.03 3.17 20.81
C ASN C 404 6.55 1.90 21.47
N GLU C 405 7.69 1.97 22.14
CA GLU C 405 8.23 0.78 22.81
C GLU C 405 7.30 0.30 23.91
N LEU C 406 6.80 1.23 24.73
CA LEU C 406 5.90 0.84 25.82
C LEU C 406 4.63 0.20 25.28
N LEU C 407 4.04 0.80 24.24
CA LEU C 407 2.83 0.20 23.68
C LEU C 407 3.12 -1.14 23.01
N GLU C 408 4.29 -1.29 22.39
CA GLU C 408 4.66 -2.58 21.83
C GLU C 408 4.80 -3.63 22.93
N ASN C 409 5.17 -3.21 24.14
CA ASN C 409 5.27 -4.13 25.27
C ASN C 409 3.98 -4.24 26.07
N GLY C 410 2.91 -3.56 25.64
CA GLY C 410 1.61 -3.77 26.25
C GLY C 410 1.32 -2.97 27.50
N ILE C 411 2.03 -1.87 27.71
CA ILE C 411 1.82 -1.00 28.86
C ILE C 411 1.09 0.24 28.37
N SER C 412 -0.06 0.53 28.95
CA SER C 412 -0.81 1.73 28.58
C SER C 412 -0.07 2.96 29.09
N VAL C 413 0.11 3.94 28.22
CA VAL C 413 0.85 5.16 28.53
C VAL C 413 0.03 6.37 28.07
N TRP C 414 -0.04 7.38 28.92
CA TRP C 414 -0.75 8.61 28.60
C TRP C 414 0.22 9.55 27.88
N PRO C 415 0.01 9.87 26.60
CA PRO C 415 0.98 10.76 25.92
C PRO C 415 0.79 12.23 26.28
N GLY C 416 1.33 12.61 27.43
CA GLY C 416 1.32 13.99 27.89
C GLY C 416 2.44 14.84 27.35
N TYR C 417 3.36 14.27 26.58
CA TYR C 417 4.48 15.05 26.05
C TYR C 417 4.01 16.08 25.03
N LEU C 418 3.00 15.75 24.23
CA LEU C 418 2.51 16.66 23.21
C LEU C 418 1.64 17.77 23.79
N GLU C 419 1.30 17.72 25.08
CA GLU C 419 0.54 18.79 25.70
C GLU C 419 1.31 20.09 25.62
N THR C 420 0.61 21.17 25.28
CA THR C 420 1.20 22.49 25.12
C THR C 420 0.89 23.34 26.35
N MET C 421 1.24 24.63 26.27
CA MET C 421 0.92 25.67 27.26
C MET C 421 1.77 25.55 28.53
N GLN C 422 2.52 24.46 28.67
CA GLN C 422 3.44 24.27 29.80
C GLN C 422 2.74 24.51 31.14
N SER C 423 1.80 23.62 31.45
CA SER C 423 1.06 23.70 32.69
C SER C 423 2.02 23.63 33.89
N SER C 424 1.55 24.14 35.02
CA SER C 424 2.36 24.17 36.23
C SER C 424 2.77 22.77 36.65
N LEU C 425 4.01 22.63 37.10
CA LEU C 425 4.54 21.31 37.46
C LEU C 425 3.76 20.71 38.63
N GLU C 426 3.51 21.51 39.66
CA GLU C 426 2.75 21.01 40.80
C GLU C 426 1.32 20.66 40.40
N GLN C 427 0.68 21.52 39.61
CA GLN C 427 -0.66 21.22 39.13
C GLN C 427 -0.66 19.99 38.24
N LEU C 428 0.38 19.84 37.41
CA LEU C 428 0.49 18.65 36.57
C LEU C 428 0.57 17.39 37.44
N TYR C 429 1.40 17.42 38.48
CA TYR C 429 1.53 16.24 39.34
C TYR C 429 0.22 15.95 40.06
N SER C 430 -0.47 16.99 40.52
CA SER C 430 -1.75 16.78 41.21
C SER C 430 -2.77 16.15 40.26
N LYS C 431 -2.86 16.67 39.04
CA LYS C 431 -3.78 16.09 38.06
C LYS C 431 -3.41 14.65 37.75
N TYR C 432 -2.13 14.38 37.58
CA TYR C 432 -1.69 13.03 37.24
C TYR C 432 -1.98 12.05 38.37
N ASP C 433 -1.86 12.51 39.62
CA ASP C 433 -2.20 11.66 40.76
C ASP C 433 -3.69 11.41 40.83
N GLU C 434 -4.51 12.46 40.58
CA GLU C 434 -5.95 12.28 40.59
C GLU C 434 -6.42 11.28 39.53
N MET C 435 -5.65 11.11 38.47
CA MET C 435 -5.99 10.15 37.42
C MET C 435 -5.49 8.75 37.73
N SER C 436 -4.80 8.54 38.84
CA SER C 436 -4.32 7.23 39.26
C SER C 436 -3.35 6.64 38.24
N ILE C 437 -2.24 7.34 38.07
CA ILE C 437 -1.15 6.89 37.20
C ILE C 437 -0.05 6.35 38.09
N LEU C 438 0.43 5.15 37.77
CA LEU C 438 1.36 4.46 38.66
C LEU C 438 2.66 5.23 38.81
N PHE C 439 3.22 5.71 37.70
CA PHE C 439 4.49 6.42 37.70
C PHE C 439 4.43 7.57 36.71
N THR C 440 4.99 8.71 37.11
CA THR C 440 5.10 9.88 36.25
C THR C 440 6.54 9.95 35.73
N VAL C 441 6.69 9.96 34.41
CA VAL C 441 7.98 9.96 33.75
C VAL C 441 8.19 11.32 33.10
N LEU C 442 9.29 11.98 33.46
CA LEU C 442 9.64 13.28 32.91
C LEU C 442 10.98 13.17 32.19
N VAL C 443 11.04 13.77 31.00
CA VAL C 443 12.19 13.70 30.11
C VAL C 443 12.74 15.11 29.94
N THR C 444 14.05 15.25 30.14
CA THR C 444 14.73 16.55 30.05
C THR C 444 15.96 16.39 29.17
N GLU C 445 16.73 17.48 29.06
CA GLU C 445 17.98 17.43 28.30
C GLU C 445 18.96 16.42 28.85
N THR C 446 18.86 16.09 30.14
CA THR C 446 19.74 15.07 30.72
C THR C 446 19.55 13.72 30.03
N THR C 447 18.36 13.45 29.49
CA THR C 447 18.17 12.26 28.68
C THR C 447 19.02 12.32 27.41
N LEU C 448 19.04 13.48 26.75
CA LEU C 448 19.88 13.63 25.58
C LEU C 448 21.35 13.50 25.93
N GLU C 449 21.72 13.90 27.15
CA GLU C 449 23.11 13.80 27.56
C GLU C 449 23.50 12.34 27.82
N ASN C 450 22.76 11.67 28.72
CA ASN C 450 23.12 10.32 29.14
C ASN C 450 21.92 9.39 29.29
N GLY C 451 20.76 9.76 28.79
CA GLY C 451 19.61 8.87 28.81
C GLY C 451 19.10 8.53 30.19
N LEU C 452 18.97 9.53 31.06
CA LEU C 452 18.46 9.33 32.46
C LEU C 452 17.17 10.14 32.63
N ILE C 453 16.01 9.49 32.54
CA ILE C 453 14.68 10.15 32.72
C ILE C 453 14.43 10.38 34.22
N HIS C 454 13.43 11.17 34.60
CA HIS C 454 13.03 11.34 36.02
C HIS C 454 11.85 10.38 36.23
N LEU C 455 11.61 9.90 37.45
CA LEU C 455 10.50 8.99 37.71
C LEU C 455 9.94 9.29 39.09
N ARG C 456 8.64 9.54 39.17
CA ARG C 456 7.96 9.81 40.43
C ARG C 456 6.93 8.70 40.67
N SER C 457 6.91 8.18 41.89
CA SER C 457 5.94 7.17 42.27
C SER C 457 4.63 7.82 42.66
N ARG C 458 3.53 7.09 42.46
CA ARG C 458 2.21 7.64 42.69
C ARG C 458 1.95 7.85 44.18
N ASP C 459 2.34 6.88 45.01
CA ASP C 459 1.97 6.86 46.42
C ASP C 459 3.13 7.26 47.34
N THR C 460 4.34 6.82 47.04
CA THR C 460 5.48 7.18 47.88
C THR C 460 5.97 8.60 47.64
N THR C 461 5.68 9.16 46.46
CA THR C 461 6.13 10.50 46.05
C THR C 461 7.61 10.76 46.38
N MET C 462 8.44 9.80 46.02
CA MET C 462 9.88 9.99 45.88
C MET C 462 10.24 10.08 44.41
N LYS C 463 11.01 11.11 44.06
CA LYS C 463 11.51 11.28 42.69
C LYS C 463 12.91 10.69 42.59
N GLU C 464 13.13 9.88 41.56
CA GLU C 464 14.41 9.22 41.36
C GLU C 464 14.81 9.26 39.90
N MET C 465 16.11 9.21 39.66
CA MET C 465 16.65 9.17 38.31
C MET C 465 16.83 7.71 37.90
N MET C 466 16.50 7.39 36.65
CA MET C 466 16.68 6.02 36.22
C MET C 466 16.86 5.98 34.70
N HIS C 467 17.45 4.89 34.23
CA HIS C 467 17.84 4.80 32.82
C HIS C 467 16.63 4.59 31.93
N ILE C 468 16.63 5.28 30.79
CA ILE C 468 15.47 5.23 29.88
C ILE C 468 15.30 3.83 29.32
N SER C 469 16.41 3.13 29.05
CA SER C 469 16.32 1.81 28.43
C SER C 469 15.63 0.80 29.31
N LYS C 470 15.81 0.91 30.64
CA LYS C 470 15.29 -0.08 31.58
C LYS C 470 13.90 0.27 32.12
N LEU C 471 13.27 1.33 31.62
CA LEU C 471 11.97 1.74 32.14
C LEU C 471 10.92 0.66 31.92
N LYS C 472 10.91 0.05 30.73
CA LYS C 472 9.94 -1.00 30.44
C LYS C 472 10.12 -2.18 31.38
N ASP C 473 11.37 -2.60 31.61
CA ASP C 473 11.62 -3.73 32.49
C ASP C 473 11.15 -3.41 33.91
N PHE C 474 11.45 -2.20 34.39
CA PHE C 474 11.02 -1.83 35.74
C PHE C 474 9.50 -1.83 35.84
N LEU C 475 8.82 -1.30 34.83
CA LEU C 475 7.36 -1.22 34.88
C LEU C 475 6.74 -2.62 34.87
N ILE C 476 7.20 -3.50 33.99
CA ILE C 476 6.62 -4.84 33.94
C ILE C 476 6.94 -5.59 35.22
N LYS C 477 8.13 -5.42 35.77
CA LYS C 477 8.46 -6.05 37.05
C LYS C 477 7.56 -5.54 38.16
N TYR C 478 7.29 -4.24 38.17
CA TYR C 478 6.40 -3.67 39.18
C TYR C 478 4.99 -4.24 39.06
N ILE C 479 4.49 -4.36 37.83
CA ILE C 479 3.16 -4.91 37.62
C ILE C 479 3.11 -6.36 38.10
N SER C 480 4.12 -7.15 37.74
CA SER C 480 4.14 -8.55 38.17
C SER C 480 4.21 -8.67 39.68
N SER C 481 5.03 -7.83 40.33
CA SER C 481 5.14 -7.87 41.79
C SER C 481 3.81 -7.48 42.43
N ALA C 482 3.13 -6.47 41.89
CA ALA C 482 1.83 -6.10 42.42
C ALA C 482 0.82 -7.23 42.26
N LYS C 483 0.85 -7.92 41.12
CA LYS C 483 -0.08 -9.03 40.91
C LYS C 483 0.14 -10.12 41.94
N ASN C 484 1.40 -10.49 42.19
CA ASN C 484 1.69 -11.53 43.17
C ASN C 484 1.48 -10.98 44.58
N VAL C 485 0.97 -11.84 45.46
CA VAL C 485 0.72 -11.47 46.86
C VAL C 485 1.98 -11.68 47.69
#